data_9FFZ
#
_entry.id   9FFZ
#
_cell.length_a   1.00
_cell.length_b   1.00
_cell.length_c   1.00
_cell.angle_alpha   90.00
_cell.angle_beta   90.00
_cell.angle_gamma   90.00
#
_symmetry.space_group_name_H-M   'P 1'
#
loop_
_entity.id
_entity.type
_entity.pdbx_description
1 polymer 'Gamma-aminobutyric acid receptor subunit alpha-1'
2 polymer 'Gamma-aminobutyric acid receptor subunit beta-3'
3 polymer 'Isoform 1 of Gamma-aminobutyric acid receptor subunit gamma-2'
4 polymer Nanobody38
5 branched alpha-D-mannopyranose-(1-2)-alpha-D-mannopyranose-(1-2)-alpha-D-mannopyranose-(1-3)-[alpha-D-mannopyranose-(1-2)-alpha-D-mannopyranose-(1-6)-[alpha-D-mannopyranose-(1-3)]alpha-D-mannopyranose-(1-6)]beta-D-mannopyranose-(1-4)-2-acetamido-2-deoxy-beta-D-glucopyranose-(1-4)-2-acetamido-2-deoxy-beta-D-glucopyranose
6 branched 2-acetamido-2-deoxy-beta-D-glucopyranose-(1-4)-2-acetamido-2-deoxy-beta-D-glucopyranose
7 branched alpha-D-mannopyranose-(1-3)-alpha-D-mannopyranose-(1-6)-[alpha-D-mannopyranose-(1-3)]beta-D-mannopyranose-(1-4)-2-acetamido-2-deoxy-beta-D-glucopyranose-(1-4)-2-acetamido-2-deoxy-beta-D-glucopyranose
8 branched alpha-D-mannopyranose-(1-3)-[alpha-D-mannopyranose-(1-6)]beta-D-mannopyranose-(1-4)-2-acetamido-2-deoxy-beta-D-glucopyranose-(1-4)-2-acetamido-2-deoxy-beta-D-glucopyranose
9 non-polymer 'GAMMA-AMINO-BUTANOIC ACID'
10 non-polymer '(19S,22R,25R)-22,25,26-trihydroxy-16,22-dioxo-17,21,23-trioxa-22lambda~5~-phosphahexacosan-19-yl (9E)-octadec-9-enoate'
11 non-polymer CHOLESTEROL
#
loop_
_entity_poly.entity_id
_entity_poly.type
_entity_poly.pdbx_seq_one_letter_code
_entity_poly.pdbx_strand_id
1 'polypeptide(L)'
;MDEKTTGWRGGHVVEGLAGELEQLRARLEHHPQGQREPDYDIPTTENLYFQGTGQPSQDELKDNTTVFTRILDRLLDGYD
NRLRPGLGERVTEVKTDIFVTSFGPVSDHDMEYTIDVFFRQSWKDERLKFKGPMTVLRLNNLMASKIWTPDTFFHNGKKS
VAHNMTMPNKLLRITEDGTLLYTMRLTVRAECPMHLEDFPMDAHACPLKFGSYAYTRAEVVYEWTREPARSVVVAEDGSR
LNQYDLLGQTVDSGIVQSSTGEYVVMTTHFHLKRKIGYFVIQTYLPCIMTVILSQVSFWLNRESVPARTVFGVTTVLTMT
TLSISARNSLPKVAYATAMDWFIAVCYAFVFSALIEFATVNYFTKSQPARAAKIDRLSRIAFPLLFGIFNLVYWATYLNR
EPQLKAPTPHQ
;
A,D
2 'polypeptide(L)'
;MDEKTTGWRGGHVVEGLAGELEQLRARLEHHPQGQREPDYDIPTTENLYFQGTGQSVNDPGNMSFVKETVDKLLKGYDIR
LRPDFGGPPVCVGMNIDIASIDMVSEVNMDYTLTMYFQQYWRDKRLAYSGIPLNLTLDNRVADQLWVPDTYFLNDKKSFV
HGVTVKNRMIRLHPDGTVLYGLRITTTAACMMDLRRYPLDEQNCTLEIESYGYTTDDIEFYWRGGDKAVTGVERIELPQF
SIVEHRLVSRNVVFATGAYPRLSLSFRLKRNIGYFILQTYMPSILITILSWVSFWINYDASAARVALGITTVLTMTTINT
HLRETLPKIPYVKAIDMYLMGCFVFVFLALLEYAFVNYIFFSQPARAAAIDRWSRIVFPFTFSLFNLVYWLYYVN
;
B,E
3 'polypeptide(L)'
;TGQKSDDDYEDYTSNKTWVLTPKVPEGDVTVILNNLLEGYDNKLRPDIGVKPTLIHTDMYVNSIGPVNAINMEYTIDIFF
AQTWYDRRLKFNSTIKVLRLNSNMVGKIWIPDTFFRNSKKADAHWITTPNRMLRIWNDGRVLYTLRLTIDAECQLQLHNF
PMDEHSCPLEFSSYGYPREEIVYQWKRSSVEVGDTRSWRLYQFSFVGLRNTTEVVKTTSGDYVVMSVYFDLSRRMGYFTI
QTYIPCTLIVVLSWVSFWINKDAVPARTSLGITTVLTMTTLSTIARKSLPKVSYVTAMDLFVSVCFIFVFSALVEYGTLH
YFVSSQPARAAKMDSYARIFFPTAFCLFNLVYWVSYLYLGTGGTTETSQVAPA
;
C
4 'polypeptide(L)'
;QVQLQESGGGLVQAGGSLRVSCAASGRTFTTYIMAWFRQAPGKEREFLAAMDQGRIQYYGDSVRGRFTISRDYAKNSVDL
QLDGLRPEDTAVYYCAAGAGFWGLRTASSYHYWGQGTQVTVSSHHHHHHEPEA
;
F
#
# COMPACT_ATOMS: atom_id res chain seq x y z
N ASP A 63 -45.22 -30.36 4.63
CA ASP A 63 -45.42 -31.65 5.27
C ASP A 63 -44.30 -32.62 4.90
N ASN A 64 -43.85 -32.56 3.64
CA ASN A 64 -42.77 -33.41 3.20
C ASN A 64 -41.47 -33.08 3.93
N THR A 65 -41.23 -31.78 4.19
CA THR A 65 -40.03 -31.37 4.89
C THR A 65 -39.99 -31.85 6.33
N THR A 66 -41.14 -32.18 6.92
CA THR A 66 -41.17 -32.64 8.30
C THR A 66 -40.37 -33.92 8.48
N VAL A 67 -40.42 -34.81 7.50
CA VAL A 67 -39.63 -36.04 7.56
C VAL A 67 -38.14 -35.70 7.58
N PHE A 68 -37.72 -34.77 6.73
CA PHE A 68 -36.32 -34.38 6.71
C PHE A 68 -35.93 -33.60 7.95
N THR A 69 -36.88 -32.88 8.56
CA THR A 69 -36.58 -32.19 9.80
C THR A 69 -36.23 -33.18 10.92
N ARG A 70 -36.96 -34.29 10.99
CA ARG A 70 -36.65 -35.30 11.99
C ARG A 70 -35.27 -35.90 11.77
N ILE A 71 -34.91 -36.14 10.52
CA ILE A 71 -33.61 -36.73 10.22
C ILE A 71 -32.48 -35.80 10.65
N LEU A 72 -32.61 -34.51 10.32
CA LEU A 72 -31.59 -33.55 10.72
C LEU A 72 -31.51 -33.44 12.24
N ASP A 73 -32.66 -33.39 12.90
CA ASP A 73 -32.65 -33.31 14.35
C ASP A 73 -32.19 -34.61 15.01
N ARG A 74 -32.30 -35.74 14.30
CA ARG A 74 -31.84 -36.99 14.87
C ARG A 74 -30.31 -37.07 14.85
N LEU A 75 -29.68 -36.61 13.77
CA LEU A 75 -28.23 -36.67 13.68
C LEU A 75 -27.58 -35.78 14.72
N LEU A 76 -28.06 -34.55 14.86
CA LEU A 76 -27.44 -33.60 15.77
C LEU A 76 -27.73 -33.92 17.23
N ASP A 77 -28.62 -34.86 17.52
CA ASP A 77 -28.93 -35.22 18.90
C ASP A 77 -27.79 -36.05 19.47
N GLY A 78 -27.13 -35.53 20.51
CA GLY A 78 -26.01 -36.23 21.11
C GLY A 78 -24.72 -36.13 20.33
N TYR A 79 -24.64 -35.27 19.33
CA TYR A 79 -23.45 -35.12 18.51
C TYR A 79 -22.56 -34.04 19.12
N ASP A 80 -21.38 -34.43 19.59
CA ASP A 80 -20.43 -33.52 20.20
C ASP A 80 -19.39 -33.15 19.14
N ASN A 81 -19.46 -31.93 18.63
CA ASN A 81 -18.59 -31.50 17.55
C ASN A 81 -17.19 -31.13 18.01
N ARG A 82 -16.89 -31.28 19.30
CA ARG A 82 -15.55 -31.00 19.80
C ARG A 82 -14.61 -32.18 19.69
N LEU A 83 -15.09 -33.33 19.21
CA LEU A 83 -14.28 -34.52 19.08
C LEU A 83 -14.22 -34.93 17.63
N ARG A 84 -13.01 -35.20 17.13
CA ARG A 84 -12.86 -35.67 15.77
C ARG A 84 -13.45 -37.08 15.63
N PRO A 85 -13.89 -37.46 14.44
CA PRO A 85 -14.45 -38.80 14.26
C PRO A 85 -13.43 -39.87 14.60
N GLY A 86 -13.91 -40.92 15.27
CA GLY A 86 -13.04 -42.01 15.67
C GLY A 86 -11.94 -41.58 16.61
N LEU A 87 -12.25 -40.71 17.57
CA LEU A 87 -11.23 -40.24 18.52
C LEU A 87 -10.77 -41.38 19.40
N GLY A 88 -9.46 -41.56 19.48
CA GLY A 88 -8.90 -42.63 20.28
C GLY A 88 -9.18 -44.02 19.76
N GLU A 89 -9.60 -44.15 18.52
CA GLU A 89 -9.89 -45.45 17.93
C GLU A 89 -9.17 -45.69 16.62
N ARG A 90 -9.00 -44.66 15.80
CA ARG A 90 -8.34 -44.79 14.50
C ARG A 90 -7.82 -43.42 14.10
N VAL A 91 -7.39 -43.29 12.86
CA VAL A 91 -6.87 -42.05 12.30
C VAL A 91 -7.86 -41.54 11.27
N THR A 92 -8.25 -40.28 11.40
CA THR A 92 -9.19 -39.68 10.45
C THR A 92 -8.48 -39.37 9.14
N GLU A 93 -8.93 -40.00 8.05
CA GLU A 93 -8.35 -39.79 6.74
C GLU A 93 -9.18 -38.77 5.97
N VAL A 94 -8.51 -37.78 5.39
CA VAL A 94 -9.16 -36.67 4.74
C VAL A 94 -8.68 -36.60 3.30
N LYS A 95 -9.54 -36.97 2.36
CA LYS A 95 -9.24 -36.79 0.95
C LYS A 95 -9.27 -35.31 0.60
N THR A 96 -8.44 -34.92 -0.37
CA THR A 96 -8.31 -33.51 -0.71
C THR A 96 -8.07 -33.36 -2.20
N ASP A 97 -8.63 -32.29 -2.75
CA ASP A 97 -8.34 -31.89 -4.13
C ASP A 97 -8.66 -30.40 -4.27
N ILE A 98 -8.03 -29.78 -5.25
CA ILE A 98 -8.09 -28.34 -5.44
C ILE A 98 -8.44 -28.04 -6.88
N PHE A 99 -9.37 -27.12 -7.08
CA PHE A 99 -9.68 -26.57 -8.41
C PHE A 99 -9.24 -25.11 -8.41
N VAL A 100 -8.22 -24.80 -9.20
CA VAL A 100 -7.66 -23.45 -9.26
C VAL A 100 -8.46 -22.67 -10.29
N THR A 101 -9.41 -21.86 -9.82
CA THR A 101 -10.22 -21.06 -10.74
C THR A 101 -9.40 -19.99 -11.42
N SER A 102 -8.42 -19.42 -10.74
CA SER A 102 -7.60 -18.37 -11.33
C SER A 102 -6.28 -18.28 -10.57
N PHE A 103 -5.19 -18.15 -11.30
CA PHE A 103 -3.86 -17.98 -10.72
C PHE A 103 -3.52 -16.49 -10.75
N GLY A 104 -3.55 -15.85 -9.59
CA GLY A 104 -3.49 -14.42 -9.52
C GLY A 104 -2.11 -13.90 -9.85
N PRO A 105 -1.96 -12.58 -9.80
CA PRO A 105 -0.68 -11.95 -10.14
C PRO A 105 0.40 -12.31 -9.13
N VAL A 106 1.64 -12.35 -9.62
CA VAL A 106 2.82 -12.62 -8.81
C VAL A 106 3.57 -11.32 -8.61
N SER A 107 3.84 -10.98 -7.36
CA SER A 107 4.49 -9.71 -7.01
C SER A 107 5.94 -9.98 -6.64
N ASP A 108 6.87 -9.46 -7.45
CA ASP A 108 8.28 -9.63 -7.15
C ASP A 108 8.71 -8.73 -5.99
N HIS A 109 8.03 -7.60 -5.80
CA HIS A 109 8.38 -6.70 -4.72
C HIS A 109 8.17 -7.34 -3.36
N ASP A 110 7.11 -8.15 -3.22
CA ASP A 110 6.80 -8.81 -1.96
C ASP A 110 7.14 -10.29 -1.94
N MET A 111 7.56 -10.86 -3.08
CA MET A 111 7.86 -12.29 -3.18
C MET A 111 6.67 -13.14 -2.77
N GLU A 112 5.48 -12.74 -3.22
CA GLU A 112 4.24 -13.44 -2.93
C GLU A 112 3.44 -13.61 -4.21
N TYR A 113 2.32 -14.32 -4.11
CA TYR A 113 1.43 -14.51 -5.24
C TYR A 113 0.04 -14.78 -4.71
N THR A 114 -0.95 -14.66 -5.58
CA THR A 114 -2.36 -14.85 -5.23
C THR A 114 -2.93 -16.00 -6.03
N ILE A 115 -3.91 -16.69 -5.45
CA ILE A 115 -4.54 -17.83 -6.10
C ILE A 115 -5.92 -18.01 -5.49
N ASP A 116 -6.88 -18.37 -6.33
CA ASP A 116 -8.25 -18.65 -5.91
C ASP A 116 -8.56 -20.11 -6.16
N VAL A 117 -9.05 -20.81 -5.14
CA VAL A 117 -9.19 -22.26 -5.20
C VAL A 117 -10.59 -22.66 -4.76
N PHE A 118 -11.06 -23.78 -5.30
CA PHE A 118 -12.24 -24.47 -4.79
C PHE A 118 -11.77 -25.61 -3.89
N PHE A 119 -11.29 -25.23 -2.71
CA PHE A 119 -10.67 -26.19 -1.81
C PHE A 119 -11.71 -27.21 -1.33
N ARG A 120 -11.50 -28.48 -1.67
CA ARG A 120 -12.43 -29.54 -1.33
C ARG A 120 -11.80 -30.50 -0.33
N GLN A 121 -12.62 -30.96 0.61
CA GLN A 121 -12.19 -31.95 1.60
C GLN A 121 -13.28 -32.99 1.77
N SER A 122 -12.88 -34.19 2.18
CA SER A 122 -13.84 -35.29 2.32
C SER A 122 -13.29 -36.30 3.31
N TRP A 123 -14.14 -36.74 4.23
CA TRP A 123 -13.73 -37.71 5.25
C TRP A 123 -14.94 -38.58 5.58
N LYS A 124 -14.80 -39.39 6.61
CA LYS A 124 -15.84 -40.33 7.04
C LYS A 124 -16.17 -40.08 8.49
N ASP A 125 -17.46 -40.02 8.80
CA ASP A 125 -17.93 -39.83 10.18
C ASP A 125 -19.13 -40.75 10.37
N GLU A 126 -18.93 -41.85 11.10
CA GLU A 126 -19.99 -42.83 11.29
C GLU A 126 -21.15 -42.30 12.12
N ARG A 127 -20.98 -41.18 12.82
CA ARG A 127 -22.06 -40.63 13.63
C ARG A 127 -23.14 -39.96 12.80
N LEU A 128 -22.92 -39.77 11.49
CA LEU A 128 -23.87 -39.09 10.62
C LEU A 128 -24.55 -40.05 9.66
N LYS A 129 -24.53 -41.35 9.92
CA LYS A 129 -25.26 -42.28 9.09
C LYS A 129 -26.76 -42.13 9.32
N PHE A 130 -27.52 -42.32 8.25
CA PHE A 130 -28.97 -42.17 8.32
C PHE A 130 -29.61 -42.97 7.19
N LYS A 131 -30.94 -43.02 7.19
CA LYS A 131 -31.72 -43.57 6.10
C LYS A 131 -32.89 -42.64 5.81
N GLY A 132 -33.21 -42.47 4.54
CA GLY A 132 -34.28 -41.58 4.16
C GLY A 132 -34.57 -41.62 2.67
N PRO A 133 -35.52 -40.79 2.23
CA PRO A 133 -35.88 -40.78 0.80
C PRO A 133 -34.74 -40.42 -0.12
N MET A 134 -33.82 -39.56 0.31
CA MET A 134 -32.69 -39.14 -0.51
C MET A 134 -31.39 -39.66 0.10
N THR A 135 -30.52 -40.20 -0.76
CA THR A 135 -29.24 -40.71 -0.30
C THR A 135 -28.22 -39.61 -0.07
N VAL A 136 -28.42 -38.41 -0.61
CA VAL A 136 -27.52 -37.28 -0.43
C VAL A 136 -28.32 -36.10 0.08
N LEU A 137 -27.84 -35.46 1.14
CA LEU A 137 -28.48 -34.30 1.73
C LEU A 137 -27.65 -33.07 1.40
N ARG A 138 -27.97 -32.42 0.29
CA ARG A 138 -27.31 -31.17 -0.07
C ARG A 138 -27.78 -30.06 0.85
N LEU A 139 -27.04 -29.83 1.93
CA LEU A 139 -27.46 -28.93 2.99
C LEU A 139 -26.88 -27.53 2.80
N ASN A 140 -27.23 -26.64 3.71
CA ASN A 140 -26.80 -25.26 3.67
C ASN A 140 -25.46 -25.10 4.39
N ASN A 141 -24.76 -24.01 4.08
CA ASN A 141 -23.43 -23.80 4.64
C ASN A 141 -23.45 -23.51 6.14
N LEU A 142 -24.62 -23.23 6.72
CA LEU A 142 -24.71 -23.05 8.16
C LEU A 142 -24.76 -24.36 8.92
N MET A 143 -24.98 -25.48 8.22
CA MET A 143 -24.92 -26.79 8.86
C MET A 143 -23.50 -27.21 9.17
N ALA A 144 -22.51 -26.61 8.48
CA ALA A 144 -21.12 -26.99 8.70
C ALA A 144 -20.67 -26.68 10.12
N SER A 145 -21.08 -25.54 10.67
CA SER A 145 -20.67 -25.17 12.02
C SER A 145 -21.24 -26.08 13.08
N LYS A 146 -22.27 -26.88 12.76
CA LYS A 146 -22.87 -27.77 13.73
C LYS A 146 -22.09 -29.08 13.90
N ILE A 147 -21.16 -29.39 13.00
CA ILE A 147 -20.47 -30.67 13.03
C ILE A 147 -18.96 -30.44 13.06
N TRP A 148 -18.20 -31.53 13.06
CA TRP A 148 -16.74 -31.47 13.10
C TRP A 148 -16.18 -31.34 11.69
N THR A 149 -15.22 -30.44 11.52
CA THR A 149 -14.54 -30.22 10.27
C THR A 149 -13.04 -30.08 10.53
N PRO A 150 -12.21 -30.46 9.57
CA PRO A 150 -10.76 -30.31 9.75
C PRO A 150 -10.36 -28.85 9.87
N ASP A 151 -9.32 -28.61 10.67
CA ASP A 151 -8.77 -27.27 10.86
C ASP A 151 -7.61 -27.01 9.90
N THR A 152 -7.85 -27.23 8.62
CA THR A 152 -6.80 -27.09 7.62
C THR A 152 -6.39 -25.63 7.45
N PHE A 153 -5.10 -25.38 7.49
CA PHE A 153 -4.54 -24.05 7.25
C PHE A 153 -3.43 -24.15 6.24
N PHE A 154 -2.89 -23.01 5.83
CA PHE A 154 -1.83 -22.95 4.85
C PHE A 154 -0.54 -22.50 5.52
N HIS A 155 0.50 -23.32 5.41
CA HIS A 155 1.73 -23.07 6.15
C HIS A 155 2.40 -21.79 5.72
N ASN A 156 2.42 -21.51 4.42
CA ASN A 156 3.08 -20.31 3.91
C ASN A 156 2.07 -19.24 3.46
N GLY A 157 0.83 -19.33 3.92
CA GLY A 157 -0.14 -18.31 3.57
C GLY A 157 0.10 -17.04 4.38
N LYS A 158 -0.03 -15.89 3.70
CA LYS A 158 0.22 -14.61 4.35
C LYS A 158 -1.07 -14.01 4.90
N LYS A 159 -2.07 -13.81 4.05
CA LYS A 159 -3.38 -13.35 4.52
C LYS A 159 -4.42 -13.83 3.51
N SER A 160 -5.11 -14.91 3.85
CA SER A 160 -6.11 -15.49 2.97
C SER A 160 -7.50 -15.01 3.35
N VAL A 161 -8.42 -15.10 2.40
CA VAL A 161 -9.79 -14.63 2.57
C VAL A 161 -10.73 -15.76 2.19
N ALA A 162 -11.69 -16.04 3.06
CA ALA A 162 -12.79 -16.95 2.75
C ALA A 162 -14.00 -16.10 2.41
N HIS A 163 -14.33 -16.02 1.12
CA HIS A 163 -15.39 -15.13 0.68
C HIS A 163 -16.74 -15.55 1.23
N ASN A 164 -17.54 -14.57 1.65
CA ASN A 164 -18.87 -14.84 2.17
C ASN A 164 -19.87 -13.85 1.57
N MET A 165 -19.79 -13.65 0.26
CA MET A 165 -20.72 -12.80 -0.48
C MET A 165 -21.40 -13.63 -1.55
N THR A 166 -22.74 -13.60 -1.58
CA THR A 166 -23.54 -12.84 -0.62
C THR A 166 -23.82 -13.68 0.61
N MET A 167 -23.37 -14.92 0.56
CA MET A 167 -23.49 -15.88 1.65
C MET A 167 -22.14 -16.57 1.79
N PRO A 168 -21.86 -17.17 2.94
CA PRO A 168 -20.61 -17.93 3.08
C PRO A 168 -20.50 -18.99 2.00
N ASN A 169 -19.42 -18.92 1.24
CA ASN A 169 -19.21 -19.79 0.08
C ASN A 169 -18.72 -21.15 0.57
N LYS A 170 -19.65 -21.95 1.08
CA LYS A 170 -19.36 -23.30 1.52
C LYS A 170 -20.52 -24.21 1.11
N LEU A 171 -20.20 -25.47 0.87
CA LEU A 171 -21.22 -26.48 0.62
C LEU A 171 -20.94 -27.68 1.49
N LEU A 172 -22.01 -28.34 1.93
CA LEU A 172 -21.91 -29.51 2.77
C LEU A 172 -22.86 -30.58 2.26
N ARG A 173 -22.35 -31.78 2.03
CA ARG A 173 -23.14 -32.89 1.53
C ARG A 173 -22.87 -34.12 2.37
N ILE A 174 -23.93 -34.78 2.79
CA ILE A 174 -23.84 -35.94 3.69
C ILE A 174 -24.51 -37.11 2.99
N THR A 175 -23.72 -38.08 2.57
CA THR A 175 -24.28 -39.30 2.00
C THR A 175 -24.88 -40.15 3.12
N GLU A 176 -25.57 -41.22 2.73
CA GLU A 176 -26.27 -42.05 3.70
C GLU A 176 -25.32 -42.91 4.55
N ASP A 177 -24.07 -43.06 4.15
CA ASP A 177 -23.11 -43.85 4.91
C ASP A 177 -22.18 -43.01 5.75
N GLY A 178 -22.46 -41.71 5.90
CA GLY A 178 -21.67 -40.83 6.73
C GLY A 178 -20.55 -40.10 6.01
N THR A 179 -20.27 -40.44 4.76
CA THR A 179 -19.23 -39.73 4.02
C THR A 179 -19.63 -38.28 3.83
N LEU A 180 -18.67 -37.38 3.98
CA LEU A 180 -18.93 -35.95 3.89
C LEU A 180 -18.09 -35.32 2.79
N LEU A 181 -18.66 -34.30 2.15
CA LEU A 181 -17.95 -33.47 1.19
C LEU A 181 -18.13 -32.03 1.63
N TYR A 182 -17.03 -31.30 1.78
CA TYR A 182 -17.08 -29.96 2.38
C TYR A 182 -16.08 -29.08 1.64
N THR A 183 -16.56 -28.36 0.63
CA THR A 183 -15.72 -27.48 -0.17
C THR A 183 -15.97 -26.03 0.19
N MET A 184 -15.06 -25.17 -0.24
CA MET A 184 -15.16 -23.74 0.03
C MET A 184 -14.34 -23.00 -1.01
N ARG A 185 -14.60 -21.70 -1.12
CA ARG A 185 -13.88 -20.84 -2.05
C ARG A 185 -12.96 -19.92 -1.27
N LEU A 186 -11.69 -19.93 -1.62
CA LEU A 186 -10.66 -19.20 -0.89
C LEU A 186 -9.84 -18.36 -1.85
N THR A 187 -9.23 -17.31 -1.30
CA THR A 187 -8.25 -16.49 -2.02
C THR A 187 -7.01 -16.43 -1.14
N VAL A 188 -6.03 -17.29 -1.44
CA VAL A 188 -4.85 -17.45 -0.62
C VAL A 188 -3.71 -16.65 -1.23
N ARG A 189 -3.04 -15.86 -0.40
CA ARG A 189 -1.84 -15.14 -0.80
C ARG A 189 -0.66 -15.76 -0.05
N ALA A 190 0.24 -16.40 -0.79
CA ALA A 190 1.25 -17.27 -0.21
C ALA A 190 2.65 -16.71 -0.45
N GLU A 191 3.56 -17.03 0.47
CA GLU A 191 4.95 -16.64 0.32
C GLU A 191 5.62 -17.46 -0.77
N CYS A 192 6.54 -16.82 -1.49
CA CYS A 192 7.28 -17.49 -2.57
C CYS A 192 8.67 -16.89 -2.62
N PRO A 193 9.65 -17.52 -1.96
CA PRO A 193 11.03 -17.01 -2.04
C PRO A 193 11.52 -17.05 -3.48
N MET A 194 12.30 -16.03 -3.84
CA MET A 194 12.76 -15.86 -5.21
C MET A 194 14.25 -15.59 -5.25
N HIS A 195 14.92 -16.19 -6.23
CA HIS A 195 16.34 -15.98 -6.48
C HIS A 195 16.46 -15.15 -7.76
N LEU A 196 16.70 -13.86 -7.60
CA LEU A 196 16.68 -12.91 -8.70
C LEU A 196 18.06 -12.61 -9.26
N GLU A 197 18.98 -13.56 -9.19
CA GLU A 197 20.29 -13.36 -9.79
C GLU A 197 20.18 -13.21 -11.30
N ASP A 198 19.34 -14.03 -11.94
CA ASP A 198 19.21 -14.05 -13.39
C ASP A 198 18.02 -13.22 -13.88
N PHE A 199 17.59 -12.24 -13.09
CA PHE A 199 16.52 -11.36 -13.53
C PHE A 199 16.98 -10.55 -14.74
N PRO A 200 16.13 -10.35 -15.75
CA PRO A 200 14.74 -10.80 -15.89
C PRO A 200 14.60 -12.11 -16.64
N MET A 201 15.66 -12.92 -16.71
CA MET A 201 15.61 -14.21 -17.39
C MET A 201 15.54 -15.35 -16.40
N ASP A 202 14.79 -15.15 -15.31
CA ASP A 202 14.74 -16.08 -14.19
C ASP A 202 13.45 -16.88 -14.21
N ALA A 203 13.46 -17.99 -13.48
CA ALA A 203 12.29 -18.84 -13.30
C ALA A 203 12.17 -19.22 -11.84
N HIS A 204 10.95 -19.51 -11.41
CA HIS A 204 10.69 -19.79 -10.00
C HIS A 204 9.76 -20.99 -9.88
N ALA A 205 9.61 -21.45 -8.64
CA ALA A 205 8.68 -22.53 -8.31
C ALA A 205 7.97 -22.12 -7.02
N CYS A 206 6.86 -21.42 -7.15
CA CYS A 206 6.13 -20.97 -5.97
C CYS A 206 5.32 -22.11 -5.38
N PRO A 207 5.52 -22.43 -4.10
CA PRO A 207 4.80 -23.56 -3.50
C PRO A 207 3.47 -23.17 -2.87
N LEU A 208 2.75 -24.17 -2.37
CA LEU A 208 1.50 -23.93 -1.64
C LEU A 208 1.31 -25.13 -0.71
N LYS A 209 1.61 -24.94 0.57
CA LYS A 209 1.63 -26.02 1.54
C LYS A 209 0.47 -25.86 2.52
N PHE A 210 -0.29 -26.93 2.73
CA PHE A 210 -1.41 -26.88 3.66
C PHE A 210 -1.47 -28.18 4.46
N GLY A 211 -2.06 -28.09 5.64
CA GLY A 211 -2.19 -29.25 6.50
C GLY A 211 -2.91 -28.87 7.77
N SER A 212 -3.11 -29.87 8.63
CA SER A 212 -3.79 -29.64 9.89
C SER A 212 -2.95 -28.77 10.81
N TYR A 213 -3.63 -28.03 11.69
CA TYR A 213 -2.94 -27.12 12.61
C TYR A 213 -2.79 -27.69 14.01
N ALA A 214 -3.77 -28.45 14.49
CA ALA A 214 -3.75 -28.94 15.87
C ALA A 214 -3.68 -30.45 15.99
N TYR A 215 -3.91 -31.19 14.92
CA TYR A 215 -3.92 -32.65 14.96
C TYR A 215 -2.63 -33.19 14.36
N THR A 216 -1.90 -33.97 15.13
CA THR A 216 -0.66 -34.55 14.65
C THR A 216 -0.94 -35.63 13.62
N ARG A 217 0.12 -36.20 13.07
CA ARG A 217 -0.02 -37.21 12.03
C ARG A 217 -0.51 -38.54 12.57
N ALA A 218 -0.58 -38.70 13.89
CA ALA A 218 -1.17 -39.89 14.49
C ALA A 218 -2.67 -39.74 14.70
N GLU A 219 -3.26 -38.59 14.35
CA GLU A 219 -4.68 -38.35 14.49
C GLU A 219 -5.36 -38.03 13.17
N VAL A 220 -4.79 -37.14 12.37
CA VAL A 220 -5.36 -36.76 11.08
C VAL A 220 -4.28 -36.88 10.02
N VAL A 221 -4.59 -37.58 8.93
CA VAL A 221 -3.68 -37.72 7.79
C VAL A 221 -4.41 -37.28 6.53
N TYR A 222 -3.72 -36.50 5.70
CA TYR A 222 -4.30 -35.96 4.48
C TYR A 222 -3.83 -36.76 3.27
N GLU A 223 -4.74 -37.02 2.35
CA GLU A 223 -4.45 -37.73 1.12
C GLU A 223 -5.13 -37.02 -0.04
N TRP A 224 -4.60 -37.23 -1.24
CA TRP A 224 -5.24 -36.70 -2.43
C TRP A 224 -6.37 -37.62 -2.89
N THR A 225 -7.44 -37.00 -3.41
CA THR A 225 -8.60 -37.77 -3.81
C THR A 225 -8.28 -38.74 -4.93
N ARG A 226 -7.47 -38.30 -5.89
CA ARG A 226 -7.10 -39.06 -7.07
C ARG A 226 -5.58 -39.15 -7.13
N GLU A 227 -5.06 -39.58 -8.27
CA GLU A 227 -3.63 -39.55 -8.48
C GLU A 227 -3.11 -38.13 -8.25
N PRO A 228 -1.95 -37.96 -7.62
CA PRO A 228 -1.50 -36.61 -7.26
C PRO A 228 -1.41 -35.66 -8.43
N ALA A 229 -1.08 -36.16 -9.63
CA ALA A 229 -1.01 -35.29 -10.80
C ALA A 229 -2.38 -34.72 -11.14
N ARG A 230 -3.43 -35.53 -11.02
CA ARG A 230 -4.77 -35.14 -11.42
C ARG A 230 -5.61 -34.61 -10.26
N SER A 231 -5.04 -34.49 -9.07
CA SER A 231 -5.78 -34.00 -7.92
C SER A 231 -5.70 -32.48 -7.76
N VAL A 232 -4.96 -31.80 -8.64
CA VAL A 232 -4.95 -30.34 -8.70
C VAL A 232 -5.17 -29.95 -10.15
N VAL A 233 -6.25 -29.22 -10.42
CA VAL A 233 -6.66 -28.88 -11.76
C VAL A 233 -6.71 -27.37 -11.88
N VAL A 234 -6.13 -26.85 -12.96
CA VAL A 234 -6.09 -25.41 -13.21
C VAL A 234 -7.09 -25.08 -14.30
N ALA A 235 -7.95 -24.10 -14.05
CA ALA A 235 -8.91 -23.67 -15.06
C ALA A 235 -8.19 -23.11 -16.27
N GLU A 236 -8.73 -23.40 -17.45
CA GLU A 236 -8.05 -23.03 -18.69
C GLU A 236 -7.93 -21.53 -18.84
N ASP A 237 -8.98 -20.79 -18.50
CA ASP A 237 -9.03 -19.35 -18.68
C ASP A 237 -8.66 -18.58 -17.42
N GLY A 238 -8.13 -19.26 -16.39
CA GLY A 238 -7.91 -18.62 -15.12
C GLY A 238 -6.63 -17.81 -14.98
N SER A 239 -5.73 -17.87 -15.96
CA SER A 239 -4.44 -17.20 -15.83
C SER A 239 -4.64 -15.70 -15.78
N ARG A 240 -4.22 -15.09 -14.67
CA ARG A 240 -4.20 -13.64 -14.52
C ARG A 240 -2.78 -13.09 -14.47
N LEU A 241 -1.82 -13.84 -15.00
CA LEU A 241 -0.42 -13.45 -14.94
C LEU A 241 -0.10 -12.48 -16.08
N ASN A 242 0.51 -11.35 -15.73
CA ASN A 242 0.92 -10.38 -16.75
C ASN A 242 2.24 -10.78 -17.40
N GLN A 243 3.29 -10.87 -16.59
CA GLN A 243 4.64 -11.09 -17.11
C GLN A 243 5.11 -12.53 -16.98
N TYR A 244 4.58 -13.29 -16.03
CA TYR A 244 5.03 -14.66 -15.85
C TYR A 244 4.33 -15.59 -16.83
N ASP A 245 4.63 -16.88 -16.72
CA ASP A 245 4.07 -17.88 -17.63
C ASP A 245 4.07 -19.21 -16.89
N LEU A 246 2.89 -19.69 -16.52
CA LEU A 246 2.77 -20.93 -15.75
C LEU A 246 3.02 -22.12 -16.67
N LEU A 247 4.21 -22.70 -16.56
CA LEU A 247 4.56 -23.85 -17.41
C LEU A 247 3.90 -25.12 -16.92
N GLY A 248 3.72 -25.27 -15.61
CA GLY A 248 3.11 -26.47 -15.08
C GLY A 248 3.19 -26.45 -13.56
N GLN A 249 2.59 -27.48 -12.96
CA GLN A 249 2.58 -27.61 -11.51
C GLN A 249 2.96 -29.03 -11.11
N THR A 250 3.53 -29.14 -9.92
CA THR A 250 3.94 -30.42 -9.35
C THR A 250 3.25 -30.61 -8.00
N VAL A 251 2.73 -31.81 -7.77
CA VAL A 251 1.97 -32.13 -6.57
C VAL A 251 2.73 -33.18 -5.77
N ASP A 252 2.96 -32.90 -4.50
CA ASP A 252 3.77 -33.77 -3.65
C ASP A 252 3.19 -33.78 -2.24
N SER A 253 3.76 -34.64 -1.40
CA SER A 253 3.36 -34.75 0.00
C SER A 253 4.60 -34.85 0.87
N GLY A 254 4.46 -34.43 2.12
CA GLY A 254 5.61 -34.39 3.01
C GLY A 254 5.28 -34.52 4.48
N ILE A 255 6.28 -34.31 5.32
CA ILE A 255 6.15 -34.39 6.78
C ILE A 255 6.88 -33.22 7.40
N VAL A 256 6.28 -32.61 8.42
CA VAL A 256 6.92 -31.56 9.19
C VAL A 256 6.95 -32.01 10.65
N GLN A 257 7.89 -31.45 11.40
CA GLN A 257 8.05 -31.80 12.82
C GLN A 257 8.29 -30.51 13.59
N SER A 258 7.21 -29.93 14.11
CA SER A 258 7.29 -28.70 14.87
C SER A 258 7.62 -29.01 16.33
N SER A 259 7.47 -28.00 17.19
CA SER A 259 7.76 -28.18 18.60
C SER A 259 6.58 -28.81 19.33
N THR A 260 5.50 -29.09 18.61
CA THR A 260 4.33 -29.70 19.25
C THR A 260 4.13 -31.13 18.79
N GLY A 261 4.72 -31.51 17.67
CA GLY A 261 4.58 -32.86 17.17
C GLY A 261 4.93 -32.93 15.70
N GLU A 262 4.47 -34.02 15.06
CA GLU A 262 4.68 -34.25 13.65
C GLU A 262 3.36 -34.13 12.91
N TYR A 263 3.35 -33.35 11.84
CA TYR A 263 2.14 -33.08 11.08
C TYR A 263 2.36 -33.42 9.61
N VAL A 264 1.30 -33.87 8.97
CA VAL A 264 1.32 -34.18 7.55
C VAL A 264 1.10 -32.90 6.76
N VAL A 265 1.95 -32.64 5.78
CA VAL A 265 1.88 -31.45 4.95
C VAL A 265 1.71 -31.86 3.50
N MET A 266 0.72 -31.28 2.84
CA MET A 266 0.48 -31.51 1.42
C MET A 266 0.98 -30.30 0.65
N THR A 267 1.83 -30.55 -0.35
CA THR A 267 2.53 -29.49 -1.04
C THR A 267 2.20 -29.50 -2.53
N THR A 268 2.31 -28.33 -3.15
CA THR A 268 2.10 -28.20 -4.59
C THR A 268 2.91 -27.01 -5.08
N HIS A 269 3.80 -27.23 -6.03
CA HIS A 269 4.67 -26.20 -6.57
C HIS A 269 4.20 -25.79 -7.95
N PHE A 270 4.02 -24.50 -8.17
CA PHE A 270 3.68 -23.95 -9.47
C PHE A 270 4.95 -23.36 -10.07
N HIS A 271 5.32 -23.82 -11.26
CA HIS A 271 6.58 -23.45 -11.89
C HIS A 271 6.33 -22.32 -12.86
N LEU A 272 6.97 -21.18 -12.62
CA LEU A 272 6.77 -19.96 -13.39
C LEU A 272 8.08 -19.53 -14.03
N LYS A 273 8.00 -19.09 -15.29
CA LYS A 273 9.14 -18.55 -15.99
C LYS A 273 8.78 -17.17 -16.51
N ARG A 274 9.56 -16.17 -16.13
CA ARG A 274 9.27 -14.80 -16.52
C ARG A 274 9.44 -14.62 -18.02
N LYS A 275 8.64 -13.73 -18.59
CA LYS A 275 8.71 -13.41 -20.01
C LYS A 275 9.56 -12.16 -20.21
N ILE A 276 10.52 -12.24 -21.14
CA ILE A 276 11.52 -11.20 -21.31
C ILE A 276 11.07 -10.11 -22.28
N GLY A 277 9.85 -10.19 -22.81
CA GLY A 277 9.44 -9.28 -23.85
C GLY A 277 9.41 -7.83 -23.40
N TYR A 278 8.89 -7.58 -22.19
CA TYR A 278 8.76 -6.21 -21.72
C TYR A 278 10.12 -5.53 -21.53
N PHE A 279 11.08 -6.25 -20.94
CA PHE A 279 12.34 -5.64 -20.60
C PHE A 279 13.23 -5.40 -21.81
N VAL A 280 13.03 -6.16 -22.89
CA VAL A 280 13.75 -5.86 -24.13
C VAL A 280 13.31 -4.51 -24.68
N ILE A 281 12.00 -4.25 -24.68
CA ILE A 281 11.50 -2.99 -25.22
C ILE A 281 11.86 -1.83 -24.32
N GLN A 282 11.65 -1.97 -23.01
CA GLN A 282 11.80 -0.84 -22.11
C GLN A 282 13.27 -0.51 -21.87
N THR A 283 14.12 -1.52 -21.70
CA THR A 283 15.48 -1.30 -21.21
C THR A 283 16.56 -1.71 -22.19
N TYR A 284 16.52 -2.94 -22.70
CA TYR A 284 17.66 -3.45 -23.46
C TYR A 284 17.85 -2.69 -24.76
N LEU A 285 16.79 -2.54 -25.54
CA LEU A 285 16.92 -1.85 -26.83
C LEU A 285 17.30 -0.39 -26.69
N PRO A 286 16.67 0.42 -25.82
CA PRO A 286 17.14 1.81 -25.68
C PRO A 286 18.60 1.92 -25.25
N CYS A 287 19.07 1.02 -24.38
CA CYS A 287 20.47 1.07 -23.97
C CYS A 287 21.39 0.74 -25.14
N ILE A 288 21.03 -0.26 -25.95
CA ILE A 288 21.84 -0.60 -27.10
C ILE A 288 21.88 0.55 -28.10
N MET A 289 20.73 1.19 -28.32
CA MET A 289 20.68 2.32 -29.24
C MET A 289 21.55 3.47 -28.73
N THR A 290 21.51 3.73 -27.42
CA THR A 290 22.33 4.79 -26.86
C THR A 290 23.82 4.49 -27.04
N VAL A 291 24.22 3.24 -26.81
CA VAL A 291 25.62 2.86 -26.99
C VAL A 291 26.03 3.02 -28.45
N ILE A 292 25.19 2.54 -29.36
CA ILE A 292 25.48 2.71 -30.79
C ILE A 292 25.52 4.19 -31.15
N LEU A 293 24.65 4.99 -30.53
CA LEU A 293 24.69 6.44 -30.75
C LEU A 293 26.01 7.02 -30.29
N SER A 294 26.57 6.49 -29.20
CA SER A 294 27.83 7.00 -28.68
C SER A 294 28.96 6.83 -29.69
N GLN A 295 29.02 5.67 -30.34
CA GLN A 295 30.10 5.40 -31.29
C GLN A 295 29.96 6.16 -32.59
N VAL A 296 28.84 6.87 -32.80
CA VAL A 296 28.70 7.70 -33.99
C VAL A 296 29.74 8.82 -33.98
N SER A 297 30.15 9.27 -32.80
CA SER A 297 31.07 10.40 -32.69
C SER A 297 32.41 10.12 -33.34
N PHE A 298 32.76 8.85 -33.58
CA PHE A 298 34.07 8.54 -34.13
C PHE A 298 34.17 8.89 -35.60
N TRP A 299 33.05 8.83 -36.34
CA TRP A 299 33.10 9.05 -37.77
C TRP A 299 33.03 10.52 -38.16
N LEU A 300 32.69 11.41 -37.23
CA LEU A 300 32.68 12.84 -37.54
C LEU A 300 34.09 13.34 -37.77
N ASN A 301 34.24 14.24 -38.74
CA ASN A 301 35.55 14.79 -39.04
C ASN A 301 36.06 15.63 -37.87
N ARG A 302 37.38 15.73 -37.78
CA ARG A 302 38.00 16.41 -36.64
C ARG A 302 37.75 17.92 -36.64
N GLU A 303 37.21 18.48 -37.73
CA GLU A 303 36.91 19.90 -37.76
C GLU A 303 35.67 20.26 -36.95
N SER A 304 34.75 19.32 -36.77
CA SER A 304 33.52 19.57 -36.03
C SER A 304 33.71 19.24 -34.54
N VAL A 305 34.71 19.88 -33.95
CA VAL A 305 35.01 19.66 -32.53
C VAL A 305 33.83 20.01 -31.63
N PRO A 306 33.18 21.17 -31.77
CA PRO A 306 32.02 21.45 -30.91
C PRO A 306 30.90 20.42 -31.05
N ALA A 307 30.71 19.87 -32.25
CA ALA A 307 29.63 18.90 -32.44
C ALA A 307 29.89 17.63 -31.63
N ARG A 308 31.13 17.14 -31.62
CA ARG A 308 31.43 15.93 -30.86
C ARG A 308 31.25 16.14 -29.37
N THR A 309 31.37 17.37 -28.89
CA THR A 309 31.12 17.65 -27.48
C THR A 309 29.67 17.34 -27.12
N VAL A 310 28.74 17.66 -28.01
CA VAL A 310 27.33 17.39 -27.75
C VAL A 310 27.09 15.89 -27.63
N PHE A 311 27.71 15.10 -28.51
CA PHE A 311 27.52 13.66 -28.47
C PHE A 311 27.99 13.07 -27.15
N GLY A 312 29.16 13.50 -26.68
CA GLY A 312 29.68 12.96 -25.43
C GLY A 312 28.82 13.28 -24.23
N VAL A 313 28.41 14.55 -24.12
CA VAL A 313 27.68 14.98 -22.92
C VAL A 313 26.28 14.39 -22.91
N THR A 314 25.57 14.45 -24.05
CA THR A 314 24.18 14.02 -24.06
C THR A 314 24.06 12.51 -23.93
N THR A 315 24.98 11.76 -24.56
CA THR A 315 24.91 10.31 -24.50
C THR A 315 25.08 9.80 -23.08
N VAL A 316 26.02 10.38 -22.34
CA VAL A 316 26.23 9.98 -20.95
C VAL A 316 24.99 10.29 -20.12
N LEU A 317 24.42 11.47 -20.32
CA LEU A 317 23.25 11.86 -19.54
C LEU A 317 22.05 10.97 -19.86
N THR A 318 21.94 10.54 -21.12
CA THR A 318 20.84 9.65 -21.49
C THR A 318 20.91 8.34 -20.74
N MET A 319 22.11 7.76 -20.61
CA MET A 319 22.25 6.50 -19.89
C MET A 319 21.86 6.64 -18.43
N THR A 320 22.04 7.83 -17.85
CA THR A 320 21.59 8.05 -16.48
C THR A 320 20.08 7.92 -16.38
N THR A 321 19.35 8.48 -17.35
CA THR A 321 17.90 8.39 -17.31
C THR A 321 17.42 6.95 -17.44
N LEU A 322 17.99 6.20 -18.39
CA LEU A 322 17.58 4.81 -18.55
C LEU A 322 17.94 3.97 -17.34
N SER A 323 19.13 4.19 -16.78
CA SER A 323 19.54 3.42 -15.61
C SER A 323 18.62 3.70 -14.42
N ILE A 324 18.27 4.96 -14.20
CA ILE A 324 17.41 5.30 -13.07
C ILE A 324 15.99 4.79 -13.30
N SER A 325 15.46 4.98 -14.50
CA SER A 325 14.11 4.50 -14.80
C SER A 325 14.04 2.98 -14.70
N ALA A 326 15.06 2.28 -15.19
CA ALA A 326 15.09 0.83 -15.06
C ALA A 326 15.40 0.36 -13.66
N ARG A 327 15.86 1.25 -12.77
CA ARG A 327 16.12 0.85 -11.40
C ARG A 327 14.82 0.66 -10.61
N ASN A 328 13.76 1.37 -11.00
CA ASN A 328 12.49 1.23 -10.29
C ASN A 328 11.93 -0.18 -10.42
N SER A 329 12.02 -0.77 -11.61
CA SER A 329 11.53 -2.13 -11.80
C SER A 329 12.37 -3.15 -11.04
N LEU A 330 13.60 -2.81 -10.68
CA LEU A 330 14.44 -3.73 -9.93
C LEU A 330 13.88 -3.93 -8.53
N PRO A 331 13.53 -5.14 -8.13
CA PRO A 331 13.13 -5.36 -6.73
C PRO A 331 14.29 -5.19 -5.79
N LYS A 332 13.99 -4.83 -4.55
CA LYS A 332 15.03 -4.58 -3.56
C LYS A 332 15.76 -5.87 -3.22
N VAL A 333 17.05 -5.93 -3.53
CA VAL A 333 17.90 -7.07 -3.26
C VAL A 333 19.26 -6.56 -2.79
N ALA A 334 20.16 -7.51 -2.51
CA ALA A 334 21.51 -7.17 -2.04
C ALA A 334 22.59 -7.79 -2.93
N TYR A 335 22.22 -8.26 -4.11
CA TYR A 335 23.17 -8.83 -5.06
C TYR A 335 22.90 -8.28 -6.45
N ALA A 336 23.94 -8.28 -7.28
CA ALA A 336 23.84 -7.71 -8.62
C ALA A 336 23.09 -8.67 -9.53
N THR A 337 21.98 -8.20 -10.07
CA THR A 337 21.17 -9.01 -10.99
C THR A 337 21.80 -9.01 -12.38
N ALA A 338 21.23 -9.83 -13.26
CA ALA A 338 21.73 -9.91 -14.63
C ALA A 338 21.51 -8.61 -15.40
N MET A 339 20.41 -7.91 -15.11
CA MET A 339 20.18 -6.62 -15.76
C MET A 339 21.22 -5.60 -15.34
N ASP A 340 21.62 -5.61 -14.07
CA ASP A 340 22.60 -4.64 -13.59
C ASP A 340 23.94 -4.80 -14.30
N TRP A 341 24.33 -6.04 -14.60
CA TRP A 341 25.57 -6.26 -15.34
C TRP A 341 25.49 -5.64 -16.73
N PHE A 342 24.35 -5.78 -17.40
CA PHE A 342 24.21 -5.21 -18.73
C PHE A 342 24.28 -3.69 -18.69
N ILE A 343 23.61 -3.08 -17.71
CA ILE A 343 23.65 -1.62 -17.61
C ILE A 343 25.04 -1.15 -17.21
N ALA A 344 25.71 -1.90 -16.33
CA ALA A 344 27.06 -1.53 -15.91
C ALA A 344 28.03 -1.56 -17.08
N VAL A 345 27.94 -2.59 -17.92
CA VAL A 345 28.84 -2.69 -19.07
C VAL A 345 28.50 -1.63 -20.11
N CYS A 346 27.22 -1.43 -20.40
CA CYS A 346 26.83 -0.39 -21.34
C CYS A 346 27.20 0.99 -20.82
N TYR A 347 27.23 1.17 -19.50
CA TYR A 347 27.68 2.44 -18.94
C TYR A 347 29.15 2.67 -19.20
N ALA A 348 29.96 1.61 -19.19
CA ALA A 348 31.40 1.76 -19.43
C ALA A 348 31.66 2.16 -20.87
N PHE A 349 30.91 1.60 -21.83
CA PHE A 349 31.14 1.93 -23.23
C PHE A 349 30.88 3.41 -23.51
N VAL A 350 29.78 3.94 -22.97
CA VAL A 350 29.49 5.36 -23.14
C VAL A 350 30.55 6.20 -22.44
N PHE A 351 30.90 5.83 -21.20
CA PHE A 351 31.94 6.54 -20.48
C PHE A 351 33.31 6.36 -21.12
N SER A 352 33.52 5.29 -21.87
CA SER A 352 34.78 5.12 -22.58
C SER A 352 34.86 6.04 -23.79
N ALA A 353 33.74 6.26 -24.47
CA ALA A 353 33.74 7.15 -25.62
C ALA A 353 34.11 8.58 -25.22
N LEU A 354 33.57 9.04 -24.10
CA LEU A 354 33.91 10.38 -23.61
C LEU A 354 35.39 10.48 -23.29
N ILE A 355 35.95 9.45 -22.66
CA ILE A 355 37.39 9.45 -22.39
C ILE A 355 38.18 9.44 -23.70
N GLU A 356 37.74 8.63 -24.66
CA GLU A 356 38.44 8.57 -25.94
C GLU A 356 38.44 9.90 -26.66
N PHE A 357 37.29 10.59 -26.67
CA PHE A 357 37.23 11.91 -27.27
C PHE A 357 38.10 12.90 -26.52
N ALA A 358 38.17 12.77 -25.20
CA ALA A 358 39.05 13.64 -24.41
C ALA A 358 40.50 13.43 -24.78
N THR A 359 40.91 12.17 -24.98
CA THR A 359 42.30 11.89 -25.33
C THR A 359 42.65 12.45 -26.71
N VAL A 360 41.77 12.26 -27.68
CA VAL A 360 42.04 12.74 -29.03
C VAL A 360 42.10 14.27 -29.05
N ASN A 361 41.15 14.91 -28.38
CA ASN A 361 41.15 16.37 -28.33
C ASN A 361 42.36 16.91 -27.59
N TYR A 362 42.92 16.13 -26.68
CA TYR A 362 44.14 16.54 -25.98
C TYR A 362 45.34 16.52 -26.91
N PHE A 363 45.48 15.45 -27.70
CA PHE A 363 46.61 15.32 -28.61
C PHE A 363 46.44 16.13 -29.89
N THR A 364 45.25 16.64 -30.17
CA THR A 364 45.01 17.38 -31.40
C THR A 364 45.79 18.69 -31.38
N LYS A 365 46.30 19.07 -32.55
CA LYS A 365 47.07 20.30 -32.75
C LYS A 365 48.38 20.28 -31.97
N SER A 366 48.70 19.16 -31.34
CA SER A 366 50.01 18.94 -30.73
C SER A 366 50.73 17.75 -31.34
N GLN A 367 50.05 16.61 -31.47
CA GLN A 367 50.53 15.45 -32.21
C GLN A 367 49.42 14.97 -33.12
N PRO A 368 49.12 15.73 -34.18
CA PRO A 368 47.97 15.38 -35.03
C PRO A 368 48.06 14.00 -35.65
N ALA A 369 49.27 13.54 -35.98
CA ALA A 369 49.40 12.18 -36.53
C ALA A 369 48.96 11.14 -35.52
N ARG A 370 49.36 11.30 -34.26
CA ARG A 370 48.95 10.34 -33.24
C ARG A 370 47.47 10.44 -32.92
N ALA A 371 46.90 11.64 -32.98
CA ALA A 371 45.48 11.82 -32.69
C ALA A 371 44.61 11.09 -33.70
N ALA A 372 45.00 11.13 -34.98
CA ALA A 372 44.22 10.45 -36.00
C ALA A 372 44.34 8.94 -35.89
N LYS A 373 45.46 8.44 -35.36
CA LYS A 373 45.64 7.00 -35.21
C LYS A 373 44.63 6.43 -34.22
N ILE A 374 44.34 7.16 -33.14
CA ILE A 374 43.39 6.68 -32.14
C ILE A 374 42.01 6.51 -32.76
N ASP A 375 41.57 7.49 -33.54
CA ASP A 375 40.23 7.44 -34.11
C ASP A 375 40.07 6.29 -35.09
N ARG A 376 41.11 5.96 -35.85
CA ARG A 376 41.03 4.83 -36.77
C ARG A 376 40.77 3.54 -36.02
N LEU A 377 41.46 3.32 -34.91
CA LEU A 377 41.24 2.12 -34.12
C LEU A 377 39.90 2.15 -33.41
N SER A 378 39.51 3.31 -32.88
CA SER A 378 38.27 3.40 -32.11
C SER A 378 37.04 3.13 -32.98
N ARG A 379 37.12 3.44 -34.28
CA ARG A 379 36.02 3.11 -35.18
C ARG A 379 35.85 1.61 -35.34
N ILE A 380 36.82 0.81 -34.93
CA ILE A 380 36.77 -0.64 -35.07
C ILE A 380 36.70 -1.33 -33.71
N ALA A 381 37.49 -0.87 -32.75
CA ALA A 381 37.56 -1.55 -31.45
C ALA A 381 36.23 -1.47 -30.73
N PHE A 382 35.66 -0.27 -30.61
CA PHE A 382 34.41 -0.12 -29.88
C PHE A 382 33.26 -0.91 -30.49
N PRO A 383 32.98 -0.84 -31.80
CA PRO A 383 31.90 -1.69 -32.35
C PRO A 383 32.17 -3.17 -32.20
N LEU A 384 33.43 -3.58 -32.28
CA LEU A 384 33.75 -5.00 -32.20
C LEU A 384 33.52 -5.53 -30.79
N LEU A 385 34.02 -4.82 -29.78
CA LEU A 385 33.89 -5.30 -28.41
C LEU A 385 32.44 -5.36 -27.97
N PHE A 386 31.64 -4.34 -28.32
CA PHE A 386 30.23 -4.36 -27.96
C PHE A 386 29.50 -5.50 -28.66
N GLY A 387 29.95 -5.87 -29.87
CA GLY A 387 29.38 -7.03 -30.52
C GLY A 387 29.73 -8.32 -29.81
N ILE A 388 30.96 -8.43 -29.31
CA ILE A 388 31.37 -9.64 -28.60
C ILE A 388 30.65 -9.73 -27.26
N PHE A 389 30.47 -8.61 -26.58
CA PHE A 389 29.83 -8.63 -25.26
C PHE A 389 28.41 -9.13 -25.35
N ASN A 390 27.66 -8.71 -26.38
CA ASN A 390 26.31 -9.21 -26.55
C ASN A 390 26.30 -10.72 -26.76
N LEU A 391 27.27 -11.24 -27.51
CA LEU A 391 27.33 -12.68 -27.73
C LEU A 391 27.56 -13.42 -26.43
N VAL A 392 28.46 -12.90 -25.58
CA VAL A 392 28.73 -13.56 -24.31
C VAL A 392 27.55 -13.41 -23.35
N TYR A 393 26.93 -12.24 -23.33
CA TYR A 393 25.87 -11.97 -22.36
C TYR A 393 24.63 -12.83 -22.63
N TRP A 394 24.17 -12.85 -23.88
CA TRP A 394 22.92 -13.55 -24.18
C TRP A 394 23.09 -15.06 -24.18
N ALA A 395 24.19 -15.56 -24.72
CA ALA A 395 24.42 -17.01 -24.73
C ALA A 395 24.55 -17.55 -23.32
N THR A 396 25.03 -16.74 -22.38
CA THR A 396 25.19 -17.22 -21.01
C THR A 396 23.85 -17.38 -20.31
N TYR A 397 22.95 -16.39 -20.46
CA TYR A 397 21.72 -16.38 -19.69
C TYR A 397 20.55 -17.06 -20.39
N LEU A 398 20.40 -16.87 -21.70
CA LEU A 398 19.25 -17.45 -22.39
C LEU A 398 19.28 -18.97 -22.37
N ASN A 399 20.47 -19.56 -22.32
CA ASN A 399 20.56 -21.02 -22.32
C ASN A 399 20.07 -21.62 -21.01
N ARG A 400 20.22 -20.90 -19.90
CA ARG A 400 19.79 -21.41 -18.61
C ARG A 400 18.28 -21.59 -18.55
N ASN B 62 -55.65 -5.00 15.80
CA ASN B 62 -55.16 -4.78 14.45
C ASN B 62 -53.68 -5.15 14.35
N MET B 63 -52.82 -4.35 14.97
CA MET B 63 -51.38 -4.63 14.92
C MET B 63 -51.05 -5.93 15.64
N SER B 64 -51.84 -6.30 16.64
CA SER B 64 -51.66 -7.60 17.27
C SER B 64 -51.92 -8.73 16.29
N PHE B 65 -52.93 -8.57 15.42
CA PHE B 65 -53.20 -9.57 14.40
C PHE B 65 -52.02 -9.67 13.43
N VAL B 66 -51.44 -8.54 13.05
CA VAL B 66 -50.26 -8.55 12.19
C VAL B 66 -49.10 -9.24 12.89
N LYS B 67 -48.90 -8.93 14.17
CA LYS B 67 -47.85 -9.59 14.93
C LYS B 67 -48.11 -11.09 15.07
N GLU B 68 -49.37 -11.45 15.30
CA GLU B 68 -49.71 -12.86 15.46
C GLU B 68 -49.43 -13.65 14.18
N THR B 69 -49.78 -13.09 13.02
CA THR B 69 -49.60 -13.81 11.77
C THR B 69 -48.13 -14.05 11.47
N VAL B 70 -47.28 -13.04 11.69
CA VAL B 70 -45.85 -13.17 11.39
C VAL B 70 -45.22 -14.23 12.29
N ASP B 71 -45.57 -14.22 13.58
CA ASP B 71 -44.98 -15.19 14.50
C ASP B 71 -45.36 -16.62 14.13
N LYS B 72 -46.54 -16.82 13.54
CA LYS B 72 -46.93 -18.15 13.12
C LYS B 72 -46.03 -18.67 12.01
N LEU B 73 -45.66 -17.80 11.08
CA LEU B 73 -44.81 -18.22 9.97
C LEU B 73 -43.44 -18.67 10.44
N LEU B 74 -42.83 -17.91 11.36
CA LEU B 74 -41.48 -18.23 11.78
C LEU B 74 -41.44 -19.46 12.68
N LYS B 75 -42.49 -19.70 13.45
CA LYS B 75 -42.57 -20.92 14.25
C LYS B 75 -42.70 -22.13 13.34
N GLY B 76 -41.90 -23.16 13.62
CA GLY B 76 -41.90 -24.33 12.77
C GLY B 76 -41.23 -24.14 11.43
N TYR B 77 -40.34 -23.17 11.31
CA TYR B 77 -39.63 -22.88 10.07
C TYR B 77 -38.22 -23.46 10.16
N ASP B 78 -37.86 -24.30 9.21
CA ASP B 78 -36.55 -24.93 9.16
C ASP B 78 -35.71 -24.20 8.12
N ILE B 79 -34.80 -23.35 8.59
CA ILE B 79 -33.97 -22.55 7.68
C ILE B 79 -33.03 -23.44 6.88
N ARG B 80 -32.67 -24.60 7.42
CA ARG B 80 -31.69 -25.46 6.77
C ARG B 80 -32.21 -26.09 5.48
N LEU B 81 -33.50 -26.00 5.20
CA LEU B 81 -34.11 -26.63 4.04
C LEU B 81 -34.59 -25.57 3.07
N ARG B 82 -34.17 -25.69 1.82
CA ARG B 82 -34.64 -24.80 0.77
C ARG B 82 -36.13 -25.05 0.51
N PRO B 83 -36.83 -24.07 -0.05
CA PRO B 83 -38.24 -24.28 -0.39
C PRO B 83 -38.40 -25.46 -1.33
N ASP B 84 -39.44 -26.26 -1.08
CA ASP B 84 -39.68 -27.51 -1.82
C ASP B 84 -38.43 -28.39 -1.80
N PHE B 85 -37.87 -28.57 -0.61
CA PHE B 85 -36.72 -29.44 -0.47
C PHE B 85 -37.08 -30.87 -0.83
N GLY B 86 -36.17 -31.54 -1.54
CA GLY B 86 -36.45 -32.89 -2.01
C GLY B 86 -37.62 -32.94 -2.97
N GLY B 87 -37.67 -32.02 -3.94
CA GLY B 87 -38.73 -31.97 -4.90
C GLY B 87 -38.37 -31.13 -6.10
N PRO B 88 -39.35 -30.40 -6.63
CA PRO B 88 -39.09 -29.57 -7.80
C PRO B 88 -38.07 -28.49 -7.47
N PRO B 89 -37.24 -28.10 -8.43
CA PRO B 89 -36.26 -27.05 -8.17
C PRO B 89 -36.93 -25.70 -7.98
N VAL B 90 -36.29 -24.85 -7.20
CA VAL B 90 -36.78 -23.50 -6.91
C VAL B 90 -36.27 -22.55 -7.99
N CYS B 91 -37.02 -21.50 -8.24
CA CYS B 91 -36.69 -20.52 -9.27
C CYS B 91 -36.43 -19.17 -8.62
N VAL B 92 -35.31 -18.54 -8.98
CA VAL B 92 -34.91 -17.25 -8.44
C VAL B 92 -34.71 -16.28 -9.59
N GLY B 93 -35.51 -15.23 -9.64
CA GLY B 93 -35.37 -14.17 -10.63
C GLY B 93 -34.53 -13.04 -10.05
N MET B 94 -33.68 -12.46 -10.89
CA MET B 94 -32.72 -11.46 -10.45
C MET B 94 -32.87 -10.18 -11.26
N ASN B 95 -32.83 -9.05 -10.54
CA ASN B 95 -32.76 -7.73 -11.15
C ASN B 95 -31.58 -7.00 -10.55
N ILE B 96 -30.88 -6.24 -11.38
CA ILE B 96 -29.75 -5.44 -10.95
C ILE B 96 -29.97 -4.00 -11.41
N ASP B 97 -29.77 -3.05 -10.51
CA ASP B 97 -29.84 -1.63 -10.84
C ASP B 97 -28.46 -1.05 -10.54
N ILE B 98 -27.65 -0.89 -11.59
CA ILE B 98 -26.28 -0.43 -11.40
C ILE B 98 -26.29 1.03 -10.99
N ALA B 99 -25.56 1.35 -9.91
CA ALA B 99 -25.47 2.71 -9.41
C ALA B 99 -24.21 3.43 -9.86
N SER B 100 -23.10 2.73 -10.00
CA SER B 100 -21.87 3.36 -10.42
C SER B 100 -20.86 2.29 -10.81
N ILE B 101 -20.03 2.62 -11.80
CA ILE B 101 -18.87 1.82 -12.18
C ILE B 101 -17.67 2.76 -12.22
N ASP B 102 -16.58 2.38 -11.58
CA ASP B 102 -15.43 3.26 -11.49
C ASP B 102 -14.19 2.43 -11.20
N MET B 103 -13.04 3.10 -11.14
CA MET B 103 -11.77 2.49 -10.81
C MET B 103 -11.44 1.34 -11.77
N VAL B 104 -11.74 1.53 -13.05
CA VAL B 104 -11.36 0.56 -14.06
C VAL B 104 -9.85 0.68 -14.27
N SER B 105 -9.09 -0.20 -13.63
CA SER B 105 -7.64 -0.10 -13.61
C SER B 105 -7.02 -1.22 -14.45
N GLU B 106 -6.16 -0.83 -15.38
CA GLU B 106 -5.39 -1.80 -16.14
C GLU B 106 -4.24 -2.39 -15.33
N VAL B 107 -3.82 -1.70 -14.27
CA VAL B 107 -2.73 -2.21 -13.44
C VAL B 107 -3.15 -3.50 -12.74
N ASN B 108 -4.35 -3.50 -12.16
CA ASN B 108 -4.83 -4.65 -11.41
C ASN B 108 -5.80 -5.52 -12.19
N MET B 109 -6.19 -5.11 -13.40
CA MET B 109 -7.13 -5.86 -14.24
C MET B 109 -8.44 -6.10 -13.50
N ASP B 110 -9.06 -5.01 -13.05
CA ASP B 110 -10.27 -5.11 -12.25
C ASP B 110 -11.08 -3.83 -12.42
N TYR B 111 -12.35 -3.92 -12.03
CA TYR B 111 -13.23 -2.76 -11.99
C TYR B 111 -14.10 -2.85 -10.75
N THR B 112 -14.54 -1.69 -10.27
CA THR B 112 -15.36 -1.59 -9.08
C THR B 112 -16.80 -1.31 -9.47
N LEU B 113 -17.72 -2.12 -8.95
CA LEU B 113 -19.13 -2.05 -9.33
C LEU B 113 -19.98 -1.91 -8.07
N THR B 114 -20.90 -0.95 -8.09
CA THR B 114 -21.87 -0.75 -7.03
C THR B 114 -23.27 -0.92 -7.61
N MET B 115 -24.09 -1.73 -6.97
CA MET B 115 -25.38 -2.08 -7.54
C MET B 115 -26.38 -2.38 -6.44
N TYR B 116 -27.66 -2.37 -6.82
CA TYR B 116 -28.75 -2.78 -5.95
C TYR B 116 -29.17 -4.19 -6.35
N PHE B 117 -28.43 -5.17 -5.85
CA PHE B 117 -28.68 -6.56 -6.21
C PHE B 117 -29.98 -7.03 -5.57
N GLN B 118 -30.85 -7.61 -6.39
CA GLN B 118 -32.17 -8.04 -5.92
C GLN B 118 -32.46 -9.45 -6.40
N GLN B 119 -33.12 -10.23 -5.55
CA GLN B 119 -33.51 -11.59 -5.86
C GLN B 119 -34.98 -11.77 -5.57
N TYR B 120 -35.60 -12.73 -6.25
CA TYR B 120 -37.05 -12.83 -6.27
C TYR B 120 -37.42 -14.30 -6.44
N TRP B 121 -37.85 -14.94 -5.36
CA TRP B 121 -38.24 -16.34 -5.39
C TRP B 121 -39.53 -16.51 -4.59
N ARG B 122 -40.04 -17.73 -4.57
CA ARG B 122 -41.29 -18.04 -3.89
C ARG B 122 -41.07 -19.16 -2.87
N ASP B 123 -41.55 -18.94 -1.65
CA ASP B 123 -41.54 -19.95 -0.60
C ASP B 123 -42.98 -20.15 -0.14
N LYS B 124 -43.49 -21.37 -0.28
CA LYS B 124 -44.87 -21.64 0.10
C LYS B 124 -45.06 -21.66 1.61
N ARG B 125 -43.98 -21.79 2.38
CA ARG B 125 -44.09 -21.82 3.83
C ARG B 125 -44.40 -20.46 4.41
N LEU B 126 -44.21 -19.38 3.64
CA LEU B 126 -44.41 -18.03 4.12
C LEU B 126 -45.73 -17.42 3.66
N ALA B 127 -46.64 -18.22 3.12
CA ALA B 127 -47.92 -17.69 2.67
C ALA B 127 -48.80 -17.35 3.86
N TYR B 128 -49.53 -16.24 3.75
CA TYR B 128 -50.46 -15.82 4.78
C TYR B 128 -51.70 -15.25 4.12
N SER B 129 -52.81 -15.26 4.85
CA SER B 129 -54.09 -14.78 4.35
C SER B 129 -54.73 -13.87 5.39
N GLY B 130 -55.62 -13.01 4.92
CA GLY B 130 -56.34 -12.09 5.78
C GLY B 130 -55.68 -10.75 5.95
N ILE B 131 -54.46 -10.56 5.45
CA ILE B 131 -53.78 -9.28 5.54
C ILE B 131 -53.45 -8.81 4.12
N PRO B 132 -54.31 -8.00 3.50
CA PRO B 132 -54.05 -7.59 2.11
C PRO B 132 -52.95 -6.55 1.99
N LEU B 133 -51.73 -6.90 2.39
CA LEU B 133 -50.61 -5.98 2.33
C LEU B 133 -49.34 -6.76 2.03
N ASN B 134 -48.35 -6.05 1.51
CA ASN B 134 -47.02 -6.59 1.27
C ASN B 134 -46.13 -6.17 2.44
N LEU B 135 -45.99 -7.07 3.42
CA LEU B 135 -45.24 -6.72 4.62
C LEU B 135 -43.77 -6.52 4.30
N THR B 136 -43.22 -5.40 4.77
CA THR B 136 -41.80 -5.10 4.65
C THR B 136 -41.20 -5.23 6.04
N LEU B 137 -40.73 -6.43 6.36
CA LEU B 137 -40.17 -6.70 7.68
C LEU B 137 -38.80 -6.07 7.82
N ASP B 138 -38.37 -5.91 9.07
CA ASP B 138 -37.05 -5.37 9.35
C ASP B 138 -35.98 -6.30 8.78
N ASN B 139 -34.86 -5.71 8.37
CA ASN B 139 -33.83 -6.46 7.65
C ASN B 139 -33.23 -7.58 8.50
N ARG B 140 -33.38 -7.53 9.82
CA ARG B 140 -32.82 -8.58 10.65
C ARG B 140 -33.58 -9.89 10.55
N VAL B 141 -34.76 -9.89 9.93
CA VAL B 141 -35.50 -11.14 9.74
C VAL B 141 -34.89 -12.01 8.67
N ALA B 142 -33.95 -11.48 7.88
CA ALA B 142 -33.29 -12.29 6.86
C ALA B 142 -32.49 -13.43 7.48
N ASP B 143 -31.97 -13.22 8.69
CA ASP B 143 -31.20 -14.28 9.35
C ASP B 143 -32.06 -15.46 9.74
N GLN B 144 -33.39 -15.28 9.81
CA GLN B 144 -34.29 -16.34 10.22
C GLN B 144 -34.99 -17.02 9.06
N LEU B 145 -34.73 -16.59 7.82
CA LEU B 145 -35.34 -17.17 6.64
C LEU B 145 -34.26 -17.78 5.75
N TRP B 146 -34.72 -18.54 4.75
CA TRP B 146 -33.82 -19.12 3.76
C TRP B 146 -33.62 -18.14 2.62
N VAL B 147 -32.37 -17.91 2.24
CA VAL B 147 -32.03 -17.06 1.11
C VAL B 147 -31.08 -17.81 0.20
N PRO B 148 -31.10 -17.56 -1.10
CA PRO B 148 -30.18 -18.28 -2.00
C PRO B 148 -28.73 -17.93 -1.72
N ASP B 149 -27.86 -18.90 -1.96
CA ASP B 149 -26.43 -18.73 -1.73
C ASP B 149 -25.73 -18.21 -2.99
N THR B 150 -26.25 -17.11 -3.53
CA THR B 150 -25.69 -16.54 -4.74
C THR B 150 -24.32 -15.93 -4.46
N TYR B 151 -23.35 -16.27 -5.29
CA TYR B 151 -22.01 -15.72 -5.19
C TYR B 151 -21.53 -15.30 -6.56
N PHE B 152 -20.61 -14.34 -6.58
CA PHE B 152 -20.03 -13.82 -7.81
C PHE B 152 -18.68 -14.50 -8.02
N LEU B 153 -18.53 -15.19 -9.15
CA LEU B 153 -17.34 -16.02 -9.34
C LEU B 153 -16.08 -15.17 -9.43
N ASN B 154 -16.12 -14.06 -10.17
CA ASN B 154 -14.91 -13.29 -10.45
C ASN B 154 -14.80 -12.05 -9.55
N ASP B 155 -15.24 -12.15 -8.31
CA ASP B 155 -15.10 -11.05 -7.37
C ASP B 155 -13.82 -11.20 -6.56
N LYS B 156 -13.24 -10.07 -6.17
CA LYS B 156 -12.01 -10.05 -5.41
C LYS B 156 -12.17 -9.47 -4.02
N LYS B 157 -13.00 -8.44 -3.86
CA LYS B 157 -13.27 -7.86 -2.56
C LYS B 157 -14.63 -7.16 -2.62
N SER B 158 -15.62 -7.74 -1.97
CA SER B 158 -16.97 -7.20 -1.99
C SER B 158 -17.49 -7.08 -0.55
N PHE B 159 -18.42 -6.16 -0.37
CA PHE B 159 -19.03 -5.95 0.94
C PHE B 159 -20.42 -5.37 0.76
N VAL B 160 -21.22 -5.45 1.82
CA VAL B 160 -22.55 -4.88 1.86
C VAL B 160 -22.50 -3.67 2.80
N HIS B 161 -22.93 -2.51 2.29
CA HIS B 161 -22.84 -1.29 3.08
C HIS B 161 -23.71 -1.40 4.33
N GLY B 162 -23.23 -0.81 5.42
CA GLY B 162 -23.90 -0.95 6.70
C GLY B 162 -24.16 0.34 7.44
N VAL B 163 -24.50 1.40 6.72
CA VAL B 163 -24.85 2.68 7.32
C VAL B 163 -26.19 3.13 6.76
N THR B 164 -27.12 3.47 7.64
CA THR B 164 -26.91 3.45 9.08
C THR B 164 -27.20 2.07 9.67
N VAL B 165 -27.77 1.21 8.85
CA VAL B 165 -27.92 -0.21 9.16
C VAL B 165 -27.47 -1.00 7.95
N LYS B 166 -27.49 -2.32 8.08
CA LYS B 166 -27.13 -3.20 6.98
C LYS B 166 -28.11 -3.00 5.83
N ASN B 167 -27.59 -2.60 4.67
CA ASN B 167 -28.44 -2.30 3.53
C ASN B 167 -29.02 -3.60 2.99
N ARG B 168 -30.27 -3.87 3.35
CA ARG B 168 -30.90 -5.15 3.04
C ARG B 168 -32.39 -5.00 3.31
N MET B 169 -33.22 -5.63 2.48
CA MET B 169 -34.66 -5.56 2.62
C MET B 169 -35.28 -6.94 2.50
N ILE B 170 -36.42 -7.11 3.14
CA ILE B 170 -37.26 -8.30 3.03
C ILE B 170 -38.69 -7.83 2.84
N ARG B 171 -39.35 -8.32 1.79
CA ARG B 171 -40.71 -7.90 1.50
C ARG B 171 -41.52 -9.14 1.13
N LEU B 172 -42.17 -9.73 2.13
CA LEU B 172 -43.04 -10.86 1.88
C LEU B 172 -44.30 -10.43 1.15
N HIS B 173 -44.90 -11.37 0.44
CA HIS B 173 -46.13 -11.17 -0.30
C HIS B 173 -47.14 -12.22 0.11
N PRO B 174 -48.44 -11.95 -0.04
CA PRO B 174 -49.45 -12.89 0.46
C PRO B 174 -49.34 -14.28 -0.14
N ASP B 175 -48.92 -14.40 -1.40
CA ASP B 175 -48.76 -15.70 -2.03
C ASP B 175 -47.52 -16.44 -1.56
N GLY B 176 -46.69 -15.82 -0.74
CA GLY B 176 -45.44 -16.40 -0.29
C GLY B 176 -44.22 -15.92 -1.02
N THR B 177 -44.37 -15.02 -1.99
CA THR B 177 -43.23 -14.51 -2.73
C THR B 177 -42.36 -13.63 -1.83
N VAL B 178 -41.05 -13.76 -1.97
CA VAL B 178 -40.08 -13.01 -1.19
C VAL B 178 -39.24 -12.17 -2.14
N LEU B 179 -39.08 -10.89 -1.81
CA LEU B 179 -38.24 -9.96 -2.56
C LEU B 179 -37.08 -9.56 -1.66
N TYR B 180 -35.91 -10.14 -1.90
CA TYR B 180 -34.72 -9.95 -1.08
C TYR B 180 -33.71 -9.16 -1.87
N GLY B 181 -33.29 -8.02 -1.35
CA GLY B 181 -32.39 -7.13 -2.07
C GLY B 181 -31.27 -6.63 -1.19
N LEU B 182 -30.09 -6.49 -1.79
CA LEU B 182 -28.89 -6.02 -1.10
C LEU B 182 -28.34 -4.80 -1.83
N ARG B 183 -27.26 -4.25 -1.29
CA ARG B 183 -26.55 -3.11 -1.89
C ARG B 183 -25.07 -3.43 -1.79
N ILE B 184 -24.47 -3.83 -2.91
CA ILE B 184 -23.16 -4.48 -2.92
C ILE B 184 -22.18 -3.63 -3.71
N THR B 185 -20.96 -3.53 -3.19
CA THR B 185 -19.85 -2.91 -3.90
C THR B 185 -18.79 -3.97 -4.16
N THR B 186 -18.60 -4.30 -5.43
CA THR B 186 -17.78 -5.44 -5.82
C THR B 186 -16.60 -4.98 -6.66
N THR B 187 -15.42 -5.53 -6.38
CA THR B 187 -14.23 -5.32 -7.21
C THR B 187 -14.03 -6.58 -8.05
N ALA B 188 -14.76 -6.66 -9.15
CA ALA B 188 -14.67 -7.81 -10.02
C ALA B 188 -13.36 -7.79 -10.81
N ALA B 189 -13.02 -8.93 -11.38
CA ALA B 189 -11.77 -9.09 -12.13
C ALA B 189 -12.07 -9.38 -13.58
N CYS B 190 -11.40 -8.65 -14.49
CA CYS B 190 -11.49 -8.92 -15.92
C CYS B 190 -10.13 -8.67 -16.54
N MET B 191 -9.50 -9.73 -17.04
CA MET B 191 -8.22 -9.60 -17.71
C MET B 191 -8.39 -8.82 -19.01
N MET B 192 -7.42 -7.94 -19.28
CA MET B 192 -7.47 -7.06 -20.44
C MET B 192 -6.40 -7.44 -21.45
N ASP B 193 -6.74 -7.31 -22.72
CA ASP B 193 -5.82 -7.58 -23.82
C ASP B 193 -5.38 -6.23 -24.39
N LEU B 194 -4.18 -5.80 -24.02
CA LEU B 194 -3.66 -4.50 -24.41
C LEU B 194 -2.80 -4.55 -25.66
N ARG B 195 -3.00 -5.55 -26.52
CA ARG B 195 -2.23 -5.62 -27.76
C ARG B 195 -2.51 -4.43 -28.66
N ARG B 196 -3.77 -4.02 -28.75
CA ARG B 196 -4.18 -2.91 -29.61
C ARG B 196 -4.29 -1.61 -28.82
N TYR B 197 -3.71 -1.55 -27.63
CA TYR B 197 -3.77 -0.34 -26.83
C TYR B 197 -3.08 0.81 -27.58
N PRO B 198 -3.61 2.04 -27.50
CA PRO B 198 -4.84 2.45 -26.84
C PRO B 198 -6.03 2.47 -27.78
N LEU B 199 -6.05 1.61 -28.79
CA LEU B 199 -7.19 1.45 -29.68
C LEU B 199 -8.02 0.23 -29.32
N ASP B 200 -7.80 -0.32 -28.13
CA ASP B 200 -8.37 -1.61 -27.76
C ASP B 200 -9.87 -1.48 -27.49
N GLU B 201 -10.47 -2.60 -27.08
CA GLU B 201 -11.89 -2.63 -26.75
C GLU B 201 -12.10 -3.78 -25.76
N GLN B 202 -12.23 -3.44 -24.49
CA GLN B 202 -12.31 -4.44 -23.45
C GLN B 202 -13.73 -4.99 -23.32
N ASN B 203 -13.86 -6.07 -22.57
CA ASN B 203 -15.16 -6.71 -22.32
C ASN B 203 -15.10 -7.32 -20.92
N CYS B 204 -15.57 -6.56 -19.94
CA CYS B 204 -15.56 -6.97 -18.55
C CYS B 204 -16.93 -7.49 -18.16
N THR B 205 -16.96 -8.63 -17.47
CA THR B 205 -18.20 -9.34 -17.16
C THR B 205 -18.39 -9.42 -15.64
N LEU B 206 -19.41 -10.18 -15.23
CA LEU B 206 -19.68 -10.44 -13.82
C LEU B 206 -20.44 -11.74 -13.74
N GLU B 207 -19.79 -12.79 -13.25
CA GLU B 207 -20.35 -14.13 -13.26
C GLU B 207 -21.15 -14.36 -11.98
N ILE B 208 -22.47 -14.50 -12.13
CA ILE B 208 -23.38 -14.74 -11.03
C ILE B 208 -23.74 -16.22 -11.01
N GLU B 209 -23.53 -16.88 -9.89
CA GLU B 209 -23.70 -18.32 -9.83
C GLU B 209 -24.12 -18.74 -8.43
N SER B 210 -24.86 -19.84 -8.35
CA SER B 210 -25.13 -20.50 -7.08
C SER B 210 -23.94 -21.37 -6.70
N TYR B 211 -23.75 -21.55 -5.39
CA TYR B 211 -22.59 -22.29 -4.90
C TYR B 211 -22.93 -23.71 -4.50
N GLY B 212 -23.86 -23.89 -3.57
CA GLY B 212 -24.12 -25.20 -3.02
C GLY B 212 -25.22 -26.00 -3.68
N TYR B 213 -26.05 -25.33 -4.49
CA TYR B 213 -27.22 -25.96 -5.09
C TYR B 213 -27.01 -26.14 -6.58
N THR B 214 -27.24 -27.36 -7.05
CA THR B 214 -27.07 -27.68 -8.46
C THR B 214 -28.34 -27.33 -9.24
N THR B 215 -28.34 -27.63 -10.54
CA THR B 215 -29.49 -27.32 -11.38
C THR B 215 -30.71 -28.15 -11.02
N ASP B 216 -30.56 -29.20 -10.22
CA ASP B 216 -31.70 -29.97 -9.75
C ASP B 216 -32.42 -29.30 -8.59
N ASP B 217 -31.84 -28.25 -8.01
CA ASP B 217 -32.41 -27.58 -6.85
C ASP B 217 -32.78 -26.13 -7.12
N ILE B 218 -31.97 -25.39 -7.84
CA ILE B 218 -32.21 -23.96 -8.06
C ILE B 218 -31.99 -23.64 -9.52
N GLU B 219 -32.83 -22.75 -10.05
CA GLU B 219 -32.73 -22.29 -11.43
C GLU B 219 -32.74 -20.78 -11.46
N PHE B 220 -31.78 -20.19 -12.16
CA PHE B 220 -31.68 -18.75 -12.28
C PHE B 220 -32.27 -18.28 -13.60
N TYR B 221 -32.72 -17.02 -13.61
CA TYR B 221 -33.24 -16.38 -14.81
C TYR B 221 -33.35 -14.90 -14.55
N TRP B 222 -33.11 -14.10 -15.58
CA TRP B 222 -33.26 -12.66 -15.45
C TRP B 222 -34.74 -12.32 -15.38
N ARG B 223 -35.12 -11.50 -14.41
CA ARG B 223 -36.51 -11.13 -14.20
C ARG B 223 -36.80 -9.85 -15.00
N GLY B 224 -37.72 -9.96 -15.95
CA GLY B 224 -38.02 -8.87 -16.86
C GLY B 224 -37.32 -8.95 -18.20
N GLY B 225 -36.71 -10.08 -18.53
CA GLY B 225 -36.04 -10.20 -19.82
C GLY B 225 -34.80 -9.33 -19.89
N ASP B 226 -34.59 -8.72 -21.06
CA ASP B 226 -33.44 -7.87 -21.27
C ASP B 226 -33.50 -6.56 -20.49
N LYS B 227 -34.64 -6.25 -19.88
CA LYS B 227 -34.77 -5.07 -19.04
C LYS B 227 -34.43 -5.35 -17.58
N ALA B 228 -33.77 -6.48 -17.30
CA ALA B 228 -33.42 -6.81 -15.93
C ALA B 228 -32.41 -5.82 -15.35
N VAL B 229 -31.43 -5.42 -16.14
CA VAL B 229 -30.38 -4.51 -15.70
C VAL B 229 -30.70 -3.11 -16.20
N THR B 230 -30.68 -2.13 -15.29
CA THR B 230 -30.95 -0.75 -15.61
C THR B 230 -29.80 0.12 -15.09
N GLY B 231 -29.86 1.40 -15.40
CA GLY B 231 -28.88 2.35 -14.92
C GLY B 231 -27.57 2.39 -15.67
N VAL B 232 -27.45 1.62 -16.75
CA VAL B 232 -26.20 1.61 -17.52
C VAL B 232 -25.98 2.96 -18.19
N GLU B 233 -27.05 3.61 -18.64
CA GLU B 233 -26.92 4.85 -19.40
C GLU B 233 -26.27 5.96 -18.59
N ARG B 234 -26.64 6.08 -17.32
CA ARG B 234 -26.12 7.17 -16.49
C ARG B 234 -24.64 7.01 -16.18
N ILE B 235 -24.05 5.84 -16.44
CA ILE B 235 -22.68 5.59 -16.04
C ILE B 235 -21.73 6.44 -16.87
N GLU B 236 -20.79 7.11 -16.19
CA GLU B 236 -19.76 7.91 -16.85
C GLU B 236 -18.39 7.37 -16.44
N LEU B 237 -17.55 7.10 -17.44
CA LEU B 237 -16.21 6.62 -17.20
C LEU B 237 -15.21 7.61 -17.78
N PRO B 238 -14.18 8.02 -17.02
CA PRO B 238 -13.27 9.06 -17.52
C PRO B 238 -12.57 8.69 -18.80
N GLN B 239 -12.21 7.43 -18.98
CA GLN B 239 -11.44 7.01 -20.14
C GLN B 239 -12.19 6.10 -21.08
N PHE B 240 -13.09 5.26 -20.58
CA PHE B 240 -13.85 4.33 -21.40
C PHE B 240 -15.24 4.88 -21.69
N SER B 241 -15.91 4.24 -22.65
CA SER B 241 -17.28 4.56 -22.98
C SER B 241 -18.03 3.25 -23.20
N ILE B 242 -19.17 3.10 -22.52
CA ILE B 242 -19.94 1.87 -22.61
C ILE B 242 -20.67 1.82 -23.95
N VAL B 243 -20.46 0.74 -24.68
CA VAL B 243 -21.04 0.58 -26.01
C VAL B 243 -22.25 -0.35 -25.99
N GLU B 244 -22.13 -1.49 -25.30
CA GLU B 244 -23.20 -2.47 -25.31
C GLU B 244 -23.09 -3.33 -24.06
N HIS B 245 -24.24 -3.70 -23.50
CA HIS B 245 -24.29 -4.65 -22.40
C HIS B 245 -25.20 -5.81 -22.79
N ARG B 246 -24.86 -6.99 -22.30
CA ARG B 246 -25.53 -8.22 -22.73
C ARG B 246 -25.82 -9.10 -21.52
N LEU B 247 -26.87 -9.90 -21.64
CA LEU B 247 -27.31 -10.79 -20.58
C LEU B 247 -27.27 -12.23 -21.09
N VAL B 248 -26.72 -13.13 -20.28
CA VAL B 248 -26.52 -14.52 -20.66
C VAL B 248 -26.97 -15.42 -19.52
N SER B 249 -27.71 -16.47 -19.86
CA SER B 249 -28.11 -17.49 -18.90
C SER B 249 -27.70 -18.85 -19.43
N ARG B 250 -27.01 -19.63 -18.60
CA ARG B 250 -26.45 -20.91 -19.03
C ARG B 250 -26.07 -21.71 -17.80
N ASN B 251 -25.49 -22.89 -18.03
CA ASN B 251 -25.03 -23.77 -16.97
C ASN B 251 -23.51 -23.92 -17.04
N VAL B 252 -22.92 -24.22 -15.89
CA VAL B 252 -21.49 -24.51 -15.79
C VAL B 252 -21.32 -25.83 -15.04
N VAL B 253 -20.46 -26.69 -15.56
CA VAL B 253 -20.26 -28.04 -15.04
C VAL B 253 -18.91 -28.10 -14.36
N PHE B 254 -18.92 -28.44 -13.08
CA PHE B 254 -17.70 -28.67 -12.31
C PHE B 254 -17.61 -30.14 -11.93
N ALA B 255 -16.59 -30.47 -11.15
CA ALA B 255 -16.42 -31.85 -10.69
C ALA B 255 -17.48 -32.26 -9.69
N THR B 256 -18.28 -31.32 -9.18
CA THR B 256 -19.30 -31.62 -8.19
C THR B 256 -20.71 -31.62 -8.77
N GLY B 257 -20.90 -31.15 -9.99
CA GLY B 257 -22.20 -31.15 -10.61
C GLY B 257 -22.34 -29.95 -11.53
N ALA B 258 -23.57 -29.74 -12.00
CA ALA B 258 -23.90 -28.64 -12.89
C ALA B 258 -24.66 -27.58 -12.11
N TYR B 259 -24.28 -26.32 -12.31
CA TYR B 259 -24.87 -25.22 -11.55
C TYR B 259 -25.40 -24.15 -12.50
N PRO B 260 -26.48 -23.47 -12.14
CA PRO B 260 -26.97 -22.37 -12.97
C PRO B 260 -26.01 -21.19 -12.92
N ARG B 261 -26.01 -20.41 -14.00
CA ARG B 261 -25.14 -19.26 -14.08
C ARG B 261 -25.80 -18.16 -14.89
N LEU B 262 -25.70 -16.93 -14.40
CA LEU B 262 -26.07 -15.73 -15.12
C LEU B 262 -24.83 -14.90 -15.37
N SER B 263 -24.80 -14.18 -16.49
CA SER B 263 -23.63 -13.41 -16.87
C SER B 263 -24.05 -12.04 -17.37
N LEU B 264 -23.51 -11.00 -16.74
CA LEU B 264 -23.71 -9.62 -17.15
C LEU B 264 -22.38 -9.08 -17.65
N SER B 265 -22.35 -8.62 -18.90
CA SER B 265 -21.11 -8.23 -19.56
C SER B 265 -21.27 -6.87 -20.24
N PHE B 266 -20.25 -6.04 -20.09
CA PHE B 266 -20.17 -4.75 -20.77
C PHE B 266 -19.02 -4.77 -21.75
N ARG B 267 -19.18 -4.02 -22.84
CA ARG B 267 -18.12 -3.87 -23.85
C ARG B 267 -17.66 -2.43 -23.81
N LEU B 268 -16.41 -2.22 -23.41
CA LEU B 268 -15.85 -0.89 -23.21
C LEU B 268 -14.86 -0.58 -24.32
N LYS B 269 -15.03 0.58 -24.95
CA LYS B 269 -14.12 1.07 -25.97
C LYS B 269 -13.43 2.32 -25.45
N ARG B 270 -12.11 2.33 -25.49
CA ARG B 270 -11.34 3.43 -24.94
C ARG B 270 -11.52 4.70 -25.78
N ASN B 271 -11.53 5.84 -25.10
CA ASN B 271 -11.63 7.14 -25.76
C ASN B 271 -10.26 7.51 -26.32
N ILE B 272 -10.11 7.43 -27.63
CA ILE B 272 -8.82 7.69 -28.27
C ILE B 272 -8.51 9.17 -28.37
N GLY B 273 -9.45 10.05 -28.01
CA GLY B 273 -9.23 11.47 -28.18
C GLY B 273 -8.09 12.02 -27.36
N TYR B 274 -7.87 11.46 -26.17
CA TYR B 274 -6.81 11.97 -25.30
C TYR B 274 -5.43 11.66 -25.87
N PHE B 275 -5.20 10.41 -26.28
CA PHE B 275 -3.87 10.00 -26.72
C PHE B 275 -3.45 10.72 -27.99
N ILE B 276 -4.39 10.96 -28.90
CA ILE B 276 -4.05 11.60 -30.17
C ILE B 276 -3.45 12.98 -29.93
N LEU B 277 -4.06 13.75 -29.03
CA LEU B 277 -3.60 15.09 -28.73
C LEU B 277 -2.55 15.13 -27.63
N GLN B 278 -2.10 13.97 -27.15
CA GLN B 278 -1.14 13.94 -26.07
C GLN B 278 0.13 13.17 -26.41
N THR B 279 0.03 12.07 -27.15
CA THR B 279 1.18 11.25 -27.48
C THR B 279 1.43 11.14 -28.97
N TYR B 280 0.40 10.82 -29.76
CA TYR B 280 0.60 10.65 -31.19
C TYR B 280 1.03 11.95 -31.87
N MET B 281 0.40 13.07 -31.51
CA MET B 281 0.79 14.34 -32.11
C MET B 281 2.22 14.74 -31.79
N PRO B 282 2.69 14.70 -30.53
CA PRO B 282 4.10 15.04 -30.28
C PRO B 282 5.07 14.13 -31.00
N SER B 283 4.72 12.87 -31.21
CA SER B 283 5.60 11.96 -31.95
C SER B 283 5.77 12.41 -33.39
N ILE B 284 4.67 12.81 -34.04
CA ILE B 284 4.74 13.19 -35.45
C ILE B 284 5.55 14.47 -35.61
N LEU B 285 5.30 15.47 -34.75
CA LEU B 285 5.98 16.75 -34.91
C LEU B 285 7.49 16.61 -34.77
N ILE B 286 7.95 15.85 -33.79
CA ILE B 286 9.39 15.65 -33.62
C ILE B 286 9.97 14.94 -34.84
N THR B 287 9.29 13.92 -35.34
CA THR B 287 9.78 13.22 -36.51
C THR B 287 9.87 14.14 -37.71
N ILE B 288 8.83 14.96 -37.93
CA ILE B 288 8.88 15.92 -39.02
C ILE B 288 9.94 16.98 -38.74
N LEU B 289 10.11 17.37 -37.49
CA LEU B 289 11.14 18.33 -37.15
C LEU B 289 12.54 17.81 -37.44
N SER B 290 12.70 16.49 -37.58
CA SER B 290 14.02 15.94 -37.86
C SER B 290 14.43 16.18 -39.30
N TRP B 291 13.48 16.26 -40.23
CA TRP B 291 13.80 16.38 -41.64
C TRP B 291 14.34 17.75 -42.00
N VAL B 292 14.23 18.73 -41.10
CA VAL B 292 14.67 20.09 -41.42
C VAL B 292 16.17 20.13 -41.70
N SER B 293 16.94 19.19 -41.16
CA SER B 293 18.37 19.19 -41.40
C SER B 293 18.69 19.02 -42.88
N PHE B 294 17.84 18.33 -43.62
CA PHE B 294 18.09 18.08 -45.04
C PHE B 294 18.14 19.35 -45.86
N TRP B 295 17.56 20.44 -45.35
CA TRP B 295 17.61 21.73 -46.01
C TRP B 295 18.60 22.69 -45.33
N ILE B 296 19.63 22.13 -44.69
CA ILE B 296 20.68 22.92 -44.06
C ILE B 296 22.02 22.45 -44.62
N ASN B 297 22.89 23.41 -44.95
CA ASN B 297 24.19 23.08 -45.49
C ASN B 297 25.01 22.28 -44.48
N TYR B 298 25.75 21.28 -44.99
CA TYR B 298 26.50 20.40 -44.12
C TYR B 298 27.64 21.10 -43.38
N ASP B 299 28.04 22.29 -43.83
CA ASP B 299 29.10 23.01 -43.14
C ASP B 299 28.70 23.43 -41.73
N ALA B 300 27.40 23.54 -41.46
CA ALA B 300 26.92 23.91 -40.13
C ALA B 300 26.73 22.63 -39.29
N SER B 301 27.86 22.05 -38.90
CA SER B 301 27.83 20.81 -38.14
C SER B 301 27.18 21.02 -36.77
N ALA B 302 27.46 22.15 -36.12
CA ALA B 302 26.90 22.39 -34.80
C ALA B 302 25.38 22.45 -34.83
N ALA B 303 24.82 23.12 -35.84
CA ALA B 303 23.37 23.23 -35.93
C ALA B 303 22.73 21.89 -36.29
N ARG B 304 23.27 21.21 -37.30
CA ARG B 304 22.66 19.96 -37.76
C ARG B 304 22.73 18.88 -36.68
N VAL B 305 23.85 18.79 -35.97
CA VAL B 305 23.97 17.80 -34.91
C VAL B 305 22.98 18.09 -33.79
N ALA B 306 22.82 19.37 -33.43
CA ALA B 306 21.89 19.73 -32.37
C ALA B 306 20.46 19.37 -32.74
N LEU B 307 20.08 19.55 -34.01
CA LEU B 307 18.74 19.19 -34.44
C LEU B 307 18.50 17.70 -34.31
N GLY B 308 19.47 16.89 -34.75
CA GLY B 308 19.30 15.44 -34.66
C GLY B 308 19.27 14.95 -33.23
N ILE B 309 20.18 15.45 -32.39
CA ILE B 309 20.24 15.02 -30.99
C ILE B 309 18.97 15.40 -30.26
N THR B 310 18.49 16.64 -30.48
CA THR B 310 17.29 17.08 -29.81
C THR B 310 16.10 16.20 -30.15
N THR B 311 15.97 15.83 -31.43
CA THR B 311 14.88 14.96 -31.84
C THR B 311 14.97 13.58 -31.17
N VAL B 312 16.18 13.02 -31.11
CA VAL B 312 16.34 11.71 -30.51
C VAL B 312 16.05 11.75 -29.01
N LEU B 313 16.62 12.72 -28.31
CA LEU B 313 16.40 12.82 -26.87
C LEU B 313 14.93 13.08 -26.55
N THR B 314 14.28 13.95 -27.32
CA THR B 314 12.86 14.19 -27.13
C THR B 314 12.05 12.91 -27.36
N MET B 315 12.43 12.14 -28.38
CA MET B 315 11.73 10.89 -28.64
C MET B 315 11.93 9.90 -27.50
N THR B 316 13.14 9.85 -26.92
CA THR B 316 13.39 8.95 -25.81
C THR B 316 12.56 9.33 -24.59
N THR B 317 12.46 10.63 -24.28
CA THR B 317 11.70 11.06 -23.12
C THR B 317 10.23 10.68 -23.25
N ILE B 318 9.66 10.82 -24.45
CA ILE B 318 8.28 10.41 -24.66
C ILE B 318 8.11 8.94 -24.37
N ASN B 319 9.07 8.11 -24.80
CA ASN B 319 8.96 6.68 -24.57
C ASN B 319 9.06 6.34 -23.09
N THR B 320 9.99 6.97 -22.36
CA THR B 320 10.14 6.66 -20.94
C THR B 320 8.97 7.18 -20.13
N HIS B 321 8.57 8.42 -20.34
CA HIS B 321 7.52 9.03 -19.55
C HIS B 321 6.19 8.29 -19.74
N LEU B 322 5.87 7.91 -20.98
CA LEU B 322 4.60 7.27 -21.26
C LEU B 322 4.51 5.86 -20.68
N ARG B 323 5.63 5.26 -20.31
CA ARG B 323 5.67 3.87 -19.87
C ARG B 323 5.70 3.74 -18.36
N GLU B 324 4.99 4.62 -17.65
CA GLU B 324 4.92 4.57 -16.19
C GLU B 324 3.47 4.59 -15.71
N THR B 325 2.55 4.07 -16.53
CA THR B 325 1.13 4.12 -16.20
C THR B 325 0.39 2.83 -16.55
N LEU B 326 1.09 1.73 -16.77
CA LEU B 326 0.47 0.52 -17.29
C LEU B 326 1.20 -0.69 -16.72
N PRO B 327 0.57 -1.87 -16.74
CA PRO B 327 1.24 -3.08 -16.28
C PRO B 327 2.35 -3.50 -17.23
N LYS B 328 3.23 -4.36 -16.73
CA LYS B 328 4.41 -4.79 -17.47
C LYS B 328 4.08 -5.95 -18.40
N ILE B 329 3.25 -5.64 -19.40
CA ILE B 329 2.83 -6.63 -20.39
C ILE B 329 4.02 -7.02 -21.26
N PRO B 330 4.09 -8.25 -21.73
CA PRO B 330 5.25 -8.67 -22.55
C PRO B 330 5.16 -8.21 -24.00
N TYR B 331 3.97 -8.21 -24.58
CA TYR B 331 3.83 -7.95 -26.00
C TYR B 331 4.05 -6.47 -26.31
N VAL B 332 4.05 -6.16 -27.60
CA VAL B 332 4.26 -4.80 -28.08
C VAL B 332 2.89 -4.17 -28.29
N LYS B 333 2.51 -3.25 -27.41
CA LYS B 333 1.26 -2.53 -27.58
C LYS B 333 1.33 -1.67 -28.83
N ALA B 334 0.16 -1.41 -29.42
CA ALA B 334 0.11 -0.61 -30.64
C ALA B 334 0.69 0.78 -30.42
N ILE B 335 0.71 1.27 -29.19
CA ILE B 335 1.39 2.54 -28.91
C ILE B 335 2.90 2.36 -29.00
N ASP B 336 3.41 1.22 -28.53
CA ASP B 336 4.86 1.01 -28.53
C ASP B 336 5.40 0.88 -29.95
N MET B 337 4.63 0.31 -30.86
CA MET B 337 5.06 0.24 -32.26
C MET B 337 5.28 1.62 -32.84
N TYR B 338 4.40 2.56 -32.53
CA TYR B 338 4.52 3.90 -33.08
C TYR B 338 5.76 4.61 -32.53
N LEU B 339 5.98 4.52 -31.21
CA LEU B 339 7.15 5.17 -30.63
C LEU B 339 8.43 4.53 -31.14
N MET B 340 8.48 3.20 -31.21
CA MET B 340 9.63 2.54 -31.82
C MET B 340 9.75 2.88 -33.29
N GLY B 341 8.63 2.89 -34.00
CA GLY B 341 8.66 3.23 -35.41
C GLY B 341 9.16 4.64 -35.65
N CYS B 342 8.72 5.59 -34.82
CA CYS B 342 9.18 6.96 -34.97
C CYS B 342 10.64 7.11 -34.54
N PHE B 343 11.04 6.39 -33.49
CA PHE B 343 12.40 6.53 -33.00
C PHE B 343 13.43 6.13 -34.04
N VAL B 344 13.09 5.19 -34.91
CA VAL B 344 14.01 4.80 -35.97
C VAL B 344 14.23 5.96 -36.94
N PHE B 345 13.14 6.65 -37.31
CA PHE B 345 13.26 7.72 -38.31
C PHE B 345 14.15 8.85 -37.81
N VAL B 346 13.98 9.27 -36.55
CA VAL B 346 14.82 10.35 -36.04
C VAL B 346 16.25 9.87 -35.87
N PHE B 347 16.43 8.61 -35.46
CA PHE B 347 17.79 8.07 -35.33
C PHE B 347 18.45 7.93 -36.69
N LEU B 348 17.71 7.46 -37.69
CA LEU B 348 18.28 7.32 -39.03
C LEU B 348 18.63 8.68 -39.62
N ALA B 349 17.79 9.69 -39.40
CA ALA B 349 18.10 11.02 -39.90
C ALA B 349 19.39 11.55 -39.29
N LEU B 350 19.58 11.34 -37.98
CA LEU B 350 20.86 11.69 -37.37
C LEU B 350 21.99 10.82 -37.92
N LEU B 351 21.73 9.52 -38.08
CA LEU B 351 22.76 8.63 -38.61
C LEU B 351 23.08 8.98 -40.06
N GLU B 352 22.10 9.44 -40.83
CA GLU B 352 22.36 9.83 -42.21
C GLU B 352 23.31 11.01 -42.29
N TYR B 353 23.14 11.99 -41.40
CA TYR B 353 23.99 13.17 -41.44
C TYR B 353 25.45 12.82 -41.19
N ALA B 354 25.71 11.93 -40.22
CA ALA B 354 27.07 11.56 -39.91
C ALA B 354 27.78 10.99 -41.14
N PHE B 355 27.08 10.15 -41.90
CA PHE B 355 27.64 9.63 -43.14
C PHE B 355 27.93 10.76 -44.12
N VAL B 356 27.01 11.73 -44.20
CA VAL B 356 27.25 12.89 -45.06
C VAL B 356 28.43 13.69 -44.55
N ASN B 357 28.47 13.94 -43.25
CA ASN B 357 29.56 14.73 -42.68
C ASN B 357 30.90 14.03 -42.80
N TYR B 358 30.89 12.69 -42.83
CA TYR B 358 32.15 11.96 -42.92
C TYR B 358 32.76 12.03 -44.31
N ILE B 359 31.92 12.12 -45.34
CA ILE B 359 32.38 11.94 -46.71
C ILE B 359 32.51 13.24 -47.48
N PHE B 360 31.84 14.32 -47.06
CA PHE B 360 31.79 15.51 -47.90
C PHE B 360 33.15 16.19 -48.04
N PHE B 361 34.10 15.91 -47.15
CA PHE B 361 35.45 16.43 -47.33
C PHE B 361 36.09 15.84 -48.58
N SER B 362 35.92 14.55 -48.82
CA SER B 362 36.57 13.90 -49.95
C SER B 362 35.89 14.25 -51.26
N GLN B 363 34.56 14.28 -51.29
CA GLN B 363 33.82 14.50 -52.52
C GLN B 363 32.47 15.13 -52.19
N PRO B 364 32.37 16.46 -52.24
CA PRO B 364 31.08 17.10 -51.96
C PRO B 364 30.00 16.75 -52.98
N ALA B 365 30.38 16.31 -54.18
CA ALA B 365 29.38 16.05 -55.22
C ALA B 365 28.42 14.92 -54.81
N ARG B 366 28.96 13.83 -54.26
CA ARG B 366 28.10 12.72 -53.87
C ARG B 366 27.34 13.02 -52.58
N ALA B 367 27.98 13.71 -51.63
CA ALA B 367 27.31 14.00 -50.38
C ALA B 367 26.13 14.94 -50.58
N ALA B 368 26.28 15.95 -51.42
CA ALA B 368 25.20 16.92 -51.63
C ALA B 368 23.98 16.25 -52.27
N ALA B 369 24.21 15.33 -53.21
CA ALA B 369 23.09 14.65 -53.85
C ALA B 369 22.31 13.79 -52.85
N ILE B 370 22.97 13.33 -51.79
CA ILE B 370 22.27 12.57 -50.76
C ILE B 370 21.25 13.44 -50.05
N ASP B 371 21.60 14.69 -49.74
CA ASP B 371 20.66 15.59 -49.08
C ASP B 371 19.42 15.81 -49.93
N ARG B 372 19.59 16.08 -51.22
CA ARG B 372 18.44 16.26 -52.10
C ARG B 372 17.62 14.98 -52.19
N TRP B 373 18.27 13.84 -52.28
CA TRP B 373 17.55 12.57 -52.32
C TRP B 373 16.99 12.16 -50.97
N SER B 374 17.53 12.69 -49.87
CA SER B 374 16.94 12.42 -48.57
C SER B 374 15.66 13.22 -48.36
N ARG B 375 15.54 14.38 -49.00
CA ARG B 375 14.34 15.20 -48.88
C ARG B 375 13.10 14.53 -49.45
N ILE B 376 13.27 13.47 -50.23
CA ILE B 376 12.15 12.75 -50.83
C ILE B 376 11.97 11.37 -50.21
N VAL B 377 13.06 10.63 -50.00
CA VAL B 377 12.95 9.27 -49.49
C VAL B 377 12.35 9.28 -48.09
N PHE B 378 12.86 10.15 -47.21
CA PHE B 378 12.36 10.16 -45.84
C PHE B 378 10.90 10.55 -45.73
N PRO B 379 10.44 11.67 -46.31
CA PRO B 379 9.00 11.97 -46.21
C PRO B 379 8.12 10.91 -46.86
N PHE B 380 8.57 10.29 -47.94
CA PHE B 380 7.78 9.25 -48.58
C PHE B 380 7.75 7.98 -47.73
N THR B 381 8.88 7.63 -47.10
CA THR B 381 8.92 6.43 -46.28
C THR B 381 8.05 6.59 -45.03
N PHE B 382 8.09 7.76 -44.40
CA PHE B 382 7.34 7.96 -43.16
C PHE B 382 5.83 7.93 -43.42
N SER B 383 5.38 8.57 -44.50
CA SER B 383 3.95 8.57 -44.81
C SER B 383 3.46 7.16 -45.11
N LEU B 384 4.27 6.37 -45.81
CA LEU B 384 3.91 4.98 -46.07
C LEU B 384 3.77 4.20 -44.78
N PHE B 385 4.65 4.45 -43.81
CA PHE B 385 4.56 3.77 -42.53
C PHE B 385 3.25 4.07 -41.82
N ASN B 386 2.85 5.34 -41.83
CA ASN B 386 1.58 5.71 -41.20
C ASN B 386 0.40 5.08 -41.92
N LEU B 387 0.46 5.00 -43.25
CA LEU B 387 -0.61 4.36 -44.00
C LEU B 387 -0.72 2.88 -43.63
N VAL B 388 0.42 2.21 -43.46
CA VAL B 388 0.40 0.82 -43.05
C VAL B 388 -0.08 0.70 -41.61
N TYR B 389 0.45 1.53 -40.72
CA TYR B 389 0.16 1.39 -39.30
C TYR B 389 -1.29 1.70 -38.99
N TRP B 390 -1.79 2.86 -39.46
CA TRP B 390 -3.14 3.25 -39.12
C TRP B 390 -4.18 2.30 -39.72
N LEU B 391 -3.95 1.86 -40.95
CA LEU B 391 -4.90 0.94 -41.58
C LEU B 391 -4.74 -0.50 -41.10
N TYR B 392 -3.64 -0.82 -40.40
CA TYR B 392 -3.50 -2.17 -39.86
C TYR B 392 -4.40 -2.37 -38.66
N TYR B 393 -4.59 -1.34 -37.84
CA TYR B 393 -5.42 -1.43 -36.65
C TYR B 393 -6.84 -0.95 -36.91
N VAL B 394 -7.00 0.27 -37.40
CA VAL B 394 -8.33 0.79 -37.70
C VAL B 394 -8.82 0.23 -39.03
N GLY C 27 -35.40 1.27 40.51
CA GLY C 27 -36.28 0.12 40.43
C GLY C 27 -37.49 0.35 39.54
N ASP C 28 -38.10 1.53 39.66
CA ASP C 28 -39.26 1.85 38.84
C ASP C 28 -38.89 1.95 37.37
N VAL C 29 -37.72 2.51 37.07
CA VAL C 29 -37.31 2.66 35.67
C VAL C 29 -37.13 1.29 35.02
N THR C 30 -36.59 0.32 35.77
CA THR C 30 -36.46 -1.03 35.25
C THR C 30 -37.84 -1.62 34.96
N VAL C 31 -38.81 -1.38 35.85
CA VAL C 31 -40.16 -1.86 35.61
C VAL C 31 -40.76 -1.21 34.37
N ILE C 32 -40.55 0.10 34.21
CA ILE C 32 -41.09 0.80 33.05
C ILE C 32 -40.48 0.25 31.77
N LEU C 33 -39.15 0.07 31.74
CA LEU C 33 -38.49 -0.43 30.55
C LEU C 33 -38.94 -1.85 30.22
N ASN C 34 -39.09 -2.69 31.24
CA ASN C 34 -39.56 -4.05 30.99
C ASN C 34 -40.98 -4.07 30.47
N ASN C 35 -41.83 -3.17 30.97
CA ASN C 35 -43.20 -3.11 30.49
C ASN C 35 -43.25 -2.69 29.02
N LEU C 36 -42.42 -1.74 28.62
CA LEU C 36 -42.43 -1.29 27.23
C LEU C 36 -41.99 -2.40 26.28
N LEU C 37 -40.94 -3.14 26.64
CA LEU C 37 -40.42 -4.20 25.79
C LEU C 37 -41.11 -5.54 26.04
N GLU C 38 -42.31 -5.53 26.59
CA GLU C 38 -43.09 -6.75 26.81
C GLU C 38 -44.07 -6.88 25.65
N GLY C 39 -43.83 -7.85 24.78
CA GLY C 39 -44.65 -8.04 23.59
C GLY C 39 -44.30 -7.12 22.44
N TYR C 40 -43.26 -6.29 22.58
CA TYR C 40 -42.85 -5.41 21.51
C TYR C 40 -42.20 -6.24 20.40
N ASP C 41 -42.62 -5.98 19.16
CA ASP C 41 -42.10 -6.70 17.99
C ASP C 41 -41.36 -5.69 17.12
N ASN C 42 -40.02 -5.72 17.18
CA ASN C 42 -39.22 -4.75 16.46
C ASN C 42 -39.24 -4.95 14.95
N LYS C 43 -39.77 -6.06 14.47
CA LYS C 43 -39.83 -6.30 13.03
C LYS C 43 -40.89 -5.46 12.34
N LEU C 44 -41.87 -4.93 13.08
CA LEU C 44 -42.97 -4.17 12.51
C LEU C 44 -42.79 -2.70 12.83
N ARG C 45 -42.88 -1.86 11.81
CA ARG C 45 -42.79 -0.43 12.00
C ARG C 45 -44.03 0.10 12.71
N PRO C 46 -43.92 1.24 13.38
CA PRO C 46 -45.11 1.85 13.99
C PRO C 46 -46.13 2.21 12.92
N ASP C 47 -47.41 2.03 13.26
CA ASP C 47 -48.52 2.35 12.36
C ASP C 47 -48.35 1.65 11.02
N ILE C 48 -48.07 0.34 11.08
CA ILE C 48 -47.77 -0.41 9.87
C ILE C 48 -48.98 -0.45 8.94
N GLY C 49 -50.17 -0.66 9.50
CA GLY C 49 -51.36 -0.77 8.67
C GLY C 49 -52.30 0.41 8.81
N VAL C 50 -51.79 1.57 9.22
CA VAL C 50 -52.64 2.72 9.47
C VAL C 50 -52.24 3.90 8.59
N LYS C 51 -51.01 4.39 8.78
CA LYS C 51 -50.57 5.60 8.11
C LYS C 51 -49.05 5.56 8.00
N PRO C 52 -48.47 6.33 7.07
CA PRO C 52 -47.01 6.35 6.94
C PRO C 52 -46.36 6.92 8.18
N THR C 53 -45.13 6.46 8.44
CA THR C 53 -44.34 6.96 9.55
C THR C 53 -43.63 8.25 9.14
N LEU C 54 -43.80 9.30 9.94
CA LEU C 54 -43.19 10.59 9.67
C LEU C 54 -41.94 10.74 10.51
N ILE C 55 -40.82 10.99 9.85
CA ILE C 55 -39.50 11.05 10.49
C ILE C 55 -38.92 12.43 10.26
N HIS C 56 -38.54 13.10 11.34
CA HIS C 56 -37.87 14.40 11.28
C HIS C 56 -36.39 14.21 11.53
N THR C 57 -35.56 14.82 10.69
CA THR C 57 -34.13 14.60 10.73
C THR C 57 -33.37 15.91 10.92
N ASP C 58 -32.22 15.81 11.57
CA ASP C 58 -31.28 16.91 11.71
C ASP C 58 -29.90 16.43 11.30
N MET C 59 -28.96 17.38 11.19
CA MET C 59 -27.60 17.03 10.79
C MET C 59 -26.67 18.15 11.23
N TYR C 60 -25.71 17.82 12.08
CA TYR C 60 -24.67 18.75 12.50
C TYR C 60 -23.35 18.30 11.90
N VAL C 61 -22.71 19.18 11.13
CA VAL C 61 -21.52 18.82 10.37
C VAL C 61 -20.30 19.15 11.21
N ASN C 62 -19.54 18.12 11.59
CA ASN C 62 -18.30 18.36 12.32
C ASN C 62 -17.23 18.96 11.40
N SER C 63 -17.04 18.37 10.24
CA SER C 63 -16.01 18.84 9.30
C SER C 63 -16.22 18.16 7.96
N ILE C 64 -15.60 18.72 6.94
CA ILE C 64 -15.57 18.16 5.60
C ILE C 64 -14.13 17.78 5.29
N GLY C 65 -13.91 16.51 4.98
CA GLY C 65 -12.57 16.02 4.76
C GLY C 65 -12.02 16.46 3.42
N PRO C 66 -10.91 15.87 3.00
CA PRO C 66 -10.31 16.25 1.72
C PRO C 66 -11.22 15.90 0.56
N VAL C 67 -11.18 16.73 -0.48
CA VAL C 67 -11.93 16.50 -1.70
C VAL C 67 -10.98 15.84 -2.69
N ASN C 68 -11.19 14.55 -2.92
CA ASN C 68 -10.26 13.76 -3.73
C ASN C 68 -10.54 13.96 -5.20
N ALA C 69 -9.55 14.44 -5.94
CA ALA C 69 -9.70 14.60 -7.39
C ALA C 69 -9.58 13.27 -8.11
N ILE C 70 -8.71 12.39 -7.64
CA ILE C 70 -8.49 11.12 -8.32
C ILE C 70 -9.72 10.23 -8.22
N ASN C 71 -10.28 10.08 -7.02
CA ASN C 71 -11.42 9.21 -6.81
C ASN C 71 -12.76 9.93 -6.93
N MET C 72 -12.76 11.25 -7.07
CA MET C 72 -13.99 12.03 -7.18
C MET C 72 -14.91 11.78 -5.99
N GLU C 73 -14.42 12.12 -4.80
CA GLU C 73 -15.14 11.86 -3.57
C GLU C 73 -14.67 12.84 -2.50
N TYR C 74 -15.44 12.92 -1.42
CA TYR C 74 -15.08 13.75 -0.28
C TYR C 74 -15.59 13.08 0.98
N THR C 75 -14.97 13.42 2.10
CA THR C 75 -15.30 12.84 3.39
C THR C 75 -16.03 13.87 4.24
N ILE C 76 -17.09 13.44 4.92
CA ILE C 76 -17.90 14.31 5.75
C ILE C 76 -18.15 13.62 7.08
N ASP C 77 -18.11 14.38 8.17
CA ASP C 77 -18.34 13.88 9.52
C ASP C 77 -19.54 14.62 10.10
N ILE C 78 -20.56 13.87 10.52
CA ILE C 78 -21.83 14.45 10.94
C ILE C 78 -22.32 13.76 12.22
N PHE C 79 -23.27 14.40 12.88
CA PHE C 79 -24.04 13.82 13.98
C PHE C 79 -25.48 13.68 13.50
N PHE C 80 -25.77 12.56 12.83
CA PHE C 80 -27.10 12.35 12.27
C PHE C 80 -28.13 12.17 13.38
N ALA C 81 -29.30 12.77 13.20
CA ALA C 81 -30.36 12.72 14.20
C ALA C 81 -31.69 12.42 13.52
N GLN C 82 -32.52 11.65 14.19
CA GLN C 82 -33.84 11.26 13.69
C GLN C 82 -34.85 11.29 14.82
N THR C 83 -36.10 11.56 14.48
CA THR C 83 -37.16 11.64 15.48
C THR C 83 -38.47 11.21 14.84
N TRP C 84 -39.21 10.35 15.55
CA TRP C 84 -40.50 9.88 15.06
C TRP C 84 -41.40 9.63 16.27
N TYR C 85 -42.51 8.93 16.04
CA TYR C 85 -43.46 8.60 17.09
C TYR C 85 -43.72 7.11 17.09
N ASP C 86 -44.13 6.60 18.25
CA ASP C 86 -44.40 5.19 18.40
C ASP C 86 -45.38 5.02 19.56
N ARG C 87 -46.60 4.59 19.26
CA ARG C 87 -47.59 4.36 20.31
C ARG C 87 -47.18 3.23 21.25
N ARG C 88 -46.35 2.30 20.78
CA ARG C 88 -45.93 1.18 21.62
C ARG C 88 -44.97 1.60 22.71
N LEU C 89 -44.49 2.84 22.71
CA LEU C 89 -43.53 3.30 23.70
C LEU C 89 -44.13 4.42 24.55
N LYS C 90 -45.37 4.25 24.97
CA LYS C 90 -46.05 5.21 25.83
C LYS C 90 -46.08 4.68 27.25
N PHE C 91 -45.71 5.53 28.21
CA PHE C 91 -45.72 5.16 29.61
C PHE C 91 -46.17 6.35 30.45
N ASN C 92 -46.83 6.05 31.55
CA ASN C 92 -47.29 7.07 32.50
C ASN C 92 -46.51 6.94 33.80
N SER C 93 -45.82 8.00 34.18
CA SER C 93 -45.07 8.03 35.43
C SER C 93 -44.71 9.47 35.74
N THR C 94 -44.12 9.68 36.91
CA THR C 94 -43.58 10.99 37.23
C THR C 94 -42.40 11.35 36.33
N ILE C 95 -41.67 10.34 35.85
CA ILE C 95 -40.54 10.57 34.97
C ILE C 95 -41.05 10.94 33.59
N LYS C 96 -40.55 12.04 33.04
CA LYS C 96 -41.02 12.54 31.76
C LYS C 96 -40.24 11.98 30.58
N VAL C 97 -38.90 11.98 30.67
CA VAL C 97 -38.05 11.57 29.57
C VAL C 97 -37.09 10.51 30.07
N LEU C 98 -36.94 9.43 29.31
CA LEU C 98 -35.97 8.39 29.58
C LEU C 98 -34.74 8.63 28.73
N ARG C 99 -33.60 8.83 29.37
CA ARG C 99 -32.34 9.06 28.69
C ARG C 99 -31.51 7.77 28.76
N LEU C 100 -31.33 7.12 27.63
CA LEU C 100 -30.74 5.80 27.58
C LEU C 100 -29.48 5.82 26.73
N ASN C 101 -28.73 4.72 26.81
CA ASN C 101 -27.49 4.53 26.07
C ASN C 101 -27.75 3.66 24.85
N SER C 102 -26.68 3.23 24.18
CA SER C 102 -26.83 2.51 22.92
C SER C 102 -27.34 1.08 23.14
N ASN C 103 -27.38 0.64 24.39
CA ASN C 103 -27.78 -0.75 24.66
C ASN C 103 -29.24 -0.99 24.29
N MET C 104 -30.05 0.07 24.20
CA MET C 104 -31.46 -0.12 23.90
C MET C 104 -31.76 0.03 22.42
N VAL C 105 -30.75 0.35 21.61
CA VAL C 105 -30.98 0.61 20.20
C VAL C 105 -31.42 -0.67 19.49
N GLY C 106 -30.88 -1.81 19.90
CA GLY C 106 -31.16 -3.04 19.19
C GLY C 106 -32.44 -3.71 19.64
N LYS C 107 -33.27 -2.99 20.40
CA LYS C 107 -34.50 -3.58 20.90
C LYS C 107 -35.73 -2.93 20.27
N ILE C 108 -35.70 -1.62 20.08
CA ILE C 108 -36.84 -0.91 19.52
C ILE C 108 -36.69 -0.84 18.01
N TRP C 109 -37.78 -0.55 17.31
CA TRP C 109 -37.74 -0.44 15.86
C TRP C 109 -36.95 0.79 15.44
N ILE C 110 -36.06 0.62 14.48
CA ILE C 110 -35.21 1.70 13.99
C ILE C 110 -35.36 1.81 12.48
N PRO C 111 -35.58 3.00 11.94
CA PRO C 111 -35.66 3.14 10.48
C PRO C 111 -34.32 2.83 9.81
N ASP C 112 -34.41 2.28 8.60
CA ASP C 112 -33.23 1.81 7.88
C ASP C 112 -32.73 2.88 6.90
N THR C 113 -32.40 4.04 7.44
CA THR C 113 -31.91 5.14 6.61
C THR C 113 -30.51 4.81 6.11
N PHE C 114 -30.30 4.98 4.81
CA PHE C 114 -28.99 4.82 4.20
C PHE C 114 -28.74 5.99 3.26
N PHE C 115 -27.49 6.17 2.88
CA PHE C 115 -27.07 7.28 2.03
C PHE C 115 -26.85 6.77 0.61
N ARG C 116 -27.60 7.34 -0.34
CA ARG C 116 -27.63 6.80 -1.70
C ARG C 116 -26.34 7.03 -2.47
N ASN C 117 -25.54 8.01 -2.07
CA ASN C 117 -24.34 8.37 -2.81
C ASN C 117 -23.10 8.23 -1.95
N SER C 118 -23.03 7.14 -1.19
CA SER C 118 -21.91 6.89 -0.27
C SER C 118 -21.08 5.74 -0.81
N LYS C 119 -19.79 6.01 -1.05
CA LYS C 119 -18.90 4.94 -1.47
C LYS C 119 -18.55 4.02 -0.30
N LYS C 120 -18.27 4.61 0.87
CA LYS C 120 -17.87 3.82 2.03
C LYS C 120 -18.12 4.66 3.28
N ALA C 121 -19.00 4.18 4.15
CA ALA C 121 -19.33 4.88 5.38
C ALA C 121 -19.29 3.91 6.55
N ASP C 122 -19.04 4.45 7.74
CA ASP C 122 -18.94 3.62 8.92
C ASP C 122 -19.13 4.48 10.16
N ALA C 123 -19.87 3.97 11.13
CA ALA C 123 -20.06 4.65 12.39
C ALA C 123 -18.80 4.52 13.25
N HIS C 124 -18.77 5.26 14.35
CA HIS C 124 -17.63 5.27 15.26
C HIS C 124 -17.95 4.46 16.51
N TRP C 125 -16.98 3.68 16.97
CA TRP C 125 -17.22 2.67 18.00
C TRP C 125 -16.21 2.73 19.15
N ILE C 126 -15.59 3.89 19.38
CA ILE C 126 -14.65 4.06 20.47
C ILE C 126 -15.16 5.18 21.37
N THR C 127 -15.25 4.91 22.67
CA THR C 127 -14.90 3.62 23.26
C THR C 127 -16.10 2.69 23.26
N THR C 128 -17.26 3.23 22.92
CA THR C 128 -18.50 2.50 22.86
C THR C 128 -19.21 2.91 21.58
N PRO C 129 -20.32 2.27 21.19
CA PRO C 129 -21.11 2.79 20.07
C PRO C 129 -21.57 4.21 20.35
N ASN C 130 -21.13 5.15 19.51
CA ASN C 130 -21.49 6.55 19.66
C ASN C 130 -22.93 6.72 19.19
N ARG C 131 -23.86 6.32 20.05
CA ARG C 131 -25.28 6.36 19.74
C ARG C 131 -26.05 6.92 20.93
N MET C 132 -27.19 7.52 20.62
CA MET C 132 -28.06 8.12 21.63
C MET C 132 -29.48 7.65 21.40
N LEU C 133 -30.21 7.46 22.50
CA LEU C 133 -31.61 7.04 22.41
C LEU C 133 -32.36 7.63 23.59
N ARG C 134 -33.31 8.52 23.29
CA ARG C 134 -34.14 9.17 24.31
C ARG C 134 -35.60 8.96 23.96
N ILE C 135 -36.39 8.55 24.95
CA ILE C 135 -37.81 8.26 24.77
C ILE C 135 -38.62 9.13 25.71
N TRP C 136 -39.60 9.84 25.17
CA TRP C 136 -40.47 10.68 25.97
C TRP C 136 -41.66 9.86 26.48
N ASN C 137 -42.49 10.50 27.29
CA ASN C 137 -43.65 9.82 27.87
C ASN C 137 -44.82 9.73 26.91
N ASP C 138 -44.82 10.51 25.83
CA ASP C 138 -45.88 10.47 24.84
C ASP C 138 -45.52 9.61 23.63
N GLY C 139 -44.38 8.94 23.66
CA GLY C 139 -43.97 8.03 22.60
C GLY C 139 -42.91 8.56 21.66
N ARG C 140 -42.62 9.86 21.69
CA ARG C 140 -41.61 10.40 20.79
C ARG C 140 -40.25 9.79 21.08
N VAL C 141 -39.52 9.46 20.03
CA VAL C 141 -38.22 8.81 20.13
C VAL C 141 -37.18 9.66 19.42
N LEU C 142 -36.06 9.91 20.09
CA LEU C 142 -34.94 10.61 19.51
C LEU C 142 -33.77 9.64 19.36
N TYR C 143 -33.19 9.59 18.17
CA TYR C 143 -32.09 8.69 17.87
C TYR C 143 -30.98 9.49 17.20
N THR C 144 -29.75 9.34 17.69
CA THR C 144 -28.63 10.12 17.21
C THR C 144 -27.39 9.23 17.15
N LEU C 145 -26.62 9.38 16.09
CA LEU C 145 -25.38 8.64 15.95
C LEU C 145 -24.40 9.46 15.13
N ARG C 146 -23.12 9.11 15.25
CA ARG C 146 -22.04 9.82 14.58
C ARG C 146 -21.57 8.99 13.39
N LEU C 147 -21.41 9.64 12.24
CA LEU C 147 -21.09 8.94 11.01
C LEU C 147 -19.98 9.65 10.25
N THR C 148 -19.16 8.86 9.57
CA THR C 148 -18.15 9.36 8.64
C THR C 148 -18.43 8.76 7.27
N ILE C 149 -18.70 9.63 6.30
CA ILE C 149 -19.23 9.20 5.01
C ILE C 149 -18.30 9.70 3.91
N ASP C 150 -17.92 8.80 3.00
CA ASP C 150 -17.17 9.16 1.80
C ASP C 150 -18.16 9.26 0.65
N ALA C 151 -18.81 10.42 0.56
CA ALA C 151 -19.80 10.63 -0.48
C ALA C 151 -19.14 10.72 -1.85
N GLU C 152 -19.93 10.43 -2.88
CA GLU C 152 -19.45 10.45 -4.26
C GLU C 152 -19.85 11.76 -4.91
N CYS C 153 -18.85 12.49 -5.41
CA CYS C 153 -19.06 13.79 -6.02
C CYS C 153 -18.35 13.83 -7.37
N GLN C 154 -19.07 14.24 -8.41
CA GLN C 154 -18.49 14.33 -9.74
C GLN C 154 -17.74 15.66 -9.88
N LEU C 155 -16.44 15.58 -10.13
CA LEU C 155 -15.59 16.76 -10.24
C LEU C 155 -15.30 17.06 -11.71
N GLN C 156 -15.41 18.34 -12.07
CA GLN C 156 -15.10 18.83 -13.41
C GLN C 156 -13.78 19.59 -13.32
N LEU C 157 -12.68 18.90 -13.59
CA LEU C 157 -11.35 19.49 -13.48
C LEU C 157 -10.91 20.20 -14.75
N HIS C 158 -11.86 20.62 -15.60
CA HIS C 158 -11.49 21.37 -16.79
C HIS C 158 -10.85 22.70 -16.43
N ASN C 159 -11.39 23.39 -15.42
CA ASN C 159 -10.92 24.71 -15.02
C ASN C 159 -9.88 24.66 -13.91
N PHE C 160 -9.22 23.53 -13.73
CA PHE C 160 -8.21 23.42 -12.68
C PHE C 160 -7.09 24.42 -12.92
N PRO C 161 -6.61 25.11 -11.87
CA PRO C 161 -7.08 25.08 -10.49
C PRO C 161 -8.04 26.21 -10.15
N MET C 162 -9.04 26.47 -11.00
CA MET C 162 -10.00 27.55 -10.79
C MET C 162 -11.41 27.01 -10.93
N ASP C 163 -11.67 25.87 -10.30
CA ASP C 163 -12.91 25.13 -10.48
C ASP C 163 -13.85 25.33 -9.30
N GLU C 164 -15.11 24.95 -9.50
CA GLU C 164 -16.14 24.99 -8.48
C GLU C 164 -16.92 23.69 -8.51
N HIS C 165 -17.53 23.36 -7.38
CA HIS C 165 -18.31 22.13 -7.27
C HIS C 165 -19.48 22.34 -6.34
N SER C 166 -20.49 21.49 -6.48
CA SER C 166 -21.63 21.42 -5.56
C SER C 166 -21.83 19.95 -5.24
N CYS C 167 -21.13 19.49 -4.20
CA CYS C 167 -21.14 18.07 -3.86
C CYS C 167 -22.37 17.72 -3.02
N PRO C 168 -23.18 16.76 -3.46
CA PRO C 168 -24.43 16.47 -2.73
C PRO C 168 -24.27 15.40 -1.66
N LEU C 169 -25.37 15.14 -0.94
CA LEU C 169 -25.42 14.06 0.03
C LEU C 169 -26.88 13.65 0.14
N GLU C 170 -27.23 12.49 -0.42
CA GLU C 170 -28.61 12.04 -0.50
C GLU C 170 -28.81 10.82 0.37
N PHE C 171 -29.85 10.84 1.20
CA PHE C 171 -30.20 9.71 2.05
C PHE C 171 -31.69 9.45 1.94
N SER C 172 -32.05 8.17 2.05
CA SER C 172 -33.44 7.76 1.92
C SER C 172 -33.60 6.40 2.58
N SER C 173 -34.85 6.02 2.82
CA SER C 173 -35.14 4.70 3.33
C SER C 173 -34.80 3.66 2.28
N TYR C 174 -34.43 2.46 2.74
CA TYR C 174 -34.04 1.41 1.81
C TYR C 174 -35.23 0.55 1.40
N GLY C 175 -35.91 -0.06 2.36
CA GLY C 175 -36.98 -0.99 2.06
C GLY C 175 -38.38 -0.44 2.16
N TYR C 176 -38.53 0.78 2.67
CA TYR C 176 -39.85 1.34 2.94
C TYR C 176 -40.21 2.36 1.88
N PRO C 177 -41.28 2.14 1.11
CA PRO C 177 -41.68 3.11 0.08
C PRO C 177 -42.28 4.37 0.67
N ARG C 178 -42.76 5.26 -0.21
CA ARG C 178 -43.32 6.53 0.24
C ARG C 178 -44.61 6.37 1.03
N GLU C 179 -45.24 5.20 1.00
CA GLU C 179 -46.46 4.96 1.75
C GLU C 179 -46.20 4.45 3.15
N GLU C 180 -44.94 4.26 3.53
CA GLU C 180 -44.62 3.74 4.86
C GLU C 180 -43.71 4.67 5.66
N ILE C 181 -42.70 5.26 5.02
CA ILE C 181 -41.79 6.17 5.70
C ILE C 181 -41.69 7.45 4.88
N VAL C 182 -41.92 8.58 5.52
CA VAL C 182 -41.80 9.89 4.89
C VAL C 182 -40.84 10.72 5.72
N TYR C 183 -39.72 11.10 5.14
CA TYR C 183 -38.77 11.96 5.81
C TYR C 183 -39.20 13.42 5.66
N GLN C 184 -38.63 14.27 6.53
CA GLN C 184 -38.95 15.69 6.50
C GLN C 184 -37.91 16.44 7.32
N TRP C 185 -37.42 17.55 6.78
CA TRP C 185 -36.48 18.38 7.53
C TRP C 185 -37.18 19.09 8.67
N LYS C 186 -36.37 19.58 9.61
CA LYS C 186 -36.86 20.40 10.71
C LYS C 186 -36.54 21.86 10.40
N ARG C 187 -36.84 22.75 11.36
CA ARG C 187 -36.59 24.17 11.15
C ARG C 187 -35.10 24.43 10.97
N SER C 188 -34.28 23.96 11.90
CA SER C 188 -32.83 24.06 11.78
C SER C 188 -32.32 22.71 11.27
N SER C 189 -32.34 22.56 9.94
CA SER C 189 -32.02 21.28 9.33
C SER C 189 -30.54 20.96 9.44
N VAL C 190 -29.70 21.80 8.85
CA VAL C 190 -28.26 21.57 8.80
C VAL C 190 -27.56 22.69 9.55
N GLU C 191 -26.67 22.33 10.46
CA GLU C 191 -25.89 23.27 11.25
C GLU C 191 -24.41 23.01 11.03
N VAL C 192 -23.64 24.08 10.93
CA VAL C 192 -22.20 24.00 10.71
C VAL C 192 -21.49 24.79 11.81
N GLY C 193 -20.43 24.20 12.35
CA GLY C 193 -19.67 24.86 13.39
C GLY C 193 -18.64 25.82 12.85
N ASP C 194 -17.40 25.72 13.34
CA ASP C 194 -16.31 26.58 12.88
C ASP C 194 -15.79 26.03 11.56
N THR C 195 -15.97 26.80 10.48
CA THR C 195 -15.53 26.34 9.17
C THR C 195 -14.01 26.24 9.09
N ARG C 196 -13.30 27.19 9.70
CA ARG C 196 -11.84 27.20 9.58
C ARG C 196 -11.20 26.00 10.26
N SER C 197 -11.87 25.40 11.25
CA SER C 197 -11.32 24.24 11.93
C SER C 197 -11.33 22.99 11.06
N TRP C 198 -11.98 23.03 9.90
CA TRP C 198 -12.08 21.85 9.06
C TRP C 198 -10.75 21.52 8.41
N ARG C 199 -10.57 20.25 8.06
CA ARG C 199 -9.38 19.83 7.34
C ARG C 199 -9.36 20.38 5.91
N LEU C 200 -10.49 20.87 5.42
CA LEU C 200 -10.58 21.41 4.07
C LEU C 200 -9.85 22.74 4.00
N TYR C 201 -8.63 22.73 3.47
CA TYR C 201 -7.89 23.96 3.26
C TYR C 201 -7.60 24.25 1.79
N GLN C 202 -7.71 23.27 0.90
CA GLN C 202 -7.52 23.54 -0.52
C GLN C 202 -8.71 24.26 -1.12
N PHE C 203 -9.90 24.06 -0.56
CA PHE C 203 -11.12 24.71 -1.02
C PHE C 203 -11.59 25.70 0.04
N SER C 204 -12.76 26.30 -0.20
CA SER C 204 -13.35 27.24 0.73
C SER C 204 -14.86 27.07 0.71
N PHE C 205 -15.45 26.83 1.88
CA PHE C 205 -16.88 26.58 1.97
C PHE C 205 -17.66 27.83 1.58
N VAL C 206 -18.85 27.61 1.01
CA VAL C 206 -19.68 28.71 0.53
C VAL C 206 -21.03 28.68 1.23
N GLY C 207 -21.77 27.59 1.07
CA GLY C 207 -23.09 27.50 1.66
C GLY C 207 -23.69 26.13 1.40
N LEU C 208 -24.93 25.96 1.86
CA LEU C 208 -25.60 24.68 1.74
C LEU C 208 -27.07 24.89 1.39
N ARG C 209 -27.61 23.94 0.62
CA ARG C 209 -29.01 23.90 0.27
C ARG C 209 -29.55 22.50 0.56
N ASN C 210 -30.80 22.43 0.98
CA ASN C 210 -31.44 21.15 1.23
C ASN C 210 -32.80 21.11 0.55
N THR C 211 -33.05 20.03 -0.19
CA THR C 211 -34.26 19.83 -0.96
C THR C 211 -34.97 18.55 -0.49
N THR C 212 -36.02 18.18 -1.21
CA THR C 212 -36.78 16.97 -0.87
C THR C 212 -37.56 16.55 -2.10
N GLU C 213 -37.25 15.37 -2.65
CA GLU C 213 -37.94 14.88 -3.84
C GLU C 213 -38.22 13.40 -3.69
N VAL C 214 -38.99 12.87 -4.62
CA VAL C 214 -39.39 11.47 -4.64
C VAL C 214 -38.70 10.79 -5.82
N VAL C 215 -38.01 9.68 -5.53
CA VAL C 215 -37.30 8.90 -6.54
C VAL C 215 -38.07 7.60 -6.76
N LYS C 216 -38.37 7.29 -8.02
CA LYS C 216 -39.16 6.12 -8.37
C LYS C 216 -38.22 5.04 -8.90
N THR C 217 -38.21 3.90 -8.22
CA THR C 217 -37.36 2.77 -8.59
C THR C 217 -38.21 1.55 -8.86
N THR C 218 -37.55 0.42 -9.09
CA THR C 218 -38.24 -0.83 -9.42
C THR C 218 -38.95 -1.44 -8.23
N SER C 219 -38.72 -0.97 -7.02
CA SER C 219 -39.39 -1.52 -5.84
C SER C 219 -40.16 -0.44 -5.10
N GLY C 220 -40.87 0.41 -5.84
CA GLY C 220 -41.68 1.45 -5.23
C GLY C 220 -41.03 2.82 -5.34
N ASP C 221 -41.70 3.79 -4.75
CA ASP C 221 -41.24 5.17 -4.73
C ASP C 221 -40.71 5.50 -3.34
N TYR C 222 -39.52 6.08 -3.27
CA TYR C 222 -38.85 6.36 -2.03
C TYR C 222 -38.57 7.86 -1.92
N VAL C 223 -38.90 8.44 -0.77
CA VAL C 223 -38.65 9.86 -0.53
C VAL C 223 -37.17 10.05 -0.26
N VAL C 224 -36.55 10.99 -0.97
CA VAL C 224 -35.12 11.22 -0.90
C VAL C 224 -34.86 12.65 -0.45
N MET C 225 -34.05 12.80 0.59
CA MET C 225 -33.60 14.10 1.07
C MET C 225 -32.18 14.34 0.60
N SER C 226 -31.87 15.58 0.24
CA SER C 226 -30.57 15.91 -0.31
C SER C 226 -30.02 17.16 0.36
N VAL C 227 -28.70 17.20 0.50
CA VAL C 227 -27.97 18.37 0.98
C VAL C 227 -26.82 18.63 0.02
N TYR C 228 -26.71 19.86 -0.45
CA TYR C 228 -25.67 20.25 -1.40
C TYR C 228 -24.68 21.20 -0.73
N PHE C 229 -23.40 20.93 -0.89
CA PHE C 229 -22.34 21.79 -0.38
C PHE C 229 -21.60 22.41 -1.55
N ASP C 230 -21.45 23.73 -1.53
CA ASP C 230 -20.81 24.47 -2.61
C ASP C 230 -19.37 24.79 -2.21
N LEU C 231 -18.42 24.40 -3.05
CA LEU C 231 -17.00 24.56 -2.76
C LEU C 231 -16.31 25.30 -3.90
N SER C 232 -15.30 26.09 -3.53
CA SER C 232 -14.48 26.82 -4.49
C SER C 232 -13.02 26.63 -4.13
N ARG C 233 -12.19 26.35 -5.14
CA ARG C 233 -10.79 26.07 -4.88
C ARG C 233 -10.02 27.35 -4.60
N ARG C 234 -8.93 27.20 -3.84
CA ARG C 234 -8.04 28.31 -3.52
C ARG C 234 -6.86 28.29 -4.46
N MET C 235 -6.67 29.39 -5.20
CA MET C 235 -5.65 29.49 -6.23
C MET C 235 -4.31 29.98 -5.70
N GLY C 236 -4.22 30.30 -4.40
CA GLY C 236 -3.03 30.94 -3.88
C GLY C 236 -1.79 30.07 -3.99
N TYR C 237 -1.93 28.78 -3.75
CA TYR C 237 -0.77 27.90 -3.74
C TYR C 237 -0.09 27.84 -5.10
N PHE C 238 -0.88 27.64 -6.16
CA PHE C 238 -0.31 27.45 -7.49
C PHE C 238 0.21 28.74 -8.10
N THR C 239 -0.26 29.90 -7.63
CA THR C 239 0.29 31.16 -8.11
C THR C 239 1.75 31.31 -7.70
N ILE C 240 2.04 31.11 -6.42
CA ILE C 240 3.41 31.19 -5.95
C ILE C 240 4.23 30.01 -6.45
N GLN C 241 3.63 28.82 -6.44
CA GLN C 241 4.39 27.61 -6.78
C GLN C 241 4.73 27.56 -8.27
N THR C 242 3.76 27.80 -9.14
CA THR C 242 3.95 27.55 -10.57
C THR C 242 3.80 28.79 -11.44
N TYR C 243 2.72 29.55 -11.28
CA TYR C 243 2.42 30.62 -12.22
C TYR C 243 3.52 31.69 -12.22
N ILE C 244 3.90 32.17 -11.03
CA ILE C 244 4.95 33.18 -10.96
C ILE C 244 6.29 32.66 -11.47
N PRO C 245 6.78 31.49 -11.05
CA PRO C 245 8.07 31.01 -11.60
C PRO C 245 8.04 30.80 -13.10
N CYS C 246 7.01 30.14 -13.62
CA CYS C 246 6.97 29.85 -15.06
C CYS C 246 6.93 31.12 -15.88
N THR C 247 6.15 32.12 -15.45
CA THR C 247 6.14 33.40 -16.12
C THR C 247 7.51 34.08 -16.01
N LEU C 248 8.15 33.96 -14.86
CA LEU C 248 9.47 34.56 -14.66
C LEU C 248 10.49 33.95 -15.60
N ILE C 249 10.41 32.64 -15.82
CA ILE C 249 11.39 31.96 -16.67
C ILE C 249 11.30 32.48 -18.10
N VAL C 250 10.08 32.64 -18.61
CA VAL C 250 9.90 33.09 -19.99
C VAL C 250 10.47 34.49 -20.17
N VAL C 251 10.24 35.38 -19.20
CA VAL C 251 10.76 36.73 -19.29
C VAL C 251 12.28 36.72 -19.32
N LEU C 252 12.90 35.90 -18.46
CA LEU C 252 14.36 35.87 -18.40
C LEU C 252 14.96 35.36 -19.70
N SER C 253 14.26 34.49 -20.43
CA SER C 253 14.80 34.00 -21.69
C SER C 253 14.95 35.09 -22.73
N TRP C 254 14.25 36.21 -22.57
CA TRP C 254 14.28 37.29 -23.55
C TRP C 254 15.51 38.16 -23.42
N VAL C 255 16.29 38.03 -22.33
CA VAL C 255 17.52 38.80 -22.20
C VAL C 255 18.52 38.45 -23.29
N SER C 256 18.40 37.26 -23.88
CA SER C 256 19.32 36.84 -24.92
C SER C 256 19.31 37.79 -26.12
N PHE C 257 18.18 38.46 -26.35
CA PHE C 257 18.06 39.32 -27.53
C PHE C 257 18.99 40.52 -27.45
N TRP C 258 19.09 41.14 -26.27
CA TRP C 258 19.89 42.35 -26.14
C TRP C 258 21.39 42.08 -26.12
N ILE C 259 21.80 40.86 -25.85
CA ILE C 259 23.22 40.52 -25.84
C ILE C 259 23.71 40.38 -27.28
N ASN C 260 24.96 40.80 -27.51
CA ASN C 260 25.51 40.79 -28.85
C ASN C 260 25.56 39.37 -29.41
N LYS C 261 25.28 39.24 -30.71
CA LYS C 261 25.27 37.94 -31.37
C LYS C 261 26.67 37.33 -31.49
N ASP C 262 27.72 38.11 -31.27
CA ASP C 262 29.08 37.58 -31.40
C ASP C 262 29.45 36.71 -30.23
N ALA C 263 28.91 36.98 -29.05
CA ALA C 263 29.26 36.22 -27.85
C ALA C 263 28.60 34.85 -27.88
N VAL C 264 29.08 33.97 -28.77
CA VAL C 264 28.53 32.62 -28.85
C VAL C 264 28.67 31.86 -27.53
N PRO C 265 29.82 31.86 -26.85
CA PRO C 265 29.89 31.19 -25.54
C PRO C 265 28.90 31.75 -24.54
N ALA C 266 28.63 33.05 -24.57
CA ALA C 266 27.74 33.66 -23.60
C ALA C 266 26.28 33.42 -23.97
N ARG C 267 25.88 33.85 -25.17
CA ARG C 267 24.47 33.80 -25.55
C ARG C 267 23.96 32.37 -25.58
N THR C 268 24.76 31.42 -26.06
CA THR C 268 24.35 30.02 -26.05
C THR C 268 24.17 29.53 -24.62
N SER C 269 25.07 29.90 -23.72
CA SER C 269 24.97 29.44 -22.33
C SER C 269 23.69 29.93 -21.68
N LEU C 270 23.27 31.15 -21.99
CA LEU C 270 22.01 31.67 -21.45
C LEU C 270 20.83 30.85 -21.94
N GLY C 271 20.82 30.48 -23.22
CA GLY C 271 19.70 29.71 -23.75
C GLY C 271 19.60 28.32 -23.17
N ILE C 272 20.75 27.64 -23.01
CA ILE C 272 20.74 26.26 -22.53
C ILE C 272 20.26 26.20 -21.09
N THR C 273 20.71 27.12 -20.25
CA THR C 273 20.32 27.11 -18.85
C THR C 273 18.82 27.32 -18.70
N THR C 274 18.24 28.21 -19.51
CA THR C 274 16.81 28.48 -19.43
C THR C 274 16.00 27.23 -19.75
N VAL C 275 16.36 26.52 -20.82
CA VAL C 275 15.60 25.33 -21.21
C VAL C 275 15.74 24.24 -20.15
N LEU C 276 16.94 24.12 -19.56
CA LEU C 276 17.13 23.15 -18.49
C LEU C 276 16.26 23.48 -17.29
N THR C 277 16.17 24.76 -16.93
CA THR C 277 15.37 25.15 -15.77
C THR C 277 13.89 24.95 -16.03
N MET C 278 13.41 25.33 -17.22
CA MET C 278 11.99 25.22 -17.52
C MET C 278 11.53 23.77 -17.49
N THR C 279 12.35 22.86 -18.02
CA THR C 279 11.98 21.45 -18.01
C THR C 279 11.84 20.93 -16.59
N THR C 280 12.70 21.39 -15.68
CA THR C 280 12.60 20.96 -14.29
C THR C 280 11.26 21.34 -13.68
N LEU C 281 10.81 22.57 -13.90
CA LEU C 281 9.51 23.00 -13.40
C LEU C 281 8.39 22.22 -14.07
N SER C 282 8.51 22.01 -15.38
CA SER C 282 7.49 21.25 -16.10
C SER C 282 7.38 19.83 -15.57
N THR C 283 8.49 19.25 -15.11
CA THR C 283 8.42 17.95 -14.47
C THR C 283 7.84 18.05 -13.06
N ILE C 284 8.22 19.10 -12.32
CA ILE C 284 7.70 19.26 -10.97
C ILE C 284 6.20 19.59 -11.00
N ALA C 285 5.80 20.49 -11.90
CA ALA C 285 4.40 20.89 -11.96
C ALA C 285 3.50 19.72 -12.37
N ARG C 286 3.95 18.91 -13.34
CA ARG C 286 3.13 17.81 -13.80
C ARG C 286 2.96 16.71 -12.75
N LYS C 287 3.80 16.69 -11.72
CA LYS C 287 3.68 15.66 -10.70
C LYS C 287 2.51 15.92 -9.77
N SER C 288 2.26 17.18 -9.42
CA SER C 288 1.18 17.52 -8.50
C SER C 288 -0.18 17.61 -9.17
N LEU C 289 -0.24 17.55 -10.49
CA LEU C 289 -1.53 17.66 -11.19
C LEU C 289 -2.27 16.32 -11.12
N PRO C 290 -3.53 16.32 -10.70
CA PRO C 290 -4.30 15.07 -10.72
C PRO C 290 -4.57 14.63 -12.14
N LYS C 291 -4.20 13.39 -12.46
CA LYS C 291 -4.31 12.90 -13.82
C LYS C 291 -5.78 12.80 -14.23
N VAL C 292 -6.07 13.28 -15.43
CA VAL C 292 -7.41 13.28 -16.00
C VAL C 292 -7.32 12.86 -17.46
N SER C 293 -8.47 12.70 -18.09
CA SER C 293 -8.55 12.34 -19.50
C SER C 293 -8.75 13.55 -20.40
N TYR C 294 -8.34 14.74 -19.96
CA TYR C 294 -8.38 15.95 -20.76
C TYR C 294 -7.22 16.84 -20.34
N VAL C 295 -7.22 18.07 -20.82
CA VAL C 295 -6.12 19.02 -20.56
C VAL C 295 -6.66 20.13 -19.68
N THR C 296 -6.08 20.27 -18.50
CA THR C 296 -6.48 21.33 -17.58
C THR C 296 -5.83 22.65 -17.98
N ALA C 297 -6.26 23.73 -17.32
CA ALA C 297 -5.67 25.04 -17.57
C ALA C 297 -4.21 25.07 -17.17
N MET C 298 -3.87 24.43 -16.05
CA MET C 298 -2.49 24.43 -15.58
C MET C 298 -1.55 23.80 -16.59
N ASP C 299 -1.95 22.67 -17.17
CA ASP C 299 -1.12 22.04 -18.19
C ASP C 299 -0.98 22.94 -19.42
N LEU C 300 -2.07 23.63 -19.79
CA LEU C 300 -2.01 24.53 -20.93
C LEU C 300 -1.02 25.66 -20.70
N PHE C 301 -1.06 26.26 -19.51
CA PHE C 301 -0.17 27.39 -19.22
C PHE C 301 1.28 26.95 -19.17
N VAL C 302 1.56 25.81 -18.55
CA VAL C 302 2.95 25.34 -18.45
C VAL C 302 3.47 24.92 -19.83
N SER C 303 2.61 24.28 -20.63
CA SER C 303 3.03 23.86 -21.97
C SER C 303 3.38 25.06 -22.85
N VAL C 304 2.56 26.11 -22.79
CA VAL C 304 2.81 27.30 -23.61
C VAL C 304 4.11 27.97 -23.18
N CYS C 305 4.32 28.10 -21.86
CA CYS C 305 5.54 28.71 -21.37
C CYS C 305 6.77 27.90 -21.79
N PHE C 306 6.66 26.57 -21.78
CA PHE C 306 7.77 25.73 -22.22
C PHE C 306 8.06 25.95 -23.71
N ILE C 307 7.06 26.30 -24.50
CA ILE C 307 7.28 26.53 -25.92
C ILE C 307 8.09 27.80 -26.14
N PHE C 308 7.73 28.88 -25.44
CA PHE C 308 8.35 30.17 -25.70
C PHE C 308 9.82 30.17 -25.32
N VAL C 309 10.19 29.56 -24.20
CA VAL C 309 11.59 29.52 -23.80
C VAL C 309 12.41 28.71 -24.80
N PHE C 310 11.85 27.59 -25.28
CA PHE C 310 12.56 26.81 -26.29
C PHE C 310 12.67 27.57 -27.60
N SER C 311 11.61 28.27 -28.00
CA SER C 311 11.66 29.06 -29.23
C SER C 311 12.67 30.20 -29.11
N ALA C 312 12.90 30.70 -27.90
CA ALA C 312 13.95 31.70 -27.71
C ALA C 312 15.32 31.11 -28.03
N LEU C 313 15.55 29.87 -27.61
CA LEU C 313 16.79 29.18 -27.98
C LEU C 313 16.83 28.89 -29.47
N VAL C 314 15.68 28.55 -30.06
CA VAL C 314 15.62 28.29 -31.49
C VAL C 314 15.93 29.56 -32.28
N GLU C 315 15.50 30.71 -31.78
CA GLU C 315 15.68 31.96 -32.50
C GLU C 315 17.15 32.25 -32.75
N TYR C 316 17.99 32.11 -31.72
CA TYR C 316 19.41 32.36 -31.91
C TYR C 316 20.07 31.27 -32.75
N GLY C 317 19.61 30.03 -32.61
CA GLY C 317 20.18 28.95 -33.42
C GLY C 317 20.01 29.21 -34.91
N THR C 318 18.81 29.62 -35.31
CA THR C 318 18.58 29.97 -36.70
C THR C 318 19.39 31.20 -37.11
N LEU C 319 19.50 32.18 -36.21
CA LEU C 319 20.25 33.39 -36.51
C LEU C 319 21.73 33.08 -36.75
N HIS C 320 22.31 32.21 -35.92
CA HIS C 320 23.72 31.88 -36.09
C HIS C 320 23.98 31.21 -37.43
N TYR C 321 23.07 30.33 -37.85
CA TYR C 321 23.19 29.72 -39.17
C TYR C 321 23.00 30.75 -40.27
N PHE C 322 22.07 31.69 -40.07
CA PHE C 322 21.74 32.67 -41.12
C PHE C 322 22.83 33.72 -41.31
N VAL C 323 23.79 33.83 -40.40
CA VAL C 323 24.85 34.82 -40.54
C VAL C 323 25.67 34.54 -41.81
N SER C 324 26.00 33.27 -42.04
CA SER C 324 26.79 32.93 -43.22
C SER C 324 25.96 33.03 -44.50
N SER C 325 24.72 32.52 -44.48
CA SER C 325 23.93 32.43 -45.69
C SER C 325 23.35 33.79 -46.09
N GLN C 326 22.53 34.39 -45.22
CA GLN C 326 21.85 35.65 -45.50
C GLN C 326 22.11 36.61 -44.34
N PRO C 327 23.31 37.18 -44.27
CA PRO C 327 23.62 38.10 -43.17
C PRO C 327 22.71 39.32 -43.12
N ALA C 328 22.26 39.82 -44.28
CA ALA C 328 21.33 40.93 -44.28
C ALA C 328 20.00 40.55 -43.61
N ARG C 329 19.51 39.34 -43.91
CA ARG C 329 18.30 38.86 -43.28
C ARG C 329 18.50 38.60 -41.79
N ALA C 330 19.74 38.36 -41.36
CA ALA C 330 20.00 38.05 -39.96
C ALA C 330 19.83 39.27 -39.06
N ALA C 331 20.17 40.46 -39.55
CA ALA C 331 20.10 41.65 -38.71
C ALA C 331 18.67 41.95 -38.26
N LYS C 332 17.71 41.83 -39.18
CA LYS C 332 16.32 42.09 -38.83
C LYS C 332 15.74 41.04 -37.89
N MET C 333 16.31 39.84 -37.86
CA MET C 333 15.75 38.77 -37.04
C MET C 333 15.80 39.11 -35.56
N ASP C 334 16.92 39.66 -35.08
CA ASP C 334 17.05 39.96 -33.67
C ASP C 334 16.14 41.10 -33.24
N SER C 335 16.03 42.14 -34.08
CA SER C 335 15.17 43.27 -33.74
C SER C 335 13.71 42.85 -33.64
N TYR C 336 13.26 42.00 -34.56
CA TYR C 336 11.88 41.52 -34.51
C TYR C 336 11.62 40.68 -33.26
N ALA C 337 12.65 39.97 -32.78
CA ALA C 337 12.48 39.12 -31.61
C ALA C 337 12.14 39.93 -30.37
N ARG C 338 12.77 41.10 -30.22
CA ARG C 338 12.54 41.93 -29.04
C ARG C 338 11.09 42.40 -28.94
N ILE C 339 10.34 42.38 -30.02
CA ILE C 339 8.96 42.83 -30.03
C ILE C 339 7.98 41.67 -30.17
N PHE C 340 8.28 40.70 -31.05
CA PHE C 340 7.34 39.62 -31.32
C PHE C 340 7.07 38.79 -30.08
N PHE C 341 8.14 38.41 -29.36
CA PHE C 341 7.96 37.58 -28.17
C PHE C 341 7.17 38.27 -27.07
N PRO C 342 7.53 39.48 -26.61
CA PRO C 342 6.74 40.11 -25.54
C PRO C 342 5.31 40.40 -25.94
N THR C 343 5.06 40.73 -27.21
CA THR C 343 3.70 41.05 -27.62
C THR C 343 2.82 39.80 -27.65
N ALA C 344 3.34 38.71 -28.20
CA ALA C 344 2.54 37.49 -28.30
C ALA C 344 2.23 36.92 -26.91
N PHE C 345 3.22 36.90 -26.01
CA PHE C 345 2.99 36.34 -24.68
C PHE C 345 1.97 37.16 -23.91
N CYS C 346 2.07 38.49 -23.96
CA CYS C 346 1.09 39.32 -23.30
C CYS C 346 -0.29 39.15 -23.94
N LEU C 347 -0.35 39.02 -25.26
CA LEU C 347 -1.61 38.78 -25.94
C LEU C 347 -2.21 37.45 -25.51
N PHE C 348 -1.39 36.40 -25.46
CA PHE C 348 -1.87 35.09 -25.03
C PHE C 348 -2.30 35.12 -23.57
N ASN C 349 -1.54 35.81 -22.72
CA ASN C 349 -1.83 35.80 -21.29
C ASN C 349 -3.17 36.45 -21.00
N LEU C 350 -3.49 37.54 -21.69
CA LEU C 350 -4.79 38.19 -21.50
C LEU C 350 -5.93 37.29 -21.95
N VAL C 351 -5.75 36.56 -23.05
CA VAL C 351 -6.76 35.61 -23.49
C VAL C 351 -6.95 34.51 -22.47
N TYR C 352 -5.84 34.00 -21.91
CA TYR C 352 -5.91 32.89 -20.97
C TYR C 352 -6.70 33.26 -19.72
N TRP C 353 -6.46 34.45 -19.17
CA TRP C 353 -7.14 34.84 -17.94
C TRP C 353 -8.61 35.15 -18.19
N VAL C 354 -8.91 35.91 -19.25
CA VAL C 354 -10.28 36.27 -19.54
C VAL C 354 -11.13 35.03 -19.82
N SER C 355 -10.59 34.11 -20.62
CA SER C 355 -11.35 32.91 -20.97
C SER C 355 -11.56 32.02 -19.76
N TYR C 356 -10.49 31.72 -19.02
CA TYR C 356 -10.59 30.73 -17.96
C TYR C 356 -11.18 31.29 -16.68
N LEU C 357 -11.33 32.61 -16.57
CA LEU C 357 -12.04 33.19 -15.45
C LEU C 357 -13.45 33.64 -15.81
N TYR C 358 -13.84 33.51 -17.09
CA TYR C 358 -15.19 33.87 -17.51
C TYR C 358 -15.73 32.87 -18.53
N LEU C 359 -15.30 31.60 -18.45
CA LEU C 359 -15.81 30.58 -19.36
C LEU C 359 -17.22 30.16 -18.98
N GLY C 360 -17.52 30.07 -17.68
CA GLY C 360 -18.83 29.68 -17.21
C GLY C 360 -18.87 29.48 -15.71
N ASP D 63 -11.96 -25.40 44.97
CA ASP D 63 -12.99 -25.57 46.00
C ASP D 63 -13.52 -24.22 46.47
N ASN D 64 -12.61 -23.30 46.77
CA ASN D 64 -13.00 -21.98 47.23
C ASN D 64 -13.57 -21.10 46.12
N THR D 65 -13.41 -21.50 44.86
CA THR D 65 -13.93 -20.71 43.76
C THR D 65 -15.45 -20.64 43.79
N THR D 66 -16.11 -21.63 44.38
CA THR D 66 -17.57 -21.59 44.50
C THR D 66 -18.03 -20.42 45.35
N VAL D 67 -17.25 -20.04 46.35
CA VAL D 67 -17.58 -18.86 47.14
C VAL D 67 -17.57 -17.61 46.28
N PHE D 68 -16.53 -17.46 45.44
CA PHE D 68 -16.46 -16.30 44.57
C PHE D 68 -17.49 -16.36 43.46
N THR D 69 -17.84 -17.56 43.00
CA THR D 69 -18.89 -17.68 41.98
C THR D 69 -20.23 -17.22 42.52
N ARG D 70 -20.54 -17.53 43.78
CA ARG D 70 -21.77 -17.05 44.39
C ARG D 70 -21.79 -15.52 44.47
N ILE D 71 -20.65 -14.92 44.82
CA ILE D 71 -20.58 -13.47 44.92
C ILE D 71 -20.85 -12.82 43.57
N LEU D 72 -20.19 -13.34 42.53
CA LEU D 72 -20.38 -12.77 41.18
C LEU D 72 -21.81 -12.98 40.70
N ASP D 73 -22.39 -14.14 40.96
CA ASP D 73 -23.75 -14.40 40.51
C ASP D 73 -24.77 -13.59 41.29
N ARG D 74 -24.46 -13.23 42.54
CA ARG D 74 -25.37 -12.41 43.32
C ARG D 74 -25.33 -10.95 42.87
N LEU D 75 -24.15 -10.44 42.53
CA LEU D 75 -24.05 -9.05 42.11
C LEU D 75 -24.83 -8.79 40.82
N LEU D 76 -24.73 -9.70 39.85
CA LEU D 76 -25.41 -9.53 38.59
C LEU D 76 -26.84 -10.02 38.61
N ASP D 77 -27.32 -10.53 39.74
CA ASP D 77 -28.70 -10.98 39.85
C ASP D 77 -29.59 -9.78 40.09
N GLY D 78 -30.34 -9.37 39.05
CA GLY D 78 -31.17 -8.19 39.11
C GLY D 78 -30.50 -6.91 38.65
N TYR D 79 -29.19 -6.95 38.39
CA TYR D 79 -28.49 -5.77 37.91
C TYR D 79 -29.00 -5.40 36.51
N ASP D 80 -29.30 -4.12 36.31
CA ASP D 80 -29.80 -3.61 35.04
C ASP D 80 -28.73 -2.70 34.44
N ASN D 81 -28.12 -3.15 33.34
CA ASN D 81 -27.01 -2.44 32.74
C ASN D 81 -27.45 -1.34 31.77
N ARG D 82 -28.69 -0.87 31.89
CA ARG D 82 -29.17 0.23 31.07
C ARG D 82 -29.33 1.53 31.85
N LEU D 83 -29.15 1.51 33.17
CA LEU D 83 -29.33 2.68 34.02
C LEU D 83 -27.99 3.06 34.64
N ARG D 84 -27.64 4.34 34.56
CA ARG D 84 -26.43 4.81 35.19
C ARG D 84 -26.56 4.72 36.72
N PRO D 85 -25.45 4.55 37.43
CA PRO D 85 -25.52 4.47 38.89
C PRO D 85 -26.09 5.76 39.49
N GLY D 86 -26.88 5.59 40.53
CA GLY D 86 -27.52 6.74 41.17
C GLY D 86 -28.48 7.48 40.27
N LEU D 87 -29.30 6.75 39.51
CA LEU D 87 -30.26 7.39 38.62
C LEU D 87 -31.40 7.98 39.45
N GLY D 88 -31.70 9.26 39.20
CA GLY D 88 -32.71 9.96 39.96
C GLY D 88 -32.29 10.39 41.34
N GLU D 89 -31.03 10.19 41.71
CA GLU D 89 -30.53 10.51 43.04
C GLU D 89 -29.42 11.55 43.01
N ARG D 90 -28.43 11.38 42.14
CA ARG D 90 -27.25 12.22 42.14
C ARG D 90 -26.62 12.18 40.76
N VAL D 91 -25.39 12.68 40.66
CA VAL D 91 -24.64 12.71 39.41
C VAL D 91 -23.53 11.68 39.50
N THR D 92 -23.37 10.89 38.44
CA THR D 92 -22.31 9.90 38.38
C THR D 92 -21.00 10.57 37.98
N GLU D 93 -20.02 10.54 38.87
CA GLU D 93 -18.71 11.15 38.63
C GLU D 93 -17.75 10.08 38.12
N VAL D 94 -17.08 10.39 37.01
CA VAL D 94 -16.18 9.45 36.36
C VAL D 94 -14.77 10.04 36.44
N LYS D 95 -13.97 9.54 37.36
CA LYS D 95 -12.57 9.94 37.44
C LYS D 95 -11.81 9.42 36.23
N THR D 96 -10.92 10.24 35.69
CA THR D 96 -10.22 9.91 34.46
C THR D 96 -8.75 10.26 34.58
N ASP D 97 -7.92 9.47 33.92
CA ASP D 97 -6.50 9.77 33.76
C ASP D 97 -5.97 8.96 32.59
N ILE D 98 -4.93 9.49 31.95
CA ILE D 98 -4.38 8.91 30.74
C ILE D 98 -2.89 8.68 30.92
N PHE D 99 -2.42 7.51 30.50
CA PHE D 99 -0.99 7.20 30.43
C PHE D 99 -0.64 6.99 28.96
N VAL D 100 0.16 7.90 28.41
CA VAL D 100 0.54 7.83 27.00
C VAL D 100 1.79 6.99 26.86
N THR D 101 1.66 5.84 26.18
CA THR D 101 2.79 4.96 26.01
C THR D 101 3.61 5.26 24.75
N SER D 102 3.03 5.93 23.77
CA SER D 102 3.75 6.26 22.55
C SER D 102 3.04 7.39 21.83
N PHE D 103 3.70 8.54 21.71
CA PHE D 103 3.16 9.66 20.96
C PHE D 103 3.52 9.45 19.49
N GLY D 104 2.54 9.02 18.70
CA GLY D 104 2.80 8.54 17.37
C GLY D 104 3.14 9.67 16.41
N PRO D 105 3.32 9.30 15.14
CA PRO D 105 3.73 10.27 14.14
C PRO D 105 2.70 11.35 13.91
N VAL D 106 3.17 12.53 13.55
CA VAL D 106 2.32 13.67 13.21
C VAL D 106 2.40 13.87 11.71
N SER D 107 1.24 13.88 11.05
CA SER D 107 1.16 14.03 9.60
C SER D 107 0.68 15.44 9.29
N ASP D 108 1.56 16.26 8.71
CA ASP D 108 1.19 17.62 8.36
C ASP D 108 0.14 17.65 7.25
N HIS D 109 0.25 16.72 6.29
CA HIS D 109 -0.67 16.72 5.15
C HIS D 109 -2.09 16.45 5.58
N ASP D 110 -2.30 15.50 6.48
CA ASP D 110 -3.63 15.20 6.99
C ASP D 110 -3.99 16.03 8.22
N MET D 111 -3.03 16.78 8.77
CA MET D 111 -3.25 17.57 9.97
C MET D 111 -3.82 16.73 11.11
N GLU D 112 -3.27 15.53 11.27
CA GLU D 112 -3.68 14.61 12.31
C GLU D 112 -2.45 14.08 13.03
N TYR D 113 -2.68 13.29 14.08
CA TYR D 113 -1.60 12.62 14.78
C TYR D 113 -2.15 11.36 15.43
N THR D 114 -1.24 10.47 15.80
CA THR D 114 -1.59 9.20 16.42
C THR D 114 -1.01 9.15 17.83
N ILE D 115 -1.67 8.38 18.70
CA ILE D 115 -1.26 8.30 20.10
C ILE D 115 -1.81 7.00 20.67
N ASP D 116 -0.99 6.33 21.47
CA ASP D 116 -1.40 5.14 22.21
C ASP D 116 -1.51 5.49 23.69
N VAL D 117 -2.59 5.04 24.32
CA VAL D 117 -2.91 5.43 25.68
C VAL D 117 -3.36 4.22 26.48
N PHE D 118 -3.27 4.34 27.80
CA PHE D 118 -3.94 3.45 28.74
C PHE D 118 -5.06 4.27 29.36
N PHE D 119 -6.21 4.30 28.69
CA PHE D 119 -7.31 5.16 29.08
C PHE D 119 -7.98 4.59 30.33
N ARG D 120 -7.72 5.21 31.48
CA ARG D 120 -8.24 4.72 32.75
C ARG D 120 -9.43 5.55 33.18
N GLN D 121 -10.49 4.87 33.63
CA GLN D 121 -11.69 5.51 34.16
C GLN D 121 -12.09 4.86 35.47
N SER D 122 -12.76 5.62 36.32
CA SER D 122 -13.16 5.11 37.63
C SER D 122 -14.39 5.85 38.11
N TRP D 123 -15.41 5.09 38.52
CA TRP D 123 -16.64 5.66 39.04
C TRP D 123 -17.10 4.82 40.23
N LYS D 124 -18.22 5.20 40.81
CA LYS D 124 -18.76 4.55 41.99
C LYS D 124 -20.13 3.97 41.67
N ASP D 125 -20.32 2.70 41.99
CA ASP D 125 -21.61 2.03 41.82
C ASP D 125 -21.94 1.29 43.11
N GLU D 126 -23.05 1.66 43.73
CA GLU D 126 -23.46 1.05 44.99
C GLU D 126 -24.19 -0.27 44.81
N ARG D 127 -24.44 -0.68 43.57
CA ARG D 127 -25.09 -1.96 43.30
C ARG D 127 -24.10 -3.11 43.26
N LEU D 128 -22.81 -2.86 43.47
CA LEU D 128 -21.78 -3.88 43.36
C LEU D 128 -21.02 -4.10 44.66
N LYS D 129 -21.58 -3.68 45.79
CA LYS D 129 -20.95 -3.95 47.08
C LYS D 129 -21.04 -5.43 47.40
N PHE D 130 -20.03 -5.93 48.11
CA PHE D 130 -20.00 -7.34 48.47
C PHE D 130 -19.13 -7.54 49.70
N LYS D 131 -19.32 -8.68 50.35
CA LYS D 131 -18.51 -9.10 51.49
C LYS D 131 -17.81 -10.40 51.13
N GLY D 132 -16.49 -10.43 51.29
CA GLY D 132 -15.73 -11.61 50.95
C GLY D 132 -14.30 -11.54 51.45
N PRO D 133 -13.58 -12.66 51.34
CA PRO D 133 -12.19 -12.68 51.81
C PRO D 133 -11.29 -11.68 51.11
N MET D 134 -11.51 -11.42 49.83
CA MET D 134 -10.72 -10.46 49.08
C MET D 134 -11.44 -9.12 49.03
N THR D 135 -10.68 -8.04 49.28
CA THR D 135 -11.22 -6.70 49.19
C THR D 135 -11.26 -6.19 47.76
N VAL D 136 -10.56 -6.82 46.84
CA VAL D 136 -10.51 -6.41 45.44
C VAL D 136 -10.72 -7.64 44.57
N LEU D 137 -11.61 -7.53 43.58
CA LEU D 137 -11.86 -8.60 42.62
C LEU D 137 -11.29 -8.16 41.28
N ARG D 138 -10.15 -8.72 40.89
CA ARG D 138 -9.53 -8.44 39.60
C ARG D 138 -10.14 -9.38 38.56
N LEU D 139 -11.32 -9.01 38.09
CA LEU D 139 -12.10 -9.86 37.21
C LEU D 139 -11.61 -9.78 35.77
N ASN D 140 -12.04 -10.73 34.97
CA ASN D 140 -11.71 -10.78 33.55
C ASN D 140 -12.44 -9.67 32.80
N ASN D 141 -11.87 -9.26 31.67
CA ASN D 141 -12.46 -8.20 30.87
C ASN D 141 -13.81 -8.58 30.28
N LEU D 142 -14.16 -9.86 30.29
CA LEU D 142 -15.50 -10.28 29.86
C LEU D 142 -16.59 -9.76 30.78
N MET D 143 -16.26 -9.45 32.03
CA MET D 143 -17.25 -8.94 32.97
C MET D 143 -17.71 -7.53 32.59
N ALA D 144 -16.87 -6.78 31.87
CA ALA D 144 -17.18 -5.38 31.61
C ALA D 144 -18.35 -5.20 30.66
N SER D 145 -18.77 -6.25 29.96
CA SER D 145 -19.87 -6.14 29.02
C SER D 145 -21.24 -6.32 29.67
N LYS D 146 -21.27 -6.65 30.97
CA LYS D 146 -22.52 -6.89 31.68
C LYS D 146 -22.81 -5.85 32.74
N ILE D 147 -22.01 -4.78 32.82
CA ILE D 147 -22.23 -3.72 33.79
C ILE D 147 -22.21 -2.39 33.05
N TRP D 148 -22.73 -1.36 33.72
CA TRP D 148 -22.79 -0.04 33.12
C TRP D 148 -21.39 0.58 33.08
N THR D 149 -21.02 1.10 31.92
CA THR D 149 -19.75 1.79 31.75
C THR D 149 -19.98 3.10 31.01
N PRO D 150 -19.16 4.12 31.28
CA PRO D 150 -19.33 5.40 30.58
C PRO D 150 -19.14 5.24 29.09
N ASP D 151 -19.94 5.97 28.32
CA ASP D 151 -19.85 5.96 26.86
C ASP D 151 -18.94 7.07 26.36
N THR D 152 -17.73 7.13 26.90
CA THR D 152 -16.79 8.18 26.54
C THR D 152 -16.35 8.03 25.08
N PHE D 153 -16.37 9.15 24.36
CA PHE D 153 -15.86 9.20 23.00
C PHE D 153 -14.99 10.44 22.85
N PHE D 154 -14.20 10.46 21.79
CA PHE D 154 -13.28 11.55 21.53
C PHE D 154 -13.87 12.49 20.49
N HIS D 155 -14.00 13.76 20.86
CA HIS D 155 -14.67 14.72 19.99
C HIS D 155 -13.97 14.89 18.66
N ASN D 156 -12.64 14.97 18.68
CA ASN D 156 -11.86 15.19 17.46
C ASN D 156 -11.12 13.94 17.03
N GLY D 157 -11.65 12.77 17.34
CA GLY D 157 -11.03 11.53 16.93
C GLY D 157 -11.51 11.06 15.57
N LYS D 158 -10.58 10.83 14.64
CA LYS D 158 -10.98 10.41 13.29
C LYS D 158 -11.40 8.94 13.29
N LYS D 159 -10.48 8.04 13.62
CA LYS D 159 -10.79 6.61 13.65
C LYS D 159 -9.85 5.94 14.63
N SER D 160 -10.31 5.76 15.86
CA SER D 160 -9.52 5.09 16.87
C SER D 160 -9.65 3.58 16.72
N VAL D 161 -8.69 2.86 17.31
CA VAL D 161 -8.64 1.41 17.24
C VAL D 161 -8.51 0.86 18.66
N ALA D 162 -9.38 -0.09 19.00
CA ALA D 162 -9.27 -0.81 20.26
C ALA D 162 -8.60 -2.14 20.00
N HIS D 163 -7.46 -2.38 20.63
CA HIS D 163 -6.67 -3.56 20.34
C HIS D 163 -7.33 -4.81 20.91
N ASN D 164 -7.19 -5.93 20.18
CA ASN D 164 -7.90 -7.16 20.50
C ASN D 164 -6.96 -8.37 20.44
N MET D 165 -5.68 -8.16 20.68
CA MET D 165 -4.69 -9.24 20.59
C MET D 165 -3.93 -9.32 21.90
N THR D 166 -3.88 -10.51 22.49
CA THR D 166 -4.55 -11.69 21.98
C THR D 166 -5.96 -11.80 22.55
N MET D 167 -6.26 -10.91 23.49
CA MET D 167 -7.56 -10.82 24.14
C MET D 167 -7.92 -9.34 24.20
N PRO D 168 -9.21 -9.01 24.38
CA PRO D 168 -9.58 -7.60 24.53
C PRO D 168 -8.76 -6.90 25.61
N ASN D 169 -8.00 -5.88 25.21
CA ASN D 169 -7.09 -5.19 26.13
C ASN D 169 -7.91 -4.31 27.06
N LYS D 170 -8.54 -4.97 28.03
CA LYS D 170 -9.33 -4.28 29.05
C LYS D 170 -9.14 -4.96 30.38
N LEU D 171 -9.36 -4.21 31.45
CA LEU D 171 -9.34 -4.76 32.79
C LEU D 171 -10.48 -4.16 33.59
N LEU D 172 -10.94 -4.90 34.59
CA LEU D 172 -12.03 -4.47 35.44
C LEU D 172 -11.78 -4.96 36.85
N ARG D 173 -11.69 -4.03 37.80
CA ARG D 173 -11.44 -4.35 39.19
C ARG D 173 -12.54 -3.74 40.06
N ILE D 174 -13.10 -4.55 40.95
CA ILE D 174 -14.20 -4.14 41.81
C ILE D 174 -13.73 -4.19 43.25
N THR D 175 -13.80 -3.05 43.94
CA THR D 175 -13.49 -3.01 45.36
C THR D 175 -14.73 -3.38 46.16
N GLU D 176 -14.59 -3.41 47.49
CA GLU D 176 -15.69 -3.84 48.33
C GLU D 176 -16.74 -2.75 48.55
N ASP D 177 -16.42 -1.50 48.26
CA ASP D 177 -17.37 -0.40 48.38
C ASP D 177 -18.00 -0.03 47.04
N GLY D 178 -17.80 -0.84 46.01
CA GLY D 178 -18.40 -0.60 44.72
C GLY D 178 -17.57 0.22 43.76
N THR D 179 -16.47 0.81 44.22
CA THR D 179 -15.62 1.58 43.32
C THR D 179 -15.04 0.68 42.23
N LEU D 180 -15.09 1.14 41.00
CA LEU D 180 -14.63 0.35 39.85
C LEU D 180 -13.46 1.05 39.18
N LEU D 181 -12.57 0.24 38.62
CA LEU D 181 -11.51 0.71 37.74
C LEU D 181 -11.63 -0.03 36.41
N TYR D 182 -11.49 0.70 35.31
CA TYR D 182 -11.78 0.14 34.00
C TYR D 182 -10.90 0.87 32.98
N THR D 183 -9.86 0.20 32.52
CA THR D 183 -8.91 0.77 31.58
C THR D 183 -8.95 -0.01 30.26
N MET D 184 -8.34 0.59 29.25
CA MET D 184 -8.26 -0.03 27.93
C MET D 184 -7.09 0.57 27.18
N ARG D 185 -6.65 -0.14 26.15
CA ARG D 185 -5.54 0.30 25.31
C ARG D 185 -6.08 0.69 23.95
N LEU D 186 -5.79 1.92 23.54
CA LEU D 186 -6.35 2.48 22.32
C LEU D 186 -5.25 3.05 21.45
N THR D 187 -5.54 3.16 20.16
CA THR D 187 -4.69 3.85 19.20
C THR D 187 -5.55 4.95 18.60
N VAL D 188 -5.47 6.14 19.16
CA VAL D 188 -6.36 7.24 18.81
C VAL D 188 -5.71 8.10 17.75
N ARG D 189 -6.46 8.38 16.69
CA ARG D 189 -6.07 9.37 15.68
C ARG D 189 -6.95 10.60 15.86
N ALA D 190 -6.32 11.76 15.99
CA ALA D 190 -7.03 12.98 16.34
C ALA D 190 -6.71 14.08 15.33
N GLU D 191 -7.71 14.89 15.01
CA GLU D 191 -7.50 16.06 14.17
C GLU D 191 -6.72 17.11 14.94
N CYS D 192 -5.82 17.80 14.23
CA CYS D 192 -5.00 18.85 14.83
C CYS D 192 -4.90 20.02 13.85
N PRO D 193 -5.68 21.07 14.05
CA PRO D 193 -5.54 22.26 13.20
C PRO D 193 -4.15 22.87 13.34
N MET D 194 -3.61 23.33 12.22
CA MET D 194 -2.25 23.84 12.19
C MET D 194 -2.21 25.16 11.43
N HIS D 195 -1.26 26.00 11.80
CA HIS D 195 -0.97 27.25 11.10
C HIS D 195 0.49 27.24 10.72
N LEU D 196 0.77 27.36 9.42
CA LEU D 196 2.11 27.22 8.89
C LEU D 196 2.71 28.56 8.46
N GLU D 197 2.31 29.64 9.13
CA GLU D 197 2.92 30.94 8.84
C GLU D 197 4.40 30.95 9.19
N ASP D 198 4.77 30.36 10.32
CA ASP D 198 6.13 30.37 10.80
C ASP D 198 6.92 29.14 10.40
N PHE D 199 6.47 28.41 9.38
CA PHE D 199 7.20 27.25 8.92
C PHE D 199 8.59 27.67 8.44
N PRO D 200 9.63 26.89 8.76
CA PRO D 200 9.65 25.63 9.51
C PRO D 200 9.98 25.84 10.99
N MET D 201 9.80 27.06 11.51
CA MET D 201 10.06 27.35 12.91
C MET D 201 8.76 27.54 13.69
N ASP D 202 7.72 26.81 13.32
CA ASP D 202 6.41 26.96 13.93
C ASP D 202 6.35 26.18 15.24
N ALA D 203 5.16 26.20 15.86
CA ALA D 203 4.95 25.49 17.12
C ALA D 203 3.46 25.25 17.28
N HIS D 204 3.05 23.99 17.21
CA HIS D 204 1.64 23.63 17.25
C HIS D 204 1.23 23.20 18.66
N ALA D 205 -0.08 23.13 18.87
CA ALA D 205 -0.67 22.62 20.11
C ALA D 205 -1.81 21.70 19.71
N CYS D 206 -1.50 20.42 19.51
CA CYS D 206 -2.51 19.45 19.11
C CYS D 206 -3.35 19.07 20.32
N PRO D 207 -4.67 19.23 20.26
CA PRO D 207 -5.50 18.94 21.43
C PRO D 207 -5.97 17.51 21.47
N LEU D 208 -6.67 17.15 22.54
CA LEU D 208 -7.31 15.84 22.65
C LEU D 208 -8.50 15.99 23.58
N LYS D 209 -9.70 15.95 23.01
CA LYS D 209 -10.93 16.19 23.76
C LYS D 209 -11.74 14.91 23.85
N PHE D 210 -12.35 14.67 25.00
CA PHE D 210 -13.22 13.52 25.16
C PHE D 210 -14.30 13.84 26.20
N GLY D 211 -15.39 13.11 26.09
CA GLY D 211 -16.52 13.31 26.99
C GLY D 211 -17.62 12.33 26.66
N SER D 212 -18.68 12.39 27.46
CA SER D 212 -19.80 11.49 27.26
C SER D 212 -20.54 11.84 25.97
N TYR D 213 -21.28 10.86 25.46
CA TYR D 213 -22.08 11.04 24.25
C TYR D 213 -23.57 11.14 24.54
N ALA D 214 -24.12 10.21 25.32
CA ALA D 214 -25.55 10.15 25.56
C ALA D 214 -25.99 10.77 26.88
N TYR D 215 -25.05 11.27 27.68
CA TYR D 215 -25.36 11.81 28.99
C TYR D 215 -24.94 13.27 29.06
N THR D 216 -25.88 14.13 29.40
CA THR D 216 -25.60 15.56 29.54
C THR D 216 -24.86 15.83 30.85
N ARG D 217 -24.46 17.08 31.02
CA ARG D 217 -23.66 17.45 32.18
C ARG D 217 -24.44 17.38 33.49
N ALA D 218 -25.76 17.23 33.43
CA ALA D 218 -26.57 17.05 34.62
C ALA D 218 -26.68 15.60 35.04
N GLU D 219 -26.04 14.69 34.33
CA GLU D 219 -26.09 13.27 34.68
C GLU D 219 -24.71 12.65 34.87
N VAL D 220 -23.73 13.02 34.04
CA VAL D 220 -22.38 12.49 34.14
C VAL D 220 -21.40 13.64 34.07
N VAL D 221 -20.45 13.68 34.99
CA VAL D 221 -19.41 14.70 35.03
C VAL D 221 -18.06 14.01 35.12
N TYR D 222 -17.07 14.57 34.43
CA TYR D 222 -15.74 13.99 34.34
C TYR D 222 -14.75 14.82 35.15
N GLU D 223 -13.93 14.16 35.96
CA GLU D 223 -12.88 14.81 36.73
C GLU D 223 -11.60 14.00 36.61
N TRP D 224 -10.47 14.68 36.79
CA TRP D 224 -9.18 14.01 36.72
C TRP D 224 -8.90 13.26 38.02
N THR D 225 -8.24 12.10 37.89
CA THR D 225 -8.00 11.26 39.05
C THR D 225 -7.09 11.95 40.06
N ARG D 226 -6.11 12.69 39.58
CA ARG D 226 -5.14 13.41 40.40
C ARG D 226 -5.17 14.88 40.00
N GLU D 227 -4.18 15.63 40.46
CA GLU D 227 -4.06 17.01 40.05
C GLU D 227 -3.98 17.08 38.54
N PRO D 228 -4.59 18.09 37.91
CA PRO D 228 -4.68 18.10 36.44
C PRO D 228 -3.33 18.02 35.74
N ALA D 229 -2.28 18.61 36.33
CA ALA D 229 -0.97 18.53 35.70
C ALA D 229 -0.46 17.10 35.65
N ARG D 230 -0.70 16.33 36.71
CA ARG D 230 -0.15 14.98 36.83
C ARG D 230 -1.17 13.89 36.49
N SER D 231 -2.30 14.24 35.90
CA SER D 231 -3.29 13.25 35.51
C SER D 231 -3.08 12.74 34.09
N VAL D 232 -2.15 13.32 33.33
CA VAL D 232 -1.76 12.81 32.03
C VAL D 232 -0.25 12.65 32.04
N VAL D 233 0.21 11.40 31.91
CA VAL D 233 1.62 11.06 32.04
C VAL D 233 2.10 10.50 30.71
N VAL D 234 3.24 11.01 30.24
CA VAL D 234 3.87 10.53 29.02
C VAL D 234 5.09 9.70 29.40
N ALA D 235 5.16 8.48 28.86
CA ALA D 235 6.31 7.63 29.10
C ALA D 235 7.55 8.22 28.44
N GLU D 236 8.72 7.98 29.05
CA GLU D 236 9.95 8.54 28.54
C GLU D 236 10.27 8.04 27.13
N ASP D 237 10.08 6.74 26.91
CA ASP D 237 10.30 6.16 25.58
C ASP D 237 9.07 6.23 24.70
N GLY D 238 8.16 7.15 24.97
CA GLY D 238 6.91 7.23 24.25
C GLY D 238 6.92 8.25 23.12
N SER D 239 8.10 8.65 22.67
CA SER D 239 8.24 9.63 21.61
C SER D 239 8.64 8.91 20.32
N ARG D 240 7.68 8.77 19.41
CA ARG D 240 7.94 8.29 18.06
C ARG D 240 8.02 9.43 17.06
N LEU D 241 8.02 10.67 17.54
CA LEU D 241 8.05 11.82 16.65
C LEU D 241 9.40 11.89 15.93
N ASN D 242 9.35 12.09 14.62
CA ASN D 242 10.57 12.25 13.85
C ASN D 242 11.03 13.70 13.79
N GLN D 243 10.13 14.60 13.38
CA GLN D 243 10.46 15.99 13.12
C GLN D 243 9.72 16.93 14.06
N TYR D 244 9.64 16.57 15.34
CA TYR D 244 9.00 17.41 16.33
C TYR D 244 9.62 17.16 17.69
N ASP D 245 9.38 18.10 18.60
CA ASP D 245 9.82 17.98 19.99
C ASP D 245 8.62 18.16 20.90
N LEU D 246 8.44 17.22 21.82
CA LEU D 246 7.35 17.31 22.79
C LEU D 246 7.79 18.23 23.92
N LEU D 247 7.20 19.43 23.98
CA LEU D 247 7.57 20.43 24.97
C LEU D 247 6.75 20.34 26.24
N GLY D 248 5.85 19.37 26.35
CA GLY D 248 4.99 19.27 27.51
C GLY D 248 3.53 19.44 27.16
N GLN D 249 2.64 18.94 28.01
CA GLN D 249 1.21 18.96 27.76
C GLN D 249 0.50 19.81 28.79
N THR D 250 -0.62 20.39 28.39
CA THR D 250 -1.45 21.23 29.25
C THR D 250 -2.83 20.59 29.37
N VAL D 251 -3.34 20.52 30.60
CA VAL D 251 -4.58 19.81 30.91
C VAL D 251 -5.61 20.82 31.38
N ASP D 252 -6.80 20.78 30.79
CA ASP D 252 -7.88 21.67 31.17
C ASP D 252 -9.21 20.99 30.89
N SER D 253 -10.26 21.50 31.55
CA SER D 253 -11.60 20.96 31.42
C SER D 253 -12.58 22.08 31.12
N GLY D 254 -13.64 21.75 30.39
CA GLY D 254 -14.60 22.76 29.99
C GLY D 254 -16.01 22.25 29.77
N ILE D 255 -16.83 23.06 29.08
CA ILE D 255 -18.22 22.74 28.82
C ILE D 255 -18.51 23.00 27.35
N VAL D 256 -19.17 22.05 26.69
CA VAL D 256 -19.61 22.19 25.31
C VAL D 256 -21.12 22.04 25.28
N GLN D 257 -21.80 22.97 24.61
CA GLN D 257 -23.26 22.98 24.55
C GLN D 257 -23.69 22.75 23.11
N SER D 258 -24.54 21.75 22.91
CA SER D 258 -25.07 21.39 21.61
C SER D 258 -26.59 21.55 21.62
N SER D 259 -27.22 21.11 20.54
CA SER D 259 -28.67 21.20 20.44
C SER D 259 -29.35 20.28 21.43
N THR D 260 -28.75 19.12 21.71
CA THR D 260 -29.37 18.16 22.61
C THR D 260 -29.23 18.59 24.07
N GLY D 261 -28.11 19.22 24.42
CA GLY D 261 -27.91 19.65 25.78
C GLY D 261 -26.48 20.09 26.01
N GLU D 262 -26.11 20.19 27.28
CA GLU D 262 -24.78 20.60 27.69
C GLU D 262 -23.99 19.38 28.12
N TYR D 263 -22.78 19.25 27.60
CA TYR D 263 -21.92 18.11 27.88
C TYR D 263 -20.58 18.56 28.43
N VAL D 264 -20.00 17.75 29.29
CA VAL D 264 -18.68 18.02 29.84
C VAL D 264 -17.63 17.52 28.84
N VAL D 265 -16.58 18.32 28.65
CA VAL D 265 -15.50 17.98 27.74
C VAL D 265 -14.18 18.18 28.49
N MET D 266 -13.29 17.20 28.38
CA MET D 266 -11.96 17.25 28.99
C MET D 266 -10.93 17.45 27.90
N THR D 267 -9.99 18.36 28.14
CA THR D 267 -9.03 18.76 27.12
C THR D 267 -7.61 18.46 27.58
N THR D 268 -6.75 18.13 26.62
CA THR D 268 -5.34 17.86 26.91
C THR D 268 -4.54 18.27 25.67
N HIS D 269 -4.00 19.48 25.69
CA HIS D 269 -3.19 19.97 24.58
C HIS D 269 -1.76 19.46 24.70
N PHE D 270 -1.21 18.96 23.60
CA PHE D 270 0.19 18.58 23.52
C PHE D 270 0.93 19.63 22.70
N HIS D 271 1.98 20.21 23.29
CA HIS D 271 2.73 21.27 22.63
C HIS D 271 3.88 20.66 21.84
N LEU D 272 4.00 21.06 20.58
CA LEU D 272 5.01 20.52 19.68
C LEU D 272 5.77 21.67 19.02
N LYS D 273 7.08 21.49 18.87
CA LYS D 273 7.92 22.43 18.14
C LYS D 273 8.69 21.67 17.08
N ARG D 274 8.68 22.18 15.86
CA ARG D 274 9.37 21.52 14.77
C ARG D 274 10.88 21.62 14.93
N LYS D 275 11.59 20.60 14.46
CA LYS D 275 13.05 20.58 14.50
C LYS D 275 13.58 21.09 13.17
N ILE D 276 14.41 22.14 13.23
CA ILE D 276 14.85 22.86 12.03
C ILE D 276 16.09 22.23 11.40
N GLY D 277 16.59 21.11 11.93
CA GLY D 277 17.84 20.56 11.45
C GLY D 277 17.84 20.17 9.99
N TYR D 278 16.70 19.67 9.49
CA TYR D 278 16.64 19.17 8.12
C TYR D 278 16.54 20.28 7.08
N PHE D 279 16.22 21.51 7.48
CA PHE D 279 16.03 22.58 6.52
C PHE D 279 17.24 23.52 6.40
N VAL D 280 18.02 23.68 7.46
CA VAL D 280 19.19 24.54 7.38
C VAL D 280 20.18 23.99 6.35
N ILE D 281 20.43 22.69 6.38
CA ILE D 281 21.32 22.08 5.41
C ILE D 281 20.69 22.05 4.03
N GLN D 282 19.41 21.67 3.96
CA GLN D 282 18.81 21.37 2.66
C GLN D 282 18.51 22.64 1.86
N THR D 283 18.02 23.68 2.51
CA THR D 283 17.50 24.84 1.79
C THR D 283 18.28 26.11 2.06
N TYR D 284 18.49 26.47 3.33
CA TYR D 284 19.07 27.77 3.63
C TYR D 284 20.50 27.88 3.13
N LEU D 285 21.33 26.86 3.38
CA LEU D 285 22.72 26.91 2.93
C LEU D 285 22.84 27.02 1.41
N PRO D 286 22.14 26.20 0.60
CA PRO D 286 22.21 26.41 -0.86
C PRO D 286 21.76 27.80 -1.28
N CYS D 287 20.74 28.36 -0.62
CA CYS D 287 20.28 29.70 -0.97
C CYS D 287 21.24 30.77 -0.49
N ILE D 288 21.83 30.60 0.70
CA ILE D 288 22.79 31.57 1.19
C ILE D 288 24.03 31.60 0.30
N MET D 289 24.52 30.43 -0.09
CA MET D 289 25.70 30.37 -0.95
C MET D 289 25.42 31.00 -2.30
N THR D 290 24.24 30.73 -2.88
CA THR D 290 23.92 31.28 -4.19
C THR D 290 23.89 32.80 -4.17
N VAL D 291 23.29 33.39 -3.13
CA VAL D 291 23.29 34.84 -3.00
C VAL D 291 24.71 35.37 -2.84
N ILE D 292 25.51 34.72 -2.00
CA ILE D 292 26.91 35.13 -1.83
C ILE D 292 27.67 34.93 -3.13
N LEU D 293 27.46 33.79 -3.79
CA LEU D 293 28.12 33.53 -5.07
C LEU D 293 27.68 34.55 -6.12
N SER D 294 26.47 35.06 -6.00
CA SER D 294 25.95 36.02 -6.97
C SER D 294 26.70 37.34 -6.95
N GLN D 295 27.21 37.75 -5.79
CA GLN D 295 27.82 39.06 -5.62
C GLN D 295 29.27 39.11 -6.07
N VAL D 296 29.84 37.98 -6.49
CA VAL D 296 31.22 37.97 -6.99
C VAL D 296 31.33 38.64 -8.35
N SER D 297 30.22 38.84 -9.05
CA SER D 297 30.26 39.49 -10.36
C SER D 297 30.71 40.94 -10.26
N PHE D 298 30.59 41.57 -9.09
CA PHE D 298 31.00 42.95 -8.92
C PHE D 298 32.50 43.14 -9.00
N TRP D 299 33.28 42.06 -8.99
CA TRP D 299 34.73 42.16 -8.97
C TRP D 299 35.39 41.92 -10.31
N LEU D 300 34.61 41.58 -11.35
CA LEU D 300 35.24 41.17 -12.60
C LEU D 300 35.67 42.37 -13.45
N ASN D 301 34.69 43.11 -13.99
CA ASN D 301 34.93 44.31 -14.79
C ASN D 301 33.60 44.91 -15.21
N ARG D 302 33.65 46.01 -15.97
CA ARG D 302 32.44 46.61 -16.52
C ARG D 302 32.29 46.43 -18.02
N GLU D 303 33.38 46.18 -18.74
CA GLU D 303 33.31 46.09 -20.19
C GLU D 303 32.75 44.76 -20.67
N SER D 304 33.01 43.67 -19.94
CA SER D 304 32.56 42.33 -20.36
C SER D 304 31.06 42.23 -20.13
N VAL D 305 30.31 42.87 -21.02
CA VAL D 305 28.84 42.83 -20.93
C VAL D 305 28.31 41.42 -21.05
N PRO D 306 28.68 40.62 -22.07
CA PRO D 306 28.12 39.26 -22.14
C PRO D 306 28.47 38.39 -20.95
N ALA D 307 29.69 38.52 -20.40
CA ALA D 307 30.10 37.66 -19.30
C ALA D 307 29.31 37.95 -18.04
N ARG D 308 29.23 39.22 -17.65
CA ARG D 308 28.52 39.58 -16.43
C ARG D 308 27.03 39.32 -16.53
N THR D 309 26.43 39.56 -17.69
CA THR D 309 25.00 39.29 -17.86
C THR D 309 24.71 37.80 -17.72
N VAL D 310 25.50 36.96 -18.35
CA VAL D 310 25.28 35.51 -18.27
C VAL D 310 25.46 35.02 -16.85
N PHE D 311 26.49 35.50 -16.16
CA PHE D 311 26.72 35.11 -14.77
C PHE D 311 25.58 35.58 -13.88
N GLY D 312 25.06 36.78 -14.15
CA GLY D 312 23.96 37.30 -13.35
C GLY D 312 22.67 36.54 -13.55
N VAL D 313 22.29 36.30 -14.80
CA VAL D 313 20.99 35.69 -15.07
C VAL D 313 20.97 34.22 -14.65
N THR D 314 22.09 33.51 -14.86
CA THR D 314 22.17 32.12 -14.47
C THR D 314 21.92 31.94 -12.97
N THR D 315 22.37 32.91 -12.17
CA THR D 315 22.14 32.84 -10.73
C THR D 315 20.66 32.88 -10.40
N VAL D 316 19.90 33.71 -11.10
CA VAL D 316 18.45 33.76 -10.87
C VAL D 316 17.82 32.40 -11.13
N LEU D 317 18.29 31.71 -12.17
CA LEU D 317 17.77 30.38 -12.46
C LEU D 317 18.12 29.40 -11.35
N THR D 318 19.28 29.58 -10.72
CA THR D 318 19.67 28.72 -9.61
C THR D 318 18.69 28.87 -8.45
N MET D 319 18.30 30.10 -8.14
CA MET D 319 17.33 30.33 -7.08
C MET D 319 15.98 29.69 -7.41
N THR D 320 15.56 29.83 -8.66
CA THR D 320 14.26 29.28 -9.06
C THR D 320 14.22 27.77 -8.89
N THR D 321 15.30 27.09 -9.31
CA THR D 321 15.36 25.65 -9.12
C THR D 321 15.38 25.28 -7.63
N LEU D 322 16.14 26.04 -6.83
CA LEU D 322 16.16 25.79 -5.39
C LEU D 322 14.81 26.11 -4.75
N SER D 323 14.17 27.20 -5.19
CA SER D 323 12.93 27.63 -4.55
C SER D 323 11.85 26.59 -4.69
N ILE D 324 11.63 26.08 -5.91
CA ILE D 324 10.56 25.11 -6.12
C ILE D 324 10.91 23.78 -5.48
N SER D 325 12.18 23.37 -5.56
CA SER D 325 12.58 22.11 -4.97
C SER D 325 12.44 22.13 -3.45
N ALA D 326 12.33 23.32 -2.86
CA ALA D 326 12.21 23.44 -1.42
C ALA D 326 10.78 23.63 -0.96
N ARG D 327 9.77 23.46 -1.81
CA ARG D 327 8.38 23.64 -1.39
C ARG D 327 7.53 22.40 -1.56
N ASN D 328 8.06 21.33 -2.14
CA ASN D 328 7.28 20.11 -2.29
C ASN D 328 7.10 19.36 -0.98
N SER D 329 7.94 19.60 0.02
CA SER D 329 7.71 19.05 1.35
C SER D 329 6.62 19.79 2.09
N LEU D 330 6.30 21.01 1.67
CA LEU D 330 5.25 21.78 2.34
C LEU D 330 3.88 21.17 2.08
N PRO D 331 2.99 21.24 3.07
CA PRO D 331 1.58 20.98 2.79
C PRO D 331 1.01 22.05 1.87
N LYS D 332 0.03 21.66 1.07
CA LYS D 332 -0.51 22.52 0.01
C LYS D 332 -1.41 23.61 0.59
N VAL D 333 -0.82 24.44 1.45
CA VAL D 333 -1.53 25.57 2.03
C VAL D 333 -1.74 26.62 0.95
N ALA D 334 -2.62 27.58 1.22
CA ALA D 334 -2.97 28.62 0.25
C ALA D 334 -2.50 30.00 0.70
N TYR D 335 -1.33 30.05 1.33
CA TYR D 335 -0.75 31.32 1.75
C TYR D 335 0.77 31.17 1.75
N ALA D 336 1.46 32.18 2.29
CA ALA D 336 2.91 32.24 2.25
C ALA D 336 3.46 31.94 3.64
N THR D 337 4.41 31.00 3.70
CA THR D 337 5.05 30.61 4.94
C THR D 337 6.28 31.48 5.21
N ALA D 338 6.85 31.31 6.39
CA ALA D 338 8.08 32.03 6.72
C ALA D 338 9.25 31.58 5.87
N MET D 339 9.21 30.34 5.34
CA MET D 339 10.26 29.90 4.44
C MET D 339 10.26 30.71 3.15
N ASP D 340 9.07 30.99 2.61
CA ASP D 340 8.99 31.71 1.34
C ASP D 340 9.50 33.14 1.48
N TRP D 341 9.26 33.77 2.64
CA TRP D 341 9.74 35.14 2.82
C TRP D 341 11.26 35.22 2.71
N PHE D 342 11.97 34.28 3.33
CA PHE D 342 13.42 34.26 3.23
C PHE D 342 13.85 34.05 1.78
N ILE D 343 13.19 33.12 1.09
CA ILE D 343 13.50 32.91 -0.32
C ILE D 343 13.12 34.14 -1.14
N ALA D 344 12.01 34.79 -0.78
CA ALA D 344 11.62 36.01 -1.49
C ALA D 344 12.66 37.10 -1.33
N VAL D 345 13.22 37.25 -0.12
CA VAL D 345 14.26 38.25 0.09
C VAL D 345 15.50 37.90 -0.72
N CYS D 346 15.88 36.62 -0.71
CA CYS D 346 17.05 36.19 -1.48
C CYS D 346 16.86 36.51 -2.97
N TYR D 347 15.63 36.39 -3.47
CA TYR D 347 15.35 36.76 -4.85
C TYR D 347 15.64 38.23 -5.09
N ALA D 348 15.25 39.10 -4.16
CA ALA D 348 15.49 40.52 -4.32
C ALA D 348 16.98 40.84 -4.38
N PHE D 349 17.77 40.19 -3.52
CA PHE D 349 19.22 40.41 -3.55
C PHE D 349 19.83 39.98 -4.87
N VAL D 350 19.40 38.83 -5.40
CA VAL D 350 19.95 38.35 -6.66
C VAL D 350 19.62 39.31 -7.80
N PHE D 351 18.37 39.77 -7.86
CA PHE D 351 18.00 40.73 -8.89
C PHE D 351 18.67 42.08 -8.67
N SER D 352 18.93 42.43 -7.41
CA SER D 352 19.60 43.70 -7.12
C SER D 352 20.98 43.73 -7.72
N ALA D 353 21.72 42.62 -7.63
CA ALA D 353 23.05 42.56 -8.23
C ALA D 353 22.98 42.73 -9.74
N LEU D 354 21.99 42.11 -10.38
CA LEU D 354 21.81 42.28 -11.82
C LEU D 354 21.39 43.71 -12.15
N ILE D 355 20.52 44.30 -11.33
CA ILE D 355 20.06 45.66 -11.58
C ILE D 355 21.21 46.65 -11.51
N GLU D 356 22.09 46.49 -10.51
CA GLU D 356 23.23 47.40 -10.39
C GLU D 356 24.12 47.32 -11.61
N PHE D 357 24.33 46.12 -12.14
CA PHE D 357 25.12 45.97 -13.37
C PHE D 357 24.47 46.69 -14.54
N ALA D 358 23.15 46.58 -14.66
CA ALA D 358 22.45 47.21 -15.78
C ALA D 358 22.59 48.72 -15.73
N THR D 359 22.47 49.33 -14.55
CA THR D 359 22.65 50.76 -14.42
C THR D 359 24.09 51.17 -14.74
N VAL D 360 25.06 50.37 -14.30
CA VAL D 360 26.46 50.66 -14.59
C VAL D 360 26.71 50.64 -16.10
N ASN D 361 26.05 49.73 -16.81
CA ASN D 361 26.29 49.59 -18.24
C ASN D 361 25.94 50.86 -19.01
N TYR D 362 24.79 51.47 -18.70
CA TYR D 362 24.39 52.66 -19.42
C TYR D 362 25.21 53.89 -19.04
N PHE D 363 25.84 53.87 -17.88
CA PHE D 363 26.71 54.96 -17.47
C PHE D 363 28.17 54.73 -17.83
N THR D 364 28.50 53.57 -18.40
CA THR D 364 29.90 53.26 -18.71
C THR D 364 30.45 54.21 -19.76
N LYS D 365 29.71 54.40 -20.85
CA LYS D 365 30.22 55.26 -21.92
C LYS D 365 30.14 56.74 -21.57
N SER D 366 29.13 57.14 -20.79
CA SER D 366 28.90 58.55 -20.49
C SER D 366 29.62 59.02 -19.23
N GLN D 367 29.45 58.30 -18.11
CA GLN D 367 29.97 58.71 -16.82
C GLN D 367 30.75 57.56 -16.20
N PRO D 368 31.97 57.31 -16.67
CA PRO D 368 32.78 56.24 -16.07
C PRO D 368 33.03 56.42 -14.59
N ALA D 369 33.16 57.66 -14.12
CA ALA D 369 33.32 57.90 -12.69
C ALA D 369 32.10 57.43 -11.90
N ARG D 370 30.91 57.71 -12.41
CA ARG D 370 29.69 57.20 -11.76
C ARG D 370 29.66 55.69 -11.75
N ALA D 371 30.04 55.06 -12.86
CA ALA D 371 30.08 53.60 -12.92
C ALA D 371 31.18 53.04 -12.03
N ALA D 372 32.27 53.78 -11.85
CA ALA D 372 33.38 53.30 -11.03
C ALA D 372 33.00 53.25 -9.55
N LYS D 373 32.40 54.34 -9.05
CA LYS D 373 32.07 54.40 -7.62
C LYS D 373 31.03 53.37 -7.24
N ILE D 374 30.01 53.17 -8.08
CA ILE D 374 28.91 52.28 -7.73
C ILE D 374 29.41 50.84 -7.57
N ASP D 375 30.25 50.38 -8.50
CA ASP D 375 30.71 49.00 -8.44
C ASP D 375 31.54 48.75 -7.18
N ARG D 376 32.43 49.69 -6.84
CA ARG D 376 33.22 49.54 -5.62
C ARG D 376 32.33 49.53 -4.39
N LEU D 377 31.32 50.41 -4.36
CA LEU D 377 30.42 50.46 -3.22
C LEU D 377 29.62 49.17 -3.08
N SER D 378 29.15 48.61 -4.20
CA SER D 378 28.35 47.39 -4.16
C SER D 378 29.14 46.18 -3.68
N ARG D 379 30.48 46.26 -3.72
CA ARG D 379 31.29 45.15 -3.22
C ARG D 379 31.29 45.09 -1.69
N ILE D 380 30.89 46.17 -1.03
CA ILE D 380 30.86 46.20 0.43
C ILE D 380 29.42 46.39 0.91
N ALA D 381 28.61 47.05 0.10
CA ALA D 381 27.23 47.33 0.49
C ALA D 381 26.43 46.04 0.67
N PHE D 382 26.26 45.28 -0.42
CA PHE D 382 25.46 44.06 -0.35
C PHE D 382 25.98 43.05 0.67
N PRO D 383 27.28 42.77 0.77
CA PRO D 383 27.72 41.84 1.83
C PRO D 383 27.33 42.27 3.22
N LEU D 384 27.36 43.58 3.49
CA LEU D 384 26.86 44.06 4.79
C LEU D 384 25.34 44.03 4.85
N LEU D 385 24.67 44.43 3.76
CA LEU D 385 23.22 44.49 3.76
C LEU D 385 22.60 43.11 3.97
N PHE D 386 23.11 42.11 3.25
CA PHE D 386 22.58 40.76 3.40
C PHE D 386 22.89 40.19 4.78
N GLY D 387 24.09 40.48 5.29
CA GLY D 387 24.45 39.97 6.62
C GLY D 387 23.56 40.53 7.71
N ILE D 388 23.23 41.82 7.64
CA ILE D 388 22.34 42.41 8.63
C ILE D 388 20.96 41.79 8.54
N PHE D 389 20.48 41.53 7.32
CA PHE D 389 19.16 40.94 7.15
C PHE D 389 19.08 39.57 7.80
N ASN D 390 20.12 38.75 7.66
CA ASN D 390 20.10 37.42 8.27
C ASN D 390 19.99 37.50 9.78
N LEU D 391 20.72 38.43 10.41
CA LEU D 391 20.64 38.57 11.86
C LEU D 391 19.23 38.97 12.29
N VAL D 392 18.63 39.93 11.59
CA VAL D 392 17.27 40.34 11.93
C VAL D 392 16.28 39.21 11.68
N TYR D 393 16.43 38.54 10.54
CA TYR D 393 15.52 37.43 10.20
C TYR D 393 15.65 36.29 11.20
N TRP D 394 16.87 35.91 11.55
CA TRP D 394 17.06 34.74 12.39
C TRP D 394 16.69 35.03 13.85
N ALA D 395 17.09 36.19 14.37
CA ALA D 395 16.80 36.49 15.77
C ALA D 395 15.31 36.59 16.01
N THR D 396 14.55 37.11 15.04
CA THR D 396 13.11 37.25 15.19
C THR D 396 12.43 35.89 15.35
N TYR D 397 12.70 34.97 14.44
CA TYR D 397 11.95 33.71 14.39
C TYR D 397 12.39 32.73 15.47
N LEU D 398 13.66 32.73 15.85
CA LEU D 398 14.12 31.80 16.88
C LEU D 398 13.44 32.09 18.22
N ASN D 399 13.30 33.36 18.57
CA ASN D 399 12.58 33.71 19.79
C ASN D 399 11.08 33.55 19.64
N ARG D 400 10.55 33.71 18.43
CA ARG D 400 9.11 33.60 18.20
C ARG D 400 8.72 32.17 17.85
N ASN E 62 -17.47 -45.81 24.80
CA ASN E 62 -16.11 -45.31 24.59
C ASN E 62 -16.14 -43.88 24.06
N MET E 63 -16.69 -43.71 22.86
CA MET E 63 -16.83 -42.37 22.30
C MET E 63 -17.75 -41.51 23.15
N SER E 64 -18.85 -42.10 23.64
CA SER E 64 -19.74 -41.38 24.54
C SER E 64 -19.07 -41.11 25.88
N PHE E 65 -18.13 -41.98 26.28
CA PHE E 65 -17.44 -41.77 27.55
C PHE E 65 -16.61 -40.48 27.53
N VAL E 66 -15.92 -40.22 26.41
CA VAL E 66 -15.13 -39.00 26.32
C VAL E 66 -16.03 -37.77 26.36
N LYS E 67 -17.17 -37.84 25.67
CA LYS E 67 -18.13 -36.72 25.70
C LYS E 67 -18.62 -36.48 27.11
N GLU E 68 -18.90 -37.55 27.86
CA GLU E 68 -19.31 -37.40 29.26
C GLU E 68 -18.20 -36.76 30.09
N THR E 69 -16.96 -37.18 29.87
CA THR E 69 -15.85 -36.63 30.65
C THR E 69 -15.67 -35.14 30.37
N VAL E 70 -15.72 -34.75 29.10
CA VAL E 70 -15.50 -33.36 28.74
C VAL E 70 -16.63 -32.49 29.28
N ASP E 71 -17.89 -32.93 29.10
CA ASP E 71 -19.01 -32.16 29.61
C ASP E 71 -19.00 -32.08 31.13
N LYS E 72 -18.43 -33.08 31.80
CA LYS E 72 -18.31 -33.01 33.25
C LYS E 72 -17.41 -31.84 33.66
N LEU E 73 -16.31 -31.63 32.95
CA LEU E 73 -15.39 -30.55 33.29
C LEU E 73 -16.04 -29.19 33.08
N LEU E 74 -16.65 -28.98 31.91
CA LEU E 74 -17.19 -27.67 31.57
C LEU E 74 -18.48 -27.34 32.31
N LYS E 75 -19.07 -28.30 33.02
CA LYS E 75 -20.26 -28.03 33.82
C LYS E 75 -19.81 -27.45 35.16
N GLY E 76 -20.17 -26.21 35.42
CA GLY E 76 -19.72 -25.51 36.60
C GLY E 76 -18.42 -24.76 36.44
N TYR E 77 -17.77 -24.87 35.29
CA TYR E 77 -16.55 -24.11 35.03
C TYR E 77 -16.88 -22.63 34.93
N ASP E 78 -16.12 -21.80 35.64
CA ASP E 78 -16.36 -20.37 35.69
C ASP E 78 -15.25 -19.68 34.92
N ILE E 79 -15.59 -19.15 33.73
CA ILE E 79 -14.60 -18.52 32.88
C ILE E 79 -14.08 -17.23 33.49
N ARG E 80 -14.90 -16.53 34.27
CA ARG E 80 -14.53 -15.23 34.81
C ARG E 80 -13.43 -15.31 35.87
N LEU E 81 -13.10 -16.50 36.35
CA LEU E 81 -12.12 -16.65 37.42
C LEU E 81 -10.88 -17.37 36.90
N ARG E 82 -9.72 -16.77 37.13
CA ARG E 82 -8.47 -17.41 36.77
C ARG E 82 -8.23 -18.62 37.66
N PRO E 83 -7.40 -19.57 37.20
CA PRO E 83 -7.08 -20.71 38.05
C PRO E 83 -6.37 -20.26 39.32
N ASP E 84 -6.65 -20.95 40.42
CA ASP E 84 -6.15 -20.59 41.74
C ASP E 84 -6.48 -19.14 42.07
N PHE E 85 -7.74 -18.78 41.84
CA PHE E 85 -8.20 -17.44 42.16
C PHE E 85 -8.13 -17.21 43.67
N GLY E 86 -7.66 -16.03 44.05
CA GLY E 86 -7.47 -15.75 45.46
C GLY E 86 -6.44 -16.62 46.13
N GLY E 87 -5.32 -16.88 45.44
CA GLY E 87 -4.28 -17.71 45.98
C GLY E 87 -2.96 -17.49 45.28
N PRO E 88 -2.15 -18.55 45.17
CA PRO E 88 -0.87 -18.42 44.51
C PRO E 88 -1.05 -18.04 43.05
N PRO E 89 -0.13 -17.26 42.49
CA PRO E 89 -0.22 -16.93 41.06
C PRO E 89 0.02 -18.15 40.19
N VAL E 90 -0.55 -18.11 39.00
CA VAL E 90 -0.46 -19.21 38.04
C VAL E 90 0.70 -18.93 37.09
N CYS E 91 1.60 -19.90 36.95
CA CYS E 91 2.75 -19.74 36.07
C CYS E 91 2.37 -20.07 34.64
N VAL E 92 2.78 -19.21 33.71
CA VAL E 92 2.51 -19.39 32.29
C VAL E 92 3.83 -19.36 31.54
N GLY E 93 4.08 -20.38 30.72
CA GLY E 93 5.30 -20.49 29.94
C GLY E 93 5.00 -20.29 28.46
N MET E 94 5.85 -19.52 27.79
CA MET E 94 5.63 -19.11 26.42
C MET E 94 6.69 -19.70 25.51
N ASN E 95 6.26 -20.30 24.40
CA ASN E 95 7.13 -20.72 23.32
C ASN E 95 6.76 -19.94 22.07
N ILE E 96 7.76 -19.42 21.38
CA ILE E 96 7.56 -18.70 20.13
C ILE E 96 8.33 -19.43 19.05
N ASP E 97 7.65 -19.71 17.93
CA ASP E 97 8.24 -20.41 16.79
C ASP E 97 8.12 -19.47 15.60
N ILE E 98 9.15 -18.66 15.37
CA ILE E 98 9.07 -17.62 14.36
C ILE E 98 8.97 -18.25 12.98
N ALA E 99 8.03 -17.76 12.19
CA ALA E 99 7.81 -18.25 10.83
C ALA E 99 8.49 -17.39 9.77
N SER E 100 8.40 -16.07 9.89
CA SER E 100 9.05 -15.20 8.92
C SER E 100 9.07 -13.78 9.47
N ILE E 101 10.11 -13.04 9.09
CA ILE E 101 10.21 -11.60 9.34
C ILE E 101 10.39 -10.92 7.99
N ASP E 102 9.57 -9.92 7.71
CA ASP E 102 9.61 -9.25 6.42
C ASP E 102 9.14 -7.82 6.57
N MET E 103 9.49 -7.00 5.58
CA MET E 103 9.10 -5.60 5.52
C MET E 103 9.55 -4.84 6.77
N VAL E 104 10.87 -4.77 6.93
CA VAL E 104 11.45 -3.95 7.99
C VAL E 104 11.53 -2.52 7.45
N SER E 105 10.46 -1.76 7.64
CA SER E 105 10.32 -0.45 7.01
C SER E 105 10.97 0.63 7.85
N GLU E 106 11.87 1.41 7.24
CA GLU E 106 12.45 2.55 7.91
C GLU E 106 11.47 3.72 7.98
N VAL E 107 10.66 3.89 6.93
CA VAL E 107 9.74 5.01 6.88
C VAL E 107 8.71 4.92 8.00
N ASN E 108 8.13 3.74 8.18
CA ASN E 108 7.12 3.53 9.20
C ASN E 108 7.69 3.11 10.56
N MET E 109 9.00 2.84 10.62
CA MET E 109 9.65 2.41 11.86
C MET E 109 8.96 1.19 12.45
N ASP E 110 8.86 0.13 11.64
CA ASP E 110 8.16 -1.07 12.06
C ASP E 110 8.66 -2.25 11.24
N TYR E 111 8.34 -3.44 11.74
CA TYR E 111 8.62 -4.68 11.04
C TYR E 111 7.44 -5.62 11.19
N THR E 112 7.30 -6.54 10.25
CA THR E 112 6.22 -7.53 10.28
C THR E 112 6.77 -8.88 10.71
N LEU E 113 6.14 -9.48 11.70
CA LEU E 113 6.60 -10.73 12.29
C LEU E 113 5.47 -11.74 12.30
N THR E 114 5.74 -12.95 11.83
CA THR E 114 4.78 -14.04 11.85
C THR E 114 5.35 -15.19 12.67
N MET E 115 4.53 -15.78 13.53
CA MET E 115 5.05 -16.72 14.51
C MET E 115 3.93 -17.63 14.99
N TYR E 116 4.34 -18.72 15.64
CA TYR E 116 3.44 -19.58 16.40
C TYR E 116 3.64 -19.29 17.88
N PHE E 117 2.57 -18.96 18.56
CA PHE E 117 2.64 -18.48 19.94
C PHE E 117 1.93 -19.48 20.85
N GLN E 118 2.69 -20.21 21.65
CA GLN E 118 2.17 -21.23 22.54
C GLN E 118 2.31 -20.79 23.99
N GLN E 119 1.33 -21.15 24.82
CA GLN E 119 1.35 -20.82 26.24
C GLN E 119 0.95 -22.06 27.04
N TYR E 120 1.65 -22.32 28.13
CA TYR E 120 1.43 -23.48 28.98
C TYR E 120 1.04 -23.03 30.37
N TRP E 121 0.02 -23.65 30.93
CA TRP E 121 -0.37 -23.39 32.32
C TRP E 121 -1.18 -24.57 32.83
N ARG E 122 -1.30 -24.64 34.15
CA ARG E 122 -2.03 -25.71 34.80
C ARG E 122 -3.33 -25.17 35.40
N ASP E 123 -4.44 -25.84 35.09
CA ASP E 123 -5.74 -25.51 35.64
C ASP E 123 -6.27 -26.77 36.33
N LYS E 124 -6.36 -26.72 37.66
CA LYS E 124 -6.81 -27.89 38.41
C LYS E 124 -8.24 -28.29 38.07
N ARG E 125 -9.05 -27.35 37.59
CA ARG E 125 -10.44 -27.66 37.27
C ARG E 125 -10.55 -28.54 36.02
N LEU E 126 -9.56 -28.53 35.15
CA LEU E 126 -9.60 -29.29 33.91
C LEU E 126 -8.95 -30.66 34.03
N ALA E 127 -8.51 -31.06 35.21
CA ALA E 127 -7.93 -32.38 35.39
C ALA E 127 -8.98 -33.45 35.19
N TYR E 128 -8.61 -34.51 34.47
CA TYR E 128 -9.51 -35.61 34.20
C TYR E 128 -8.76 -36.92 34.39
N SER E 129 -9.52 -37.99 34.64
CA SER E 129 -8.95 -39.31 34.86
C SER E 129 -9.76 -40.35 34.10
N GLY E 130 -9.11 -41.47 33.81
CA GLY E 130 -9.72 -42.55 33.07
C GLY E 130 -9.42 -42.55 31.58
N ILE E 131 -8.89 -41.48 31.05
CA ILE E 131 -8.53 -41.36 29.65
C ILE E 131 -7.04 -41.07 29.55
N PRO E 132 -6.22 -42.06 29.22
CA PRO E 132 -4.77 -41.89 29.16
C PRO E 132 -4.29 -41.27 27.85
N LEU E 133 -4.94 -40.21 27.42
CA LEU E 133 -4.63 -39.56 26.15
C LEU E 133 -4.60 -38.05 26.34
N ASN E 134 -3.87 -37.38 25.46
CA ASN E 134 -3.82 -35.92 25.42
C ASN E 134 -4.93 -35.44 24.50
N LEU E 135 -6.07 -35.07 25.08
CA LEU E 135 -7.19 -34.62 24.29
C LEU E 135 -6.83 -33.35 23.52
N THR E 136 -7.19 -33.32 22.24
CA THR E 136 -6.98 -32.17 21.37
C THR E 136 -8.35 -31.75 20.87
N LEU E 137 -9.00 -30.85 21.60
CA LEU E 137 -10.36 -30.46 21.30
C LEU E 137 -10.39 -29.47 20.14
N ASP E 138 -11.59 -29.27 19.60
CA ASP E 138 -11.79 -28.29 18.55
C ASP E 138 -11.48 -26.89 19.08
N ASN E 139 -10.93 -26.05 18.21
CA ASN E 139 -10.47 -24.73 18.63
C ASN E 139 -11.59 -23.83 19.12
N ARG E 140 -12.85 -24.17 18.84
CA ARG E 140 -13.95 -23.38 19.36
C ARG E 140 -14.17 -23.58 20.86
N VAL E 141 -13.53 -24.59 21.47
CA VAL E 141 -13.62 -24.75 22.92
C VAL E 141 -12.80 -23.71 23.66
N ALA E 142 -11.91 -23.01 22.97
CA ALA E 142 -11.12 -21.96 23.60
C ALA E 142 -11.97 -20.77 24.04
N ASP E 143 -13.20 -20.68 23.56
CA ASP E 143 -14.11 -19.61 23.98
C ASP E 143 -14.82 -19.93 25.29
N GLN E 144 -14.61 -21.11 25.85
CA GLN E 144 -15.24 -21.50 27.10
C GLN E 144 -14.25 -21.69 28.24
N LEU E 145 -12.96 -21.70 27.97
CA LEU E 145 -11.94 -21.86 28.99
C LEU E 145 -11.34 -20.50 29.36
N TRP E 146 -10.56 -20.50 30.44
CA TRP E 146 -9.81 -19.32 30.83
C TRP E 146 -8.48 -19.33 30.12
N VAL E 147 -8.14 -18.22 29.47
CA VAL E 147 -6.85 -18.08 28.81
C VAL E 147 -6.21 -16.77 29.25
N PRO E 148 -4.89 -16.70 29.33
CA PRO E 148 -4.24 -15.45 29.74
C PRO E 148 -4.51 -14.34 28.75
N ASP E 149 -4.57 -13.11 29.26
CA ASP E 149 -4.79 -11.93 28.44
C ASP E 149 -3.48 -11.33 27.96
N THR E 150 -2.64 -12.15 27.36
CA THR E 150 -1.34 -11.70 26.89
C THR E 150 -1.49 -10.76 25.71
N TYR E 151 -0.79 -9.63 25.75
CA TYR E 151 -0.77 -8.68 24.65
C TYR E 151 0.67 -8.25 24.40
N PHE E 152 0.86 -7.51 23.32
CA PHE E 152 2.18 -7.00 22.93
C PHE E 152 2.16 -5.49 23.02
N LEU E 153 2.99 -4.93 23.90
CA LEU E 153 2.92 -3.51 24.20
C LEU E 153 3.22 -2.65 22.97
N ASN E 154 4.25 -3.01 22.21
CA ASN E 154 4.67 -2.23 21.07
C ASN E 154 4.01 -2.69 19.77
N ASP E 155 2.90 -3.40 19.86
CA ASP E 155 2.19 -3.86 18.68
C ASP E 155 1.33 -2.75 18.10
N LYS E 156 1.29 -2.67 16.76
CA LYS E 156 0.50 -1.66 16.07
C LYS E 156 -0.72 -2.25 15.37
N LYS E 157 -0.55 -3.36 14.64
CA LYS E 157 -1.64 -3.95 13.88
C LYS E 157 -1.36 -5.43 13.73
N SER E 158 -2.07 -6.26 14.50
CA SER E 158 -1.87 -7.69 14.51
C SER E 158 -3.20 -8.41 14.32
N PHE E 159 -3.12 -9.64 13.83
CA PHE E 159 -4.32 -10.45 13.64
C PHE E 159 -3.95 -11.92 13.76
N VAL E 160 -4.95 -12.73 14.04
CA VAL E 160 -4.82 -14.19 14.04
C VAL E 160 -5.41 -14.72 12.75
N HIS E 161 -4.62 -15.50 12.02
CA HIS E 161 -5.07 -16.02 10.72
C HIS E 161 -6.32 -16.88 10.90
N GLY E 162 -7.26 -16.75 9.97
CA GLY E 162 -8.51 -17.45 10.09
C GLY E 162 -8.94 -18.22 8.85
N VAL E 163 -7.99 -18.83 8.15
CA VAL E 163 -8.27 -19.64 6.97
C VAL E 163 -7.57 -20.98 7.14
N THR E 164 -8.31 -22.09 6.96
CA THR E 164 -9.73 -22.08 6.61
C THR E 164 -10.61 -21.78 7.82
N VAL E 165 -10.13 -22.17 8.99
CA VAL E 165 -10.78 -21.80 10.25
C VAL E 165 -9.80 -20.95 11.04
N LYS E 166 -10.22 -20.49 12.22
CA LYS E 166 -9.33 -19.70 13.05
C LYS E 166 -8.16 -20.55 13.52
N ASN E 167 -6.95 -20.14 13.18
CA ASN E 167 -5.76 -20.93 13.48
C ASN E 167 -5.50 -20.89 14.98
N ARG E 168 -5.90 -21.94 15.68
CA ARG E 168 -5.83 -21.97 17.12
C ARG E 168 -5.84 -23.42 17.57
N MET E 169 -5.09 -23.70 18.64
CA MET E 169 -4.95 -25.07 19.14
C MET E 169 -5.26 -25.11 20.63
N ILE E 170 -5.99 -26.13 21.04
CA ILE E 170 -6.24 -26.41 22.45
C ILE E 170 -5.93 -27.87 22.70
N ARG E 171 -5.05 -28.13 23.66
CA ARG E 171 -4.72 -29.50 24.07
C ARG E 171 -4.86 -29.59 25.58
N LEU E 172 -5.54 -30.64 26.04
CA LEU E 172 -5.63 -30.90 27.46
C LEU E 172 -4.73 -32.07 27.84
N HIS E 173 -4.38 -32.13 29.11
CA HIS E 173 -3.55 -33.20 29.64
C HIS E 173 -4.23 -33.77 30.87
N PRO E 174 -3.95 -35.02 31.22
CA PRO E 174 -4.62 -35.63 32.38
C PRO E 174 -4.40 -34.89 33.68
N ASP E 175 -3.26 -34.24 33.86
CA ASP E 175 -2.98 -33.50 35.08
C ASP E 175 -3.54 -32.09 35.05
N GLY E 176 -4.14 -31.66 33.95
CA GLY E 176 -4.72 -30.34 33.84
C GLY E 176 -3.90 -29.36 33.05
N THR E 177 -2.67 -29.70 32.68
CA THR E 177 -1.85 -28.79 31.89
C THR E 177 -2.53 -28.52 30.55
N VAL E 178 -2.51 -27.26 30.12
CA VAL E 178 -3.20 -26.82 28.91
C VAL E 178 -2.18 -26.17 27.99
N LEU E 179 -2.18 -26.58 26.73
CA LEU E 179 -1.38 -25.96 25.69
C LEU E 179 -2.32 -25.17 24.78
N TYR E 180 -1.98 -23.90 24.55
CA TYR E 180 -2.84 -23.00 23.80
C TYR E 180 -1.99 -22.25 22.78
N GLY E 181 -2.13 -22.63 21.52
CA GLY E 181 -1.29 -22.07 20.47
C GLY E 181 -2.09 -21.20 19.52
N LEU E 182 -1.42 -20.17 19.00
CA LEU E 182 -2.01 -19.27 18.04
C LEU E 182 -0.98 -18.94 16.96
N ARG E 183 -1.47 -18.63 15.78
CA ARG E 183 -0.63 -18.17 14.67
C ARG E 183 -0.92 -16.69 14.46
N ILE E 184 0.07 -15.85 14.72
CA ILE E 184 -0.10 -14.41 14.79
C ILE E 184 0.84 -13.74 13.81
N THR E 185 0.37 -12.68 13.16
CA THR E 185 1.17 -11.85 12.28
C THR E 185 1.11 -10.42 12.82
N THR E 186 2.02 -10.10 13.74
CA THR E 186 2.03 -8.83 14.42
C THR E 186 2.99 -7.87 13.76
N THR E 187 2.55 -6.62 13.57
CA THR E 187 3.39 -5.58 12.99
C THR E 187 3.90 -4.70 14.14
N ALA E 188 4.95 -5.18 14.79
CA ALA E 188 5.51 -4.47 15.92
C ALA E 188 6.22 -3.19 15.47
N ALA E 189 6.62 -2.37 16.44
CA ALA E 189 7.25 -1.10 16.17
C ALA E 189 8.61 -1.04 16.85
N CYS E 190 9.61 -0.52 16.13
CA CYS E 190 10.93 -0.27 16.71
C CYS E 190 11.52 0.97 16.05
N MET E 191 11.78 1.99 16.85
CA MET E 191 12.40 3.20 16.34
C MET E 191 13.85 2.92 15.94
N MET E 192 14.29 3.58 14.87
CA MET E 192 15.61 3.37 14.32
C MET E 192 16.39 4.67 14.33
N ASP E 193 17.67 4.59 14.69
CA ASP E 193 18.57 5.73 14.65
C ASP E 193 19.33 5.67 13.33
N LEU E 194 18.87 6.42 12.34
CA LEU E 194 19.43 6.39 11.00
C LEU E 194 20.56 7.40 10.81
N ARG E 195 21.21 7.82 11.89
CA ARG E 195 22.34 8.74 11.76
C ARG E 195 23.48 8.10 10.99
N ARG E 196 23.79 6.84 11.28
CA ARG E 196 24.90 6.14 10.66
C ARG E 196 24.45 5.31 9.45
N TYR E 197 23.27 5.57 8.91
CA TYR E 197 22.79 4.83 7.76
C TYR E 197 23.74 5.01 6.58
N PRO E 198 24.07 3.95 5.84
CA PRO E 198 23.63 2.56 6.01
C PRO E 198 24.55 1.74 6.90
N LEU E 199 25.54 2.35 7.55
CA LEU E 199 26.47 1.60 8.40
C LEU E 199 26.00 1.60 9.84
N ASP E 200 24.81 1.04 10.05
CA ASP E 200 24.12 1.11 11.33
C ASP E 200 23.63 -0.27 11.75
N GLU E 201 23.33 -0.38 13.04
CA GLU E 201 22.70 -1.56 13.60
C GLU E 201 21.41 -1.15 14.31
N GLN E 202 20.35 -1.93 14.12
CA GLN E 202 19.07 -1.66 14.72
C GLN E 202 18.73 -2.76 15.71
N ASN E 203 18.25 -2.35 16.88
CA ASN E 203 17.85 -3.28 17.94
C ASN E 203 16.33 -3.22 18.03
N CYS E 204 15.67 -4.09 17.27
CA CYS E 204 14.21 -4.16 17.25
C CYS E 204 13.74 -5.24 18.21
N THR E 205 12.73 -4.91 19.00
CA THR E 205 12.27 -5.75 20.10
C THR E 205 10.83 -6.21 19.87
N LEU E 206 10.34 -6.99 20.82
CA LEU E 206 8.95 -7.43 20.86
C LEU E 206 8.57 -7.65 22.31
N GLU E 207 7.54 -6.96 22.77
CA GLU E 207 7.14 -6.97 24.17
C GLU E 207 5.99 -7.95 24.38
N ILE E 208 6.02 -8.64 25.51
CA ILE E 208 4.95 -9.56 25.91
C ILE E 208 4.61 -9.26 27.36
N GLU E 209 3.33 -9.04 27.64
CA GLU E 209 2.94 -8.61 28.97
C GLU E 209 1.47 -8.94 29.21
N SER E 210 1.14 -9.30 30.44
CA SER E 210 -0.25 -9.49 30.83
C SER E 210 -0.89 -8.15 31.09
N TYR E 211 -2.16 -8.02 30.70
CA TYR E 211 -2.83 -6.71 30.79
C TYR E 211 -3.52 -6.52 32.14
N GLY E 212 -4.46 -7.40 32.47
CA GLY E 212 -5.28 -7.21 33.65
C GLY E 212 -4.84 -7.90 34.90
N TYR E 213 -3.75 -8.68 34.85
CA TYR E 213 -3.29 -9.45 36.00
C TYR E 213 -1.90 -8.97 36.40
N THR E 214 -1.73 -8.74 37.70
CA THR E 214 -0.45 -8.30 38.24
C THR E 214 0.42 -9.51 38.56
N THR E 215 1.58 -9.24 39.16
CA THR E 215 2.47 -10.33 39.56
C THR E 215 1.91 -11.16 40.70
N ASP E 216 0.86 -10.68 41.37
CA ASP E 216 0.19 -11.47 42.38
C ASP E 216 -0.76 -12.50 41.79
N ASP E 217 -1.05 -12.42 40.51
CA ASP E 217 -2.00 -13.31 39.86
C ASP E 217 -1.38 -14.19 38.79
N ILE E 218 -0.44 -13.66 38.00
CA ILE E 218 0.14 -14.40 36.88
C ILE E 218 1.64 -14.17 36.87
N GLU E 219 2.37 -15.18 36.44
CA GLU E 219 3.82 -15.10 36.32
C GLU E 219 4.25 -15.70 34.99
N PHE E 220 5.10 -15.00 34.27
CA PHE E 220 5.61 -15.46 32.99
C PHE E 220 7.02 -16.02 33.13
N TYR E 221 7.39 -16.88 32.20
CA TYR E 221 8.73 -17.44 32.14
C TYR E 221 8.90 -18.12 30.79
N TRP E 222 10.07 -17.94 30.18
CA TRP E 222 10.35 -18.63 28.93
C TRP E 222 10.45 -20.12 29.16
N ARG E 223 9.83 -20.90 28.28
CA ARG E 223 9.82 -22.35 28.41
C ARG E 223 10.97 -22.90 27.60
N GLY E 224 11.97 -23.45 28.28
CA GLY E 224 13.16 -23.96 27.63
C GLY E 224 14.36 -23.04 27.65
N GLY E 225 14.33 -21.98 28.46
CA GLY E 225 15.48 -21.09 28.53
C GLY E 225 15.72 -20.37 27.22
N ASP E 226 16.96 -20.44 26.74
CA ASP E 226 17.29 -19.82 25.46
C ASP E 226 16.73 -20.57 24.26
N LYS E 227 16.18 -21.76 24.47
CA LYS E 227 15.60 -22.55 23.40
C LYS E 227 14.11 -22.28 23.21
N ALA E 228 13.56 -21.30 23.95
CA ALA E 228 12.14 -21.02 23.84
C ALA E 228 11.77 -20.50 22.46
N VAL E 229 12.64 -19.69 21.86
CA VAL E 229 12.40 -19.12 20.55
C VAL E 229 13.20 -19.91 19.51
N THR E 230 12.52 -20.41 18.49
CA THR E 230 13.14 -21.23 17.47
C THR E 230 12.83 -20.68 16.09
N GLY E 231 13.70 -20.98 15.13
CA GLY E 231 13.50 -20.57 13.75
C GLY E 231 14.09 -19.23 13.38
N VAL E 232 14.97 -18.66 14.21
CA VAL E 232 15.57 -17.38 13.88
C VAL E 232 16.55 -17.55 12.71
N GLU E 233 17.27 -18.66 12.67
CA GLU E 233 18.31 -18.83 11.65
C GLU E 233 17.70 -18.96 10.25
N ARG E 234 16.53 -19.57 10.14
CA ARG E 234 15.92 -19.74 8.81
C ARG E 234 15.46 -18.43 8.19
N ILE E 235 15.41 -17.34 8.97
CA ILE E 235 15.01 -16.05 8.42
C ILE E 235 16.13 -15.53 7.52
N GLU E 236 15.74 -15.05 6.33
CA GLU E 236 16.68 -14.50 5.36
C GLU E 236 16.14 -13.14 4.92
N LEU E 237 16.48 -12.10 5.68
CA LEU E 237 16.05 -10.76 5.32
C LEU E 237 16.79 -10.28 4.08
N PRO E 238 16.09 -9.66 3.12
CA PRO E 238 16.75 -9.23 1.89
C PRO E 238 17.87 -8.23 2.10
N GLN E 239 17.73 -7.34 3.09
CA GLN E 239 18.68 -6.26 3.27
C GLN E 239 19.42 -6.30 4.60
N PHE E 240 18.92 -7.01 5.60
CA PHE E 240 19.54 -7.06 6.90
C PHE E 240 20.16 -8.42 7.16
N SER E 241 20.68 -8.62 8.36
CA SER E 241 21.27 -9.89 8.75
C SER E 241 21.19 -9.98 10.27
N ILE E 242 20.41 -10.94 10.78
CA ILE E 242 20.19 -11.07 12.21
C ILE E 242 21.47 -11.56 12.87
N VAL E 243 22.18 -10.66 13.55
CA VAL E 243 23.40 -11.05 14.24
C VAL E 243 23.08 -11.89 15.46
N GLU E 244 22.10 -11.49 16.26
CA GLU E 244 21.83 -12.16 17.52
C GLU E 244 20.43 -11.81 17.99
N HIS E 245 19.83 -12.74 18.75
CA HIS E 245 18.57 -12.50 19.45
C HIS E 245 18.75 -12.84 20.92
N ARG E 246 18.00 -12.14 21.77
CA ARG E 246 18.16 -12.26 23.21
C ARG E 246 16.79 -12.32 23.87
N LEU E 247 16.74 -13.01 25.01
CA LEU E 247 15.50 -13.21 25.76
C LEU E 247 15.64 -12.59 27.14
N VAL E 248 14.65 -11.80 27.55
CA VAL E 248 14.68 -11.09 28.81
C VAL E 248 13.37 -11.32 29.55
N SER E 249 13.47 -11.54 30.86
CA SER E 249 12.31 -11.68 31.73
C SER E 249 12.47 -10.73 32.91
N ARG E 250 11.46 -9.91 33.16
CA ARG E 250 11.54 -8.90 34.22
C ARG E 250 10.13 -8.45 34.56
N ASN E 251 10.05 -7.49 35.48
CA ASN E 251 8.79 -6.92 35.92
C ASN E 251 8.73 -5.44 35.56
N VAL E 252 7.52 -4.96 35.31
CA VAL E 252 7.27 -3.56 34.96
C VAL E 252 6.29 -3.00 35.98
N VAL E 253 6.58 -1.80 36.48
CA VAL E 253 5.75 -1.15 37.49
C VAL E 253 4.98 -0.04 36.80
N PHE E 254 3.66 -0.18 36.78
CA PHE E 254 2.75 0.84 36.27
C PHE E 254 2.01 1.49 37.42
N ALA E 255 1.18 2.49 37.09
CA ALA E 255 0.42 3.19 38.13
C ALA E 255 -0.63 2.30 38.78
N THR E 256 -1.05 1.22 38.11
CA THR E 256 -2.06 0.33 38.63
C THR E 256 -1.48 -0.93 39.27
N GLY E 257 -0.17 -1.07 39.29
CA GLY E 257 0.46 -2.23 39.89
C GLY E 257 1.72 -2.60 39.14
N ALA E 258 2.20 -3.81 39.42
CA ALA E 258 3.39 -4.36 38.77
C ALA E 258 2.99 -5.56 37.92
N TYR E 259 3.52 -5.63 36.71
CA TYR E 259 3.10 -6.65 35.77
C TYR E 259 4.31 -7.39 35.23
N PRO E 260 4.17 -8.69 34.97
CA PRO E 260 5.28 -9.44 34.37
C PRO E 260 5.47 -9.05 32.92
N ARG E 261 6.71 -9.23 32.44
CA ARG E 261 7.03 -8.90 31.07
C ARG E 261 8.12 -9.82 30.55
N LEU E 262 7.93 -10.33 29.34
CA LEU E 262 8.97 -11.06 28.61
C LEU E 262 9.30 -10.28 27.35
N SER E 263 10.58 -10.10 27.07
CA SER E 263 11.03 -9.28 25.97
C SER E 263 11.93 -10.09 25.04
N LEU E 264 11.58 -10.11 23.76
CA LEU E 264 12.39 -10.74 22.72
C LEU E 264 12.90 -9.66 21.79
N SER E 265 14.21 -9.61 21.61
CA SER E 265 14.86 -8.55 20.85
C SER E 265 15.85 -9.11 19.86
N PHE E 266 15.83 -8.57 18.64
CA PHE E 266 16.81 -8.91 17.62
C PHE E 266 17.73 -7.72 17.39
N ARG E 267 18.99 -8.01 17.07
CA ARG E 267 19.95 -6.99 16.67
C ARG E 267 20.25 -7.19 15.19
N LEU E 268 19.78 -6.27 14.37
CA LEU E 268 19.94 -6.37 12.92
C LEU E 268 21.10 -5.50 12.48
N LYS E 269 21.97 -6.06 11.63
CA LYS E 269 23.07 -5.33 11.02
C LYS E 269 22.81 -5.24 9.53
N ARG E 270 22.76 -4.03 9.01
CA ARG E 270 22.42 -3.83 7.61
C ARG E 270 23.53 -4.34 6.71
N ASN E 271 23.13 -4.93 5.57
CA ASN E 271 24.08 -5.39 4.57
C ASN E 271 24.52 -4.22 3.72
N ILE E 272 25.82 -3.95 3.71
CA ILE E 272 26.40 -2.87 2.92
C ILE E 272 26.95 -3.38 1.59
N GLY E 273 26.68 -4.64 1.24
CA GLY E 273 27.32 -5.24 0.08
C GLY E 273 27.01 -4.51 -1.21
N TYR E 274 25.79 -4.00 -1.35
CA TYR E 274 25.40 -3.31 -2.58
C TYR E 274 25.36 -1.80 -2.43
N PHE E 275 25.31 -1.28 -1.21
CA PHE E 275 25.38 0.17 -1.03
C PHE E 275 26.73 0.70 -1.50
N ILE E 276 27.81 -0.01 -1.20
CA ILE E 276 29.13 0.44 -1.62
C ILE E 276 29.22 0.50 -3.14
N LEU E 277 28.74 -0.54 -3.81
CA LEU E 277 28.84 -0.58 -5.27
C LEU E 277 27.91 0.44 -5.91
N GLN E 278 26.66 0.49 -5.47
CA GLN E 278 25.66 1.31 -6.17
C GLN E 278 25.83 2.79 -5.90
N THR E 279 26.34 3.17 -4.73
CA THR E 279 26.34 4.57 -4.32
C THR E 279 27.74 5.17 -4.27
N TYR E 280 28.65 4.59 -3.51
CA TYR E 280 29.93 5.25 -3.27
C TYR E 280 30.82 5.24 -4.50
N MET E 281 30.88 4.11 -5.21
CA MET E 281 31.71 4.06 -6.41
C MET E 281 31.28 5.06 -7.47
N PRO E 282 29.99 5.20 -7.83
CA PRO E 282 29.63 6.26 -8.77
C PRO E 282 29.99 7.65 -8.29
N SER E 283 29.91 7.89 -6.98
CA SER E 283 30.29 9.20 -6.45
C SER E 283 31.79 9.41 -6.58
N ILE E 284 32.59 8.40 -6.23
CA ILE E 284 34.03 8.55 -6.27
C ILE E 284 34.53 8.67 -7.71
N LEU E 285 33.99 7.83 -8.60
CA LEU E 285 34.45 7.86 -9.99
C LEU E 285 34.17 9.20 -10.64
N ILE E 286 33.00 9.78 -10.40
CA ILE E 286 32.70 11.10 -10.92
C ILE E 286 33.65 12.14 -10.32
N THR E 287 33.90 12.04 -9.01
CA THR E 287 34.78 13.00 -8.35
C THR E 287 36.19 12.94 -8.94
N ILE E 288 36.71 11.73 -9.13
CA ILE E 288 38.04 11.58 -9.72
C ILE E 288 38.02 12.04 -11.17
N LEU E 289 36.96 11.70 -11.90
CA LEU E 289 36.86 12.11 -13.30
C LEU E 289 36.90 13.63 -13.45
N SER E 290 36.36 14.36 -12.47
CA SER E 290 36.38 15.81 -12.54
C SER E 290 37.79 16.38 -12.44
N TRP E 291 38.73 15.64 -11.86
CA TRP E 291 40.09 16.13 -11.73
C TRP E 291 40.85 16.14 -13.06
N VAL E 292 40.43 15.30 -14.02
CA VAL E 292 41.18 15.17 -15.26
C VAL E 292 41.23 16.48 -16.02
N SER E 293 40.23 17.35 -15.81
CA SER E 293 40.21 18.65 -16.46
C SER E 293 41.38 19.55 -16.06
N PHE E 294 42.06 19.24 -14.95
CA PHE E 294 43.17 20.08 -14.51
C PHE E 294 44.43 19.87 -15.34
N TRP E 295 44.63 18.67 -15.87
CA TRP E 295 45.81 18.37 -16.65
C TRP E 295 45.64 18.67 -18.13
N ILE E 296 44.45 19.05 -18.58
CA ILE E 296 44.19 19.35 -19.97
C ILE E 296 44.48 20.82 -20.23
N ASN E 297 45.31 21.10 -21.24
CA ASN E 297 45.63 22.47 -21.59
C ASN E 297 44.39 23.20 -22.08
N TYR E 298 44.32 24.50 -21.77
CA TYR E 298 43.11 25.26 -22.08
C TYR E 298 42.92 25.50 -23.56
N ASP E 299 43.93 25.22 -24.40
CA ASP E 299 43.69 25.26 -25.84
C ASP E 299 42.75 24.15 -26.28
N ALA E 300 42.78 23.01 -25.60
CA ALA E 300 41.83 21.93 -25.82
C ALA E 300 40.63 22.07 -24.88
N SER E 301 40.02 23.25 -24.88
CA SER E 301 38.95 23.57 -23.95
C SER E 301 37.68 22.77 -24.20
N ALA E 302 37.56 22.10 -25.33
CA ALA E 302 36.36 21.29 -25.60
C ALA E 302 36.23 20.17 -24.58
N ALA E 303 37.34 19.49 -24.28
CA ALA E 303 37.29 18.41 -23.29
C ALA E 303 36.92 18.94 -21.92
N ARG E 304 37.50 20.07 -21.52
CA ARG E 304 37.25 20.60 -20.18
C ARG E 304 35.78 20.97 -20.00
N VAL E 305 35.17 21.55 -21.03
CA VAL E 305 33.75 21.88 -20.94
C VAL E 305 32.92 20.61 -20.83
N ALA E 306 33.26 19.59 -21.62
CA ALA E 306 32.50 18.33 -21.56
C ALA E 306 32.66 17.65 -20.21
N LEU E 307 33.89 17.61 -19.68
CA LEU E 307 34.10 17.00 -18.38
C LEU E 307 33.41 17.79 -17.28
N GLY E 308 33.48 19.12 -17.34
CA GLY E 308 32.86 19.93 -16.31
C GLY E 308 31.35 19.82 -16.28
N ILE E 309 30.72 19.87 -17.45
CA ILE E 309 29.25 19.81 -17.50
C ILE E 309 28.75 18.42 -17.14
N THR E 310 29.40 17.37 -17.65
CA THR E 310 28.95 16.02 -17.40
C THR E 310 29.02 15.67 -15.91
N THR E 311 30.12 16.04 -15.26
CA THR E 311 30.32 15.63 -13.86
C THR E 311 29.27 16.23 -12.94
N VAL E 312 29.08 17.55 -13.02
CA VAL E 312 28.15 18.22 -12.11
C VAL E 312 26.73 17.74 -12.35
N LEU E 313 26.30 17.65 -13.61
CA LEU E 313 24.95 17.19 -13.91
C LEU E 313 24.74 15.75 -13.46
N THR E 314 25.73 14.89 -13.71
CA THR E 314 25.63 13.50 -13.24
C THR E 314 25.61 13.45 -11.72
N MET E 315 26.48 14.22 -11.07
CA MET E 315 26.49 14.24 -9.62
C MET E 315 25.19 14.80 -9.07
N THR E 316 24.65 15.83 -9.72
CA THR E 316 23.37 16.38 -9.30
C THR E 316 22.26 15.33 -9.38
N THR E 317 22.23 14.57 -10.46
CA THR E 317 21.19 13.55 -10.61
C THR E 317 21.32 12.48 -9.54
N ILE E 318 22.55 12.10 -9.21
CA ILE E 318 22.75 11.08 -8.17
C ILE E 318 22.23 11.57 -6.82
N ASN E 319 22.57 12.82 -6.47
CA ASN E 319 22.16 13.34 -5.18
C ASN E 319 20.64 13.48 -5.08
N THR E 320 19.99 13.90 -6.16
CA THR E 320 18.54 14.06 -6.13
C THR E 320 17.83 12.71 -6.13
N HIS E 321 18.30 11.77 -6.96
CA HIS E 321 17.61 10.50 -7.11
C HIS E 321 17.60 9.70 -5.81
N LEU E 322 18.71 9.70 -5.08
CA LEU E 322 18.79 8.91 -3.86
C LEU E 322 17.81 9.42 -2.80
N ARG E 323 17.69 10.74 -2.67
CA ARG E 323 16.79 11.30 -1.67
C ARG E 323 15.35 10.87 -1.90
N GLU E 324 14.92 10.86 -3.16
CA GLU E 324 13.56 10.44 -3.48
C GLU E 324 13.34 8.94 -3.29
N THR E 325 14.40 8.16 -3.07
CA THR E 325 14.28 6.72 -2.93
C THR E 325 14.74 6.22 -1.56
N LEU E 326 14.81 7.10 -0.58
CA LEU E 326 15.26 6.75 0.77
C LEU E 326 14.32 7.35 1.80
N PRO E 327 14.27 6.79 3.00
CA PRO E 327 13.37 7.32 4.03
C PRO E 327 13.74 8.74 4.41
N LYS E 328 12.73 9.51 4.78
CA LYS E 328 12.88 10.94 5.07
C LYS E 328 12.89 11.16 6.58
N ILE E 329 13.88 11.92 7.05
CA ILE E 329 14.14 12.10 8.47
C ILE E 329 14.79 13.46 8.71
N PRO E 330 14.79 13.99 9.93
CA PRO E 330 15.41 15.31 10.14
C PRO E 330 16.93 15.28 10.11
N TYR E 331 17.55 14.29 10.76
CA TYR E 331 19.00 14.29 10.88
C TYR E 331 19.66 14.06 9.53
N VAL E 332 20.96 14.35 9.47
CA VAL E 332 21.74 14.18 8.25
C VAL E 332 22.37 12.79 8.32
N LYS E 333 21.89 11.89 7.47
CA LYS E 333 22.44 10.54 7.43
C LYS E 333 23.87 10.55 6.92
N ALA E 334 24.61 9.50 7.27
CA ALA E 334 25.98 9.36 6.81
C ALA E 334 26.06 9.35 5.30
N ILE E 335 25.04 8.84 4.63
CA ILE E 335 25.05 8.81 3.17
C ILE E 335 24.89 10.21 2.61
N ASP E 336 24.17 11.09 3.31
CA ASP E 336 23.99 12.45 2.82
C ASP E 336 25.26 13.26 2.94
N MET E 337 26.06 13.01 3.97
CA MET E 337 27.32 13.74 4.12
C MET E 337 28.25 13.48 2.95
N TYR E 338 28.35 12.22 2.52
CA TYR E 338 29.25 11.90 1.42
C TYR E 338 28.76 12.49 0.11
N LEU E 339 27.45 12.40 -0.16
CA LEU E 339 26.91 12.98 -1.39
C LEU E 339 27.06 14.50 -1.38
N MET E 340 26.84 15.13 -0.24
CA MET E 340 27.09 16.55 -0.13
C MET E 340 28.56 16.87 -0.32
N GLY E 341 29.44 16.06 0.27
CA GLY E 341 30.86 16.30 0.11
C GLY E 341 31.32 16.15 -1.33
N CYS E 342 30.88 15.07 -1.99
CA CYS E 342 31.26 14.86 -3.38
C CYS E 342 30.71 15.96 -4.28
N PHE E 343 29.47 16.39 -4.03
CA PHE E 343 28.88 17.42 -4.86
C PHE E 343 29.63 18.73 -4.76
N VAL E 344 30.08 19.09 -3.56
CA VAL E 344 30.84 20.33 -3.40
C VAL E 344 32.16 20.24 -4.14
N PHE E 345 32.85 19.10 -4.04
CA PHE E 345 34.15 18.97 -4.69
C PHE E 345 34.03 19.03 -6.21
N VAL E 346 33.02 18.36 -6.78
CA VAL E 346 32.84 18.43 -8.22
C VAL E 346 32.34 19.80 -8.65
N PHE E 347 31.69 20.54 -7.75
CA PHE E 347 31.23 21.88 -8.10
C PHE E 347 32.37 22.87 -8.11
N LEU E 348 33.32 22.75 -7.17
CA LEU E 348 34.45 23.66 -7.16
C LEU E 348 35.34 23.45 -8.38
N ALA E 349 35.52 22.19 -8.80
CA ALA E 349 36.33 21.91 -9.98
C ALA E 349 35.75 22.56 -11.22
N LEU E 350 34.43 22.45 -11.41
CA LEU E 350 33.78 23.12 -12.54
C LEU E 350 33.93 24.63 -12.43
N LEU E 351 33.66 25.18 -11.25
CA LEU E 351 33.80 26.61 -11.06
C LEU E 351 35.24 27.06 -11.22
N GLU E 352 36.19 26.19 -10.92
CA GLU E 352 37.60 26.52 -11.09
C GLU E 352 37.91 26.81 -12.55
N TYR E 353 37.39 25.98 -13.46
CA TYR E 353 37.66 26.19 -14.88
C TYR E 353 37.06 27.51 -15.37
N ALA E 354 35.82 27.80 -14.97
CA ALA E 354 35.19 29.04 -15.40
C ALA E 354 35.94 30.26 -14.89
N PHE E 355 36.62 30.13 -13.74
CA PHE E 355 37.44 31.22 -13.24
C PHE E 355 38.67 31.43 -14.12
N VAL E 356 39.33 30.35 -14.51
CA VAL E 356 40.53 30.47 -15.33
C VAL E 356 40.18 30.93 -16.73
N ASN E 357 39.07 30.42 -17.29
CA ASN E 357 38.69 30.76 -18.66
C ASN E 357 38.47 32.25 -18.81
N TYR E 358 37.82 32.89 -17.83
CA TYR E 358 37.59 34.33 -17.91
C TYR E 358 38.88 35.12 -17.83
N ILE E 359 39.90 34.57 -17.16
CA ILE E 359 41.09 35.34 -16.81
C ILE E 359 42.31 34.99 -17.66
N PHE E 360 42.32 33.82 -18.31
CA PHE E 360 43.55 33.38 -18.98
C PHE E 360 43.93 34.30 -20.14
N PHE E 361 42.95 34.96 -20.75
CA PHE E 361 43.27 35.98 -21.76
C PHE E 361 43.97 37.17 -21.14
N SER E 362 43.68 37.47 -19.87
CA SER E 362 44.28 38.63 -19.22
C SER E 362 45.69 38.32 -18.70
N GLN E 363 45.79 37.34 -17.80
CA GLN E 363 47.06 36.98 -17.17
C GLN E 363 47.27 35.48 -17.34
N PRO E 364 47.68 35.04 -18.54
CA PRO E 364 47.90 33.60 -18.75
C PRO E 364 49.01 33.02 -17.90
N ALA E 365 49.92 33.86 -17.39
CA ALA E 365 50.98 33.35 -16.53
C ALA E 365 50.41 32.83 -15.21
N ARG E 366 49.59 33.64 -14.54
CA ARG E 366 49.01 33.21 -13.27
C ARG E 366 47.89 32.21 -13.47
N ALA E 367 47.08 32.38 -14.52
CA ALA E 367 45.94 31.51 -14.74
C ALA E 367 46.39 30.07 -14.96
N ALA E 368 47.40 29.87 -15.80
CA ALA E 368 47.92 28.52 -16.03
C ALA E 368 48.58 27.96 -14.78
N ALA E 369 49.11 28.84 -13.92
CA ALA E 369 49.73 28.38 -12.69
C ALA E 369 48.69 27.91 -11.67
N ILE E 370 47.45 28.36 -11.78
CA ILE E 370 46.41 27.94 -10.84
C ILE E 370 46.16 26.44 -10.96
N ASP E 371 46.06 25.95 -12.20
CA ASP E 371 45.83 24.52 -12.40
C ASP E 371 46.98 23.68 -11.87
N ARG E 372 48.20 24.22 -11.85
CA ARG E 372 49.32 23.47 -11.32
C ARG E 372 49.14 23.17 -9.85
N TRP E 373 48.67 24.15 -9.07
CA TRP E 373 48.42 23.92 -7.65
C TRP E 373 47.14 23.13 -7.42
N SER E 374 46.11 23.38 -8.24
CA SER E 374 44.86 22.65 -8.08
C SER E 374 45.02 21.16 -8.34
N ARG E 375 46.08 20.76 -9.06
CA ARG E 375 46.38 19.35 -9.19
C ARG E 375 46.77 18.72 -7.86
N ILE E 376 47.08 19.54 -6.85
CA ILE E 376 47.45 19.04 -5.54
C ILE E 376 46.32 19.24 -4.53
N VAL E 377 45.67 20.40 -4.56
CA VAL E 377 44.67 20.74 -3.55
C VAL E 377 43.52 19.73 -3.58
N PHE E 378 42.95 19.49 -4.76
CA PHE E 378 41.81 18.58 -4.84
C PHE E 378 42.14 17.16 -4.43
N PRO E 379 43.18 16.50 -4.97
CA PRO E 379 43.48 15.15 -4.50
C PRO E 379 43.87 15.09 -3.03
N PHE E 380 44.57 16.11 -2.53
CA PHE E 380 44.95 16.12 -1.12
C PHE E 380 43.74 16.31 -0.22
N THR E 381 42.90 17.30 -0.53
CA THR E 381 41.74 17.58 0.31
C THR E 381 40.73 16.44 0.26
N PHE E 382 40.49 15.89 -0.92
CA PHE E 382 39.51 14.82 -1.06
C PHE E 382 39.94 13.58 -0.29
N SER E 383 41.23 13.23 -0.36
CA SER E 383 41.73 12.11 0.42
C SER E 383 41.60 12.38 1.91
N LEU E 384 41.93 13.60 2.33
CA LEU E 384 41.79 13.95 3.75
C LEU E 384 40.33 13.94 4.17
N PHE E 385 39.44 14.44 3.33
CA PHE E 385 38.02 14.38 3.62
C PHE E 385 37.55 12.93 3.72
N ASN E 386 38.01 12.08 2.80
CA ASN E 386 37.60 10.68 2.84
C ASN E 386 38.14 9.99 4.09
N LEU E 387 39.35 10.34 4.51
CA LEU E 387 39.92 9.74 5.71
C LEU E 387 39.13 10.11 6.95
N VAL E 388 38.73 11.39 7.07
CA VAL E 388 37.97 11.82 8.23
C VAL E 388 36.60 11.16 8.25
N TYR E 389 35.94 11.10 7.08
CA TYR E 389 34.59 10.56 7.02
C TYR E 389 34.55 9.10 7.46
N TRP E 390 35.40 8.27 6.86
CA TRP E 390 35.33 6.84 7.13
C TRP E 390 35.75 6.52 8.56
N LEU E 391 36.80 7.17 9.06
CA LEU E 391 37.22 6.91 10.43
C LEU E 391 36.28 7.54 11.45
N TYR E 392 35.34 8.37 11.03
CA TYR E 392 34.31 8.90 11.91
C TYR E 392 33.00 8.12 11.83
N TYR E 393 32.79 7.38 10.75
CA TYR E 393 31.55 6.63 10.54
C TYR E 393 31.77 5.13 10.46
N VAL E 394 32.94 4.63 10.82
CA VAL E 394 33.18 3.20 10.86
C VAL E 394 33.84 2.82 12.18
N GLN F 1 34.34 -20.10 -4.64
CA GLN F 1 33.65 -21.14 -5.38
C GLN F 1 32.85 -22.03 -4.44
N VAL F 2 31.58 -22.26 -4.79
CA VAL F 2 30.70 -23.06 -3.95
C VAL F 2 31.09 -24.52 -4.05
N GLN F 3 31.27 -25.17 -2.91
CA GLN F 3 31.58 -26.58 -2.84
C GLN F 3 30.67 -27.28 -1.85
N LEU F 4 30.31 -28.52 -2.16
CA LEU F 4 29.50 -29.36 -1.29
C LEU F 4 30.33 -30.59 -0.93
N GLN F 5 30.94 -30.56 0.24
CA GLN F 5 31.78 -31.66 0.71
C GLN F 5 31.00 -32.53 1.67
N GLU F 6 31.17 -33.85 1.53
CA GLU F 6 30.47 -34.82 2.35
C GLU F 6 31.44 -35.54 3.27
N SER F 7 30.88 -36.26 4.23
CA SER F 7 31.67 -37.05 5.17
C SER F 7 30.82 -38.21 5.66
N GLY F 8 31.30 -38.90 6.68
CA GLY F 8 30.56 -40.03 7.20
C GLY F 8 30.64 -41.22 6.26
N GLY F 9 29.72 -42.15 6.47
CA GLY F 9 29.66 -43.34 5.66
C GLY F 9 30.76 -44.33 6.02
N GLY F 10 30.88 -45.35 5.18
CA GLY F 10 31.88 -46.37 5.40
C GLY F 10 31.34 -47.79 5.25
N LEU F 11 31.75 -48.68 6.14
CA LEU F 11 31.38 -50.09 6.06
C LEU F 11 30.53 -50.44 7.28
N VAL F 12 29.34 -50.98 7.03
CA VAL F 12 28.43 -51.43 8.08
C VAL F 12 27.97 -52.83 7.71
N GLN F 13 27.47 -53.55 8.71
CA GLN F 13 27.17 -54.97 8.57
C GLN F 13 25.72 -55.24 8.95
N ALA F 14 24.87 -55.45 7.94
CA ALA F 14 23.52 -55.96 8.11
C ALA F 14 22.71 -55.10 9.07
N GLY F 15 22.48 -53.86 8.67
CA GLY F 15 21.75 -52.93 9.49
C GLY F 15 22.64 -52.16 10.45
N GLY F 16 21.98 -51.40 11.31
CA GLY F 16 22.71 -50.56 12.24
C GLY F 16 22.83 -49.13 11.74
N SER F 17 22.91 -48.20 12.69
CA SER F 17 22.95 -46.79 12.34
C SER F 17 24.23 -46.45 11.58
N LEU F 18 24.11 -45.56 10.61
CA LEU F 18 25.27 -45.07 9.87
C LEU F 18 24.89 -43.70 9.32
N ARG F 19 25.37 -42.64 9.99
CA ARG F 19 24.99 -41.29 9.65
C ARG F 19 25.93 -40.72 8.60
N VAL F 20 25.36 -40.14 7.54
CA VAL F 20 26.11 -39.50 6.48
C VAL F 20 25.81 -38.01 6.52
N SER F 21 26.85 -37.19 6.49
CA SER F 21 26.71 -35.75 6.66
C SER F 21 27.32 -35.02 5.48
N CYS F 22 26.75 -33.85 5.17
CA CYS F 22 27.19 -33.02 4.07
C CYS F 22 27.31 -31.59 4.56
N ALA F 23 28.40 -30.92 4.20
CA ALA F 23 28.65 -29.55 4.62
C ALA F 23 28.88 -28.67 3.39
N ALA F 24 28.29 -27.49 3.40
CA ALA F 24 28.40 -26.54 2.29
C ALA F 24 29.34 -25.40 2.67
N SER F 25 29.83 -24.71 1.64
CA SER F 25 30.74 -23.60 1.84
C SER F 25 30.68 -22.68 0.64
N GLY F 26 30.87 -21.39 0.88
CA GLY F 26 30.89 -20.40 -0.17
C GLY F 26 29.55 -19.77 -0.50
N ARG F 27 28.46 -20.28 0.05
CA ARG F 27 27.14 -19.74 -0.24
C ARG F 27 26.18 -20.20 0.85
N THR F 28 25.23 -19.32 1.18
CA THR F 28 24.24 -19.60 2.22
C THR F 28 23.05 -20.29 1.57
N PHE F 29 22.81 -21.55 1.94
CA PHE F 29 21.71 -22.34 1.38
C PHE F 29 20.49 -22.35 2.29
N THR F 30 20.25 -21.27 3.02
CA THR F 30 19.08 -21.19 3.88
C THR F 30 17.79 -21.21 3.06
N THR F 31 17.78 -20.52 1.91
CA THR F 31 16.58 -20.42 1.08
C THR F 31 16.51 -21.47 -0.01
N TYR F 32 17.49 -22.37 -0.10
CA TYR F 32 17.48 -23.42 -1.11
C TYR F 32 16.89 -24.69 -0.53
N ILE F 33 16.91 -25.75 -1.32
CA ILE F 33 16.48 -27.08 -0.92
C ILE F 33 17.70 -27.98 -0.96
N MET F 34 18.00 -28.63 0.16
CA MET F 34 19.13 -29.55 0.25
C MET F 34 18.59 -30.96 0.30
N ALA F 35 19.01 -31.80 -0.64
CA ALA F 35 18.46 -33.14 -0.80
C ALA F 35 19.58 -34.18 -0.67
N TRP F 36 19.22 -35.43 -0.93
CA TRP F 36 20.18 -36.54 -0.90
C TRP F 36 19.82 -37.53 -1.99
N PHE F 37 20.81 -37.91 -2.79
CA PHE F 37 20.60 -38.84 -3.90
C PHE F 37 21.51 -40.04 -3.74
N ARG F 38 20.96 -41.22 -4.03
CA ARG F 38 21.68 -42.47 -3.98
C ARG F 38 21.86 -43.00 -5.40
N GLN F 39 23.06 -43.45 -5.72
CA GLN F 39 23.38 -43.97 -7.05
C GLN F 39 23.95 -45.38 -6.90
N ALA F 40 23.12 -46.38 -7.10
CA ALA F 40 23.57 -47.76 -7.06
C ALA F 40 24.55 -48.01 -8.18
N PRO F 41 25.43 -49.02 -8.04
CA PRO F 41 26.47 -49.22 -9.06
C PRO F 41 25.89 -49.57 -10.43
N GLY F 42 26.01 -48.62 -11.37
CA GLY F 42 25.63 -48.84 -12.74
C GLY F 42 24.14 -48.75 -13.03
N LYS F 43 23.28 -48.64 -12.01
CA LYS F 43 21.84 -48.66 -12.28
C LYS F 43 21.31 -47.29 -12.69
N GLU F 44 21.30 -46.35 -11.76
CA GLU F 44 20.79 -45.00 -12.00
C GLU F 44 20.97 -44.20 -10.71
N ARG F 45 20.66 -42.92 -10.78
CA ARG F 45 20.70 -42.03 -9.63
C ARG F 45 19.28 -41.86 -9.09
N GLU F 46 19.09 -42.15 -7.81
CA GLU F 46 17.77 -42.22 -7.21
C GLU F 46 17.62 -41.16 -6.12
N PHE F 47 16.40 -40.63 -6.00
CA PHE F 47 16.09 -39.66 -4.96
C PHE F 47 15.85 -40.37 -3.63
N LEU F 48 16.36 -39.77 -2.56
CA LEU F 48 16.18 -40.32 -1.21
C LEU F 48 15.37 -39.40 -0.31
N ALA F 49 15.78 -38.16 -0.12
CA ALA F 49 15.10 -37.26 0.79
C ALA F 49 15.47 -35.83 0.47
N ALA F 50 14.66 -34.90 0.97
CA ALA F 50 14.90 -33.48 0.77
C ALA F 50 14.28 -32.71 1.93
N MET F 51 14.73 -31.47 2.09
CA MET F 51 14.19 -30.59 3.12
C MET F 51 14.36 -29.14 2.66
N ASP F 52 13.25 -28.42 2.56
CA ASP F 52 13.28 -27.05 2.08
C ASP F 52 13.44 -26.08 3.25
N GLN F 53 13.25 -24.79 2.98
CA GLN F 53 13.45 -23.78 4.02
C GLN F 53 12.44 -23.92 5.16
N GLY F 54 11.25 -24.47 4.87
CA GLY F 54 10.22 -24.55 5.89
C GLY F 54 10.27 -25.83 6.70
N ARG F 55 11.40 -26.52 6.65
CA ARG F 55 11.63 -27.78 7.37
C ARG F 55 10.67 -28.88 6.94
N ILE F 56 10.09 -28.78 5.76
CA ILE F 56 9.24 -29.84 5.24
C ILE F 56 10.11 -30.95 4.71
N GLN F 57 9.84 -32.17 5.13
CA GLN F 57 10.65 -33.33 4.77
C GLN F 57 9.94 -34.17 3.72
N TYR F 58 10.61 -34.40 2.59
CA TYR F 58 10.12 -35.28 1.55
C TYR F 58 10.99 -36.52 1.49
N TYR F 59 10.36 -37.66 1.21
CA TYR F 59 11.07 -38.93 1.19
C TYR F 59 10.67 -39.73 -0.04
N GLY F 60 11.57 -40.62 -0.45
CA GLY F 60 11.25 -41.57 -1.51
C GLY F 60 10.41 -42.72 -0.98
N ASP F 61 9.82 -43.46 -1.92
CA ASP F 61 8.93 -44.55 -1.54
C ASP F 61 9.67 -45.78 -1.04
N SER F 62 10.97 -45.90 -1.33
CA SER F 62 11.74 -47.06 -0.90
C SER F 62 12.48 -46.83 0.40
N VAL F 63 12.48 -45.62 0.94
CA VAL F 63 13.23 -45.33 2.16
C VAL F 63 12.32 -44.65 3.17
N ARG F 64 11.02 -44.65 2.91
CA ARG F 64 10.08 -44.06 3.86
C ARG F 64 10.04 -44.87 5.14
N GLY F 65 10.15 -44.19 6.27
CA GLY F 65 10.15 -44.85 7.55
C GLY F 65 11.47 -45.45 7.99
N ARG F 66 12.52 -45.32 7.18
CA ARG F 66 13.83 -45.84 7.50
C ARG F 66 14.90 -44.77 7.61
N PHE F 67 14.92 -43.82 6.67
CA PHE F 67 15.91 -42.75 6.67
C PHE F 67 15.29 -41.47 7.23
N THR F 68 16.16 -40.58 7.70
CA THR F 68 15.73 -39.33 8.30
C THR F 68 16.69 -38.23 7.90
N ILE F 69 16.17 -37.18 7.27
CA ILE F 69 16.97 -36.03 6.87
C ILE F 69 16.73 -34.91 7.86
N SER F 70 17.77 -34.13 8.15
CA SER F 70 17.67 -33.06 9.14
C SER F 70 18.74 -32.02 8.85
N ARG F 71 18.33 -30.85 8.37
CA ARG F 71 19.26 -29.78 8.10
C ARG F 71 19.70 -29.09 9.38
N ASP F 72 20.77 -28.31 9.26
CA ASP F 72 21.28 -27.48 10.37
C ASP F 72 21.56 -26.11 9.76
N TYR F 73 20.54 -25.25 9.78
CA TYR F 73 20.60 -23.99 9.03
C TYR F 73 21.71 -23.07 9.55
N ALA F 74 22.03 -23.15 10.84
CA ALA F 74 23.09 -22.31 11.37
C ALA F 74 24.45 -22.65 10.75
N LYS F 75 24.74 -23.94 10.62
CA LYS F 75 26.01 -24.39 10.07
C LYS F 75 25.96 -24.65 8.57
N ASN F 76 24.81 -24.45 7.93
CA ASN F 76 24.64 -24.61 6.50
C ASN F 76 25.04 -26.03 6.05
N SER F 77 24.36 -27.00 6.65
CA SER F 77 24.69 -28.40 6.44
C SER F 77 23.43 -29.24 6.54
N VAL F 78 23.50 -30.45 5.99
CA VAL F 78 22.39 -31.40 5.99
C VAL F 78 22.93 -32.78 6.33
N ASP F 79 22.16 -33.53 7.11
CA ASP F 79 22.52 -34.90 7.50
C ASP F 79 21.48 -35.87 6.95
N LEU F 80 21.74 -37.15 7.14
CA LEU F 80 20.83 -38.20 6.68
C LEU F 80 21.09 -39.43 7.53
N GLN F 81 20.16 -39.74 8.44
CA GLN F 81 20.32 -40.87 9.34
C GLN F 81 19.84 -42.16 8.66
N LEU F 82 20.71 -43.16 8.65
CA LEU F 82 20.41 -44.45 8.03
C LEU F 82 20.19 -45.49 9.12
N ASP F 83 19.09 -46.23 9.01
CA ASP F 83 18.75 -47.24 10.00
C ASP F 83 18.31 -48.52 9.29
N GLY F 84 18.71 -49.66 9.84
CA GLY F 84 18.34 -50.94 9.27
C GLY F 84 18.82 -51.11 7.84
N LEU F 85 20.10 -50.80 7.61
CA LEU F 85 20.64 -50.85 6.26
C LEU F 85 20.61 -52.26 5.70
N ARG F 86 20.32 -52.35 4.41
CA ARG F 86 20.22 -53.60 3.67
C ARG F 86 21.37 -53.73 2.68
N PRO F 87 21.67 -54.93 2.21
CA PRO F 87 22.70 -55.07 1.16
C PRO F 87 22.39 -54.27 -0.08
N GLU F 88 21.11 -54.08 -0.41
CA GLU F 88 20.73 -53.29 -1.57
C GLU F 88 20.99 -51.79 -1.38
N ASP F 89 21.32 -51.36 -0.17
CA ASP F 89 21.62 -49.95 0.08
C ASP F 89 23.06 -49.58 -0.24
N THR F 90 23.89 -50.55 -0.62
CA THR F 90 25.29 -50.28 -0.94
C THR F 90 25.37 -49.47 -2.22
N ALA F 91 25.79 -48.21 -2.12
CA ALA F 91 25.87 -47.31 -3.25
C ALA F 91 26.68 -46.09 -2.85
N VAL F 92 26.74 -45.11 -3.73
CA VAL F 92 27.38 -43.83 -3.47
C VAL F 92 26.31 -42.79 -3.20
N TYR F 93 26.44 -42.06 -2.10
CA TYR F 93 25.43 -41.11 -1.67
C TYR F 93 25.89 -39.70 -1.98
N TYR F 94 25.01 -38.92 -2.60
CA TYR F 94 25.34 -37.60 -3.12
C TYR F 94 24.57 -36.52 -2.38
N CYS F 95 25.15 -35.33 -2.34
CA CYS F 95 24.57 -34.17 -1.68
C CYS F 95 24.26 -33.12 -2.74
N ALA F 96 23.02 -32.66 -2.76
CA ALA F 96 22.56 -31.72 -3.78
C ALA F 96 21.89 -30.52 -3.12
N ALA F 97 21.87 -29.41 -3.84
CA ALA F 97 21.22 -28.19 -3.37
C ALA F 97 20.69 -27.42 -4.56
N GLY F 98 19.45 -26.96 -4.49
CA GLY F 98 18.86 -26.23 -5.59
C GLY F 98 17.50 -25.69 -5.21
N ALA F 99 16.86 -25.05 -6.19
CA ALA F 99 15.57 -24.42 -5.98
C ALA F 99 14.40 -25.34 -6.34
N GLY F 100 14.67 -26.52 -6.88
CA GLY F 100 13.61 -27.47 -7.18
C GLY F 100 12.66 -27.05 -8.29
N PHE F 101 13.17 -26.40 -9.32
CA PHE F 101 12.34 -26.07 -10.49
C PHE F 101 11.97 -27.35 -11.22
N TRP F 102 10.72 -27.42 -11.68
CA TRP F 102 10.16 -28.63 -12.27
C TRP F 102 10.29 -29.82 -11.33
N GLY F 103 9.96 -29.59 -10.06
CA GLY F 103 9.97 -30.63 -9.06
C GLY F 103 11.28 -30.68 -8.28
N LEU F 104 11.20 -31.28 -7.10
CA LEU F 104 12.37 -31.45 -6.25
C LEU F 104 12.86 -32.89 -6.20
N ARG F 105 12.17 -33.81 -6.87
CA ARG F 105 12.61 -35.20 -6.94
C ARG F 105 13.40 -35.50 -8.20
N THR F 106 13.71 -34.48 -9.00
CA THR F 106 14.42 -34.64 -10.25
C THR F 106 15.84 -34.12 -10.09
N ALA F 107 16.82 -34.94 -10.46
CA ALA F 107 18.22 -34.55 -10.32
C ALA F 107 18.56 -33.34 -11.17
N SER F 108 17.84 -33.14 -12.28
CA SER F 108 18.11 -32.01 -13.15
C SER F 108 17.75 -30.67 -12.54
N SER F 109 17.04 -30.67 -11.41
CA SER F 109 16.63 -29.43 -10.76
C SER F 109 17.63 -28.93 -9.72
N TYR F 110 18.69 -29.70 -9.45
CA TYR F 110 19.69 -29.32 -8.46
C TYR F 110 20.96 -28.90 -9.19
N HIS F 111 21.25 -27.60 -9.15
CA HIS F 111 22.43 -27.09 -9.85
C HIS F 111 23.72 -27.56 -9.19
N TYR F 112 23.81 -27.40 -7.87
CA TYR F 112 25.03 -27.75 -7.15
C TYR F 112 24.97 -29.21 -6.70
N TRP F 113 26.13 -29.85 -6.68
CA TRP F 113 26.22 -31.27 -6.37
C TRP F 113 27.44 -31.56 -5.52
N GLY F 114 27.35 -32.64 -4.75
CA GLY F 114 28.46 -33.08 -3.92
C GLY F 114 29.37 -34.05 -4.64
N GLN F 115 30.52 -34.31 -4.02
CA GLN F 115 31.49 -35.22 -4.62
C GLN F 115 31.04 -36.67 -4.49
N GLY F 116 30.49 -37.05 -3.34
CA GLY F 116 30.06 -38.42 -3.13
C GLY F 116 30.68 -39.04 -1.90
N THR F 117 30.09 -40.14 -1.43
CA THR F 117 30.59 -40.83 -0.25
C THR F 117 30.19 -42.29 -0.37
N GLN F 118 31.17 -43.18 -0.52
CA GLN F 118 30.88 -44.59 -0.68
C GLN F 118 30.33 -45.17 0.61
N VAL F 119 29.21 -45.86 0.52
CA VAL F 119 28.59 -46.57 1.63
C VAL F 119 28.41 -48.02 1.22
N THR F 120 28.99 -48.94 1.99
CA THR F 120 28.92 -50.37 1.69
C THR F 120 28.35 -51.10 2.89
N VAL F 121 27.39 -51.99 2.63
CA VAL F 121 26.73 -52.76 3.67
C VAL F 121 27.22 -54.20 3.56
N SER F 122 27.79 -54.71 4.66
CA SER F 122 28.25 -56.08 4.68
C SER F 122 27.08 -57.04 4.79
N SER F 123 27.33 -58.31 4.46
CA SER F 123 26.30 -59.33 4.50
C SER F 123 26.75 -60.53 5.31
#